data_4MCF
# 
_entry.id   4MCF 
# 
_audit_conform.dict_name       mmcif_pdbx.dic 
_audit_conform.dict_version    5.387 
_audit_conform.dict_location   http://mmcif.pdb.org/dictionaries/ascii/mmcif_pdbx.dic 
# 
loop_
_database_2.database_id 
_database_2.database_code 
_database_2.pdbx_database_accession 
_database_2.pdbx_DOI 
PDB   4MCF         pdb_00004mcf 10.2210/pdb4mcf/pdb 
NDB   NA2701       ?            ?                   
RCSB  RCSB081736   ?            ?                   
WWPDB D_1000081736 ?            ?                   
# 
loop_
_pdbx_audit_revision_history.ordinal 
_pdbx_audit_revision_history.data_content_type 
_pdbx_audit_revision_history.major_revision 
_pdbx_audit_revision_history.minor_revision 
_pdbx_audit_revision_history.revision_date 
1 'Structure model' 1 0 2014-11-12 
2 'Structure model' 1 1 2014-12-03 
3 'Structure model' 1 2 2018-03-28 
4 'Structure model' 1 3 2024-02-28 
# 
_pdbx_audit_revision_details.ordinal             1 
_pdbx_audit_revision_details.revision_ordinal    1 
_pdbx_audit_revision_details.data_content_type   'Structure model' 
_pdbx_audit_revision_details.provider            repository 
_pdbx_audit_revision_details.type                'Initial release' 
_pdbx_audit_revision_details.description         ? 
_pdbx_audit_revision_details.details             ? 
# 
loop_
_pdbx_audit_revision_group.ordinal 
_pdbx_audit_revision_group.revision_ordinal 
_pdbx_audit_revision_group.data_content_type 
_pdbx_audit_revision_group.group 
1 2 'Structure model' 'Database references'  
2 3 'Structure model' 'Data collection'      
3 3 'Structure model' 'Derived calculations' 
4 3 'Structure model' 'Source and taxonomy'  
5 4 'Structure model' 'Data collection'      
6 4 'Structure model' 'Database references'  
7 4 'Structure model' 'Derived calculations' 
# 
loop_
_pdbx_audit_revision_category.ordinal 
_pdbx_audit_revision_category.revision_ordinal 
_pdbx_audit_revision_category.data_content_type 
_pdbx_audit_revision_category.category 
1  3 'Structure model' ndb_struct_conf_na           
2  3 'Structure model' ndb_struct_na_base_pair      
3  3 'Structure model' ndb_struct_na_base_pair_step 
4  3 'Structure model' pdbx_entity_src_syn          
5  3 'Structure model' pdbx_struct_assembly         
6  3 'Structure model' pdbx_struct_assembly_gen     
7  3 'Structure model' pdbx_struct_assembly_prop    
8  3 'Structure model' pdbx_struct_oper_list        
9  3 'Structure model' struct_conn                  
10 4 'Structure model' chem_comp_atom               
11 4 'Structure model' chem_comp_bond               
12 4 'Structure model' database_2                   
13 4 'Structure model' pdbx_struct_special_symmetry 
14 4 'Structure model' struct_site                  
# 
loop_
_pdbx_audit_revision_item.ordinal 
_pdbx_audit_revision_item.revision_ordinal 
_pdbx_audit_revision_item.data_content_type 
_pdbx_audit_revision_item.item 
1 3 'Structure model' '_pdbx_entity_src_syn.ncbi_taxonomy_id'    
2 3 'Structure model' '_pdbx_entity_src_syn.organism_scientific' 
3 4 'Structure model' '_database_2.pdbx_DOI'                     
4 4 'Structure model' '_database_2.pdbx_database_accession'      
5 4 'Structure model' '_struct_site.pdbx_auth_asym_id'           
6 4 'Structure model' '_struct_site.pdbx_auth_comp_id'           
7 4 'Structure model' '_struct_site.pdbx_auth_seq_id'            
# 
loop_
_database_PDB_caveat.id 
_database_PDB_caveat.text 
1 'Residue F C 9 and Residue F U 10 are not properly linked' 
2 'Atomic clash with symmetry atoms for  SO4  B 101'         
# 
_pdbx_database_status.status_code                     REL 
_pdbx_database_status.entry_id                        4MCF 
_pdbx_database_status.recvd_initial_deposition_date   2013-08-21 
_pdbx_database_status.deposit_site                    RCSB 
_pdbx_database_status.process_site                    RCSB 
_pdbx_database_status.status_code_sf                  REL 
_pdbx_database_status.status_code_mr                  ? 
_pdbx_database_status.SG_entry                        ? 
_pdbx_database_status.status_code_cs                  ? 
_pdbx_database_status.methods_development_category    ? 
_pdbx_database_status.pdb_format_compatible           Y 
_pdbx_database_status.status_code_nmr_data            ? 
# 
loop_
_audit_author.name 
_audit_author.pdbx_ordinal 
'Hudson, W.H.'  1 
'Ortlund, E.A.' 2 
# 
_citation.id                        primary 
_citation.title                     
'Conserved sequence-specific lincRNA-steroid receptor interactions drive transcriptional repression and direct cell fate.' 
_citation.journal_abbrev            'Nat Commun' 
_citation.journal_volume            5 
_citation.page_first                5395 
_citation.page_last                 5395 
_citation.year                      2014 
_citation.journal_id_ASTM           ? 
_citation.country                   UK 
_citation.journal_id_ISSN           2041-1723 
_citation.journal_id_CSD            ? 
_citation.book_publisher            ? 
_citation.pdbx_database_id_PubMed   25377354 
_citation.pdbx_database_id_DOI      10.1038/ncomms6395 
# 
loop_
_citation_author.citation_id 
_citation_author.name 
_citation_author.ordinal 
_citation_author.identifier_ORCID 
primary 'Hudson, W.H.'            1 ? 
primary 'Pickard, M.R.'           2 ? 
primary 'de Vera, I.M.'           3 ? 
primary 'Kuiper, E.G.'            4 ? 
primary 'Mourtada-Maarabouni, M.' 5 ? 
primary 'Conn, G.L.'              6 ? 
primary 'Kojetin, D.J.'           7 ? 
primary 'Williams, G.T.'          8 ? 
primary 'Ortlund, E.A.'           9 ? 
# 
loop_
_entity.id 
_entity.type 
_entity.src_method 
_entity.pdbx_description 
_entity.formula_weight 
_entity.pdbx_number_of_molecules 
_entity.pdbx_ec 
_entity.pdbx_mutation 
_entity.pdbx_fragment 
_entity.details 
1 polymer     syn 'Gas5 GREM Fwd' 3154.892 4  ? ? ? ? 
2 polymer     syn 'Gas5 GREM Rev' 3506.154 4  ? ? ? ? 
3 non-polymer syn 'SULFATE ION'   96.063   4  ? ? ? ? 
4 water       nat water           18.015   26 ? ? ? ? 
# 
loop_
_entity_poly.entity_id 
_entity_poly.type 
_entity_poly.nstd_linkage 
_entity_poly.nstd_monomer 
_entity_poly.pdbx_seq_one_letter_code 
_entity_poly.pdbx_seq_one_letter_code_can 
_entity_poly.pdbx_strand_id 
_entity_poly.pdbx_target_identifier 
1 polyribonucleotide no no CAGUGGUCUU  CAGUGGUCUU  C,A,E,G ? 
2 polyribonucleotide no no AAGACUGCCUG AAGACUGCCUG D,B,F,H ? 
# 
loop_
_pdbx_entity_nonpoly.entity_id 
_pdbx_entity_nonpoly.name 
_pdbx_entity_nonpoly.comp_id 
3 'SULFATE ION' SO4 
4 water         HOH 
# 
loop_
_entity_poly_seq.entity_id 
_entity_poly_seq.num 
_entity_poly_seq.mon_id 
_entity_poly_seq.hetero 
1 1  C n 
1 2  A n 
1 3  G n 
1 4  U n 
1 5  G n 
1 6  G n 
1 7  U n 
1 8  C n 
1 9  U n 
1 10 U n 
2 1  A n 
2 2  A n 
2 3  G n 
2 4  A n 
2 5  C n 
2 6  U n 
2 7  G n 
2 8  C n 
2 9  C n 
2 10 U n 
2 11 G n 
# 
loop_
_pdbx_entity_src_syn.entity_id 
_pdbx_entity_src_syn.pdbx_src_id 
_pdbx_entity_src_syn.pdbx_alt_source_flag 
_pdbx_entity_src_syn.pdbx_beg_seq_num 
_pdbx_entity_src_syn.pdbx_end_seq_num 
_pdbx_entity_src_syn.organism_scientific 
_pdbx_entity_src_syn.organism_common_name 
_pdbx_entity_src_syn.ncbi_taxonomy_id 
_pdbx_entity_src_syn.details 
1 1 sample ? ? 'Homo sapiens' ? 9606 'RNA Synthesis' 
2 1 sample ? ? 'Homo sapiens' ? 9606 'RNA Synthesis' 
# 
loop_
_chem_comp.id 
_chem_comp.type 
_chem_comp.mon_nstd_flag 
_chem_comp.name 
_chem_comp.pdbx_synonyms 
_chem_comp.formula 
_chem_comp.formula_weight 
A   'RNA linking' y "ADENOSINE-5'-MONOPHOSPHATE" ? 'C10 H14 N5 O7 P' 347.221 
C   'RNA linking' y "CYTIDINE-5'-MONOPHOSPHATE"  ? 'C9 H14 N3 O8 P'  323.197 
G   'RNA linking' y "GUANOSINE-5'-MONOPHOSPHATE" ? 'C10 H14 N5 O8 P' 363.221 
HOH non-polymer   . WATER                        ? 'H2 O'            18.015  
SO4 non-polymer   . 'SULFATE ION'                ? 'O4 S -2'         96.063  
U   'RNA linking' y "URIDINE-5'-MONOPHOSPHATE"   ? 'C9 H13 N2 O9 P'  324.181 
# 
loop_
_pdbx_poly_seq_scheme.asym_id 
_pdbx_poly_seq_scheme.entity_id 
_pdbx_poly_seq_scheme.seq_id 
_pdbx_poly_seq_scheme.mon_id 
_pdbx_poly_seq_scheme.ndb_seq_num 
_pdbx_poly_seq_scheme.pdb_seq_num 
_pdbx_poly_seq_scheme.auth_seq_num 
_pdbx_poly_seq_scheme.pdb_mon_id 
_pdbx_poly_seq_scheme.auth_mon_id 
_pdbx_poly_seq_scheme.pdb_strand_id 
_pdbx_poly_seq_scheme.pdb_ins_code 
_pdbx_poly_seq_scheme.hetero 
A 1 1  C 1  1  ?  ? ? C . n 
A 1 2  A 2  2  2  A A C . n 
A 1 3  G 3  3  3  G G C . n 
A 1 4  U 4  4  4  U U C . n 
A 1 5  G 5  5  5  G G C . n 
A 1 6  G 6  6  6  G G C . n 
A 1 7  U 7  7  7  U U C . n 
A 1 8  C 8  8  8  C C C . n 
A 1 9  U 9  9  9  U U C . n 
A 1 10 U 10 10 10 U U C . n 
B 2 1  A 1  1  1  A A D . n 
B 2 2  A 2  2  2  A A D . n 
B 2 3  G 3  3  3  G G D . n 
B 2 4  A 4  4  4  A A D . n 
B 2 5  C 5  5  5  C C D . n 
B 2 6  U 6  6  6  U U D . n 
B 2 7  G 7  7  7  G G D . n 
B 2 8  C 8  8  8  C C D . n 
B 2 9  C 9  9  9  C C D . n 
B 2 10 U 10 10 10 U U D . n 
B 2 11 G 11 11 11 G G D . n 
C 1 1  C 1  1  ?  ? ? A . n 
C 1 2  A 2  2  ?  ? ? A . n 
C 1 3  G 3  3  3  G G A . n 
C 1 4  U 4  4  4  U U A . n 
C 1 5  G 5  5  5  G G A . n 
C 1 6  G 6  6  6  G G A . n 
C 1 7  U 7  7  7  U U A . n 
C 1 8  C 8  8  8  C C A . n 
C 1 9  U 9  9  9  U U A . n 
C 1 10 U 10 10 10 U U A . n 
D 2 1  A 1  1  1  A A B . n 
D 2 2  A 2  2  2  A A B . n 
D 2 3  G 3  3  3  G G B . n 
D 2 4  A 4  4  4  A A B . n 
D 2 5  C 5  5  5  C C B . n 
D 2 6  U 6  6  6  U U B . n 
D 2 7  G 7  7  7  G G B . n 
D 2 8  C 8  8  8  C C B . n 
D 2 9  C 9  9  9  C C B . n 
D 2 10 U 10 10 10 U U B . n 
D 2 11 G 11 11 11 G G B . n 
E 1 1  C 1  1  1  C C E . n 
E 1 2  A 2  2  2  A A E . n 
E 1 3  G 3  3  3  G G E . n 
E 1 4  U 4  4  4  U U E . n 
E 1 5  G 5  5  5  G G E . n 
E 1 6  G 6  6  6  G G E . n 
E 1 7  U 7  7  7  U U E . n 
E 1 8  C 8  8  8  C C E . n 
E 1 9  U 9  9  9  U U E . n 
E 1 10 U 10 10 10 U U E . n 
F 2 1  A 1  1  1  A A F . n 
F 2 2  A 2  2  2  A A F . n 
F 2 3  G 3  3  3  G G F . n 
F 2 4  A 4  4  4  A A F . n 
F 2 5  C 5  5  5  C C F . n 
F 2 6  U 6  6  6  U U F . n 
F 2 7  G 7  7  7  G G F . n 
F 2 8  C 8  8  8  C C F . n 
F 2 9  C 9  9  9  C C F . n 
F 2 10 U 10 10 10 U U F . n 
F 2 11 G 11 11 ?  ? ? F . n 
G 1 1  C 1  1  1  C C G . n 
G 1 2  A 2  2  2  A A G . n 
G 1 3  G 3  3  3  G G G . n 
G 1 4  U 4  4  4  U U G . n 
G 1 5  G 5  5  5  G G G . n 
G 1 6  G 6  6  6  G G G . n 
G 1 7  U 7  7  7  U U G . n 
G 1 8  C 8  8  8  C C G . n 
G 1 9  U 9  9  9  U U G . n 
G 1 10 U 10 10 10 U U G . n 
H 2 1  A 1  1  1  A A H . n 
H 2 2  A 2  2  2  A A H . n 
H 2 3  G 3  3  3  G G H . n 
H 2 4  A 4  4  4  A A H . n 
H 2 5  C 5  5  5  C C H . n 
H 2 6  U 6  6  6  U U H . n 
H 2 7  G 7  7  7  G G H . n 
H 2 8  C 8  8  8  C C H . n 
H 2 9  C 9  9  9  C C H . n 
H 2 10 U 10 10 10 U U H . n 
H 2 11 G 11 11 ?  ? ? H . n 
# 
loop_
_pdbx_nonpoly_scheme.asym_id 
_pdbx_nonpoly_scheme.entity_id 
_pdbx_nonpoly_scheme.mon_id 
_pdbx_nonpoly_scheme.ndb_seq_num 
_pdbx_nonpoly_scheme.pdb_seq_num 
_pdbx_nonpoly_scheme.auth_seq_num 
_pdbx_nonpoly_scheme.pdb_mon_id 
_pdbx_nonpoly_scheme.auth_mon_id 
_pdbx_nonpoly_scheme.pdb_strand_id 
_pdbx_nonpoly_scheme.pdb_ins_code 
I 3 SO4 1 101 101 SO4 SO4 A . 
J 3 SO4 1 101 101 SO4 SO4 B . 
K 3 SO4 1 102 102 SO4 SO4 B . 
L 3 SO4 1 101 101 SO4 SO4 F . 
M 4 HOH 1 101 101 HOH HOH C . 
M 4 HOH 2 102 102 HOH HOH C . 
M 4 HOH 3 103 103 HOH HOH C . 
M 4 HOH 4 104 104 HOH HOH C . 
M 4 HOH 5 105 105 HOH HOH C . 
M 4 HOH 6 106 106 HOH HOH C . 
N 4 HOH 1 201 201 HOH HOH D . 
N 4 HOH 2 202 202 HOH HOH D . 
N 4 HOH 3 203 203 HOH HOH D . 
N 4 HOH 4 204 204 HOH HOH D . 
N 4 HOH 5 205 205 HOH HOH D . 
N 4 HOH 6 206 206 HOH HOH D . 
N 4 HOH 7 207 207 HOH HOH D . 
N 4 HOH 8 208 208 HOH HOH D . 
O 4 HOH 1 201 201 HOH HOH A . 
O 4 HOH 2 202 202 HOH HOH A . 
O 4 HOH 3 203 203 HOH HOH A . 
O 4 HOH 4 204 204 HOH HOH A . 
O 4 HOH 5 205 205 HOH HOH A . 
P 4 HOH 1 201 201 HOH HOH B . 
P 4 HOH 2 202 202 HOH HOH B . 
P 4 HOH 3 203 203 HOH HOH B . 
P 4 HOH 4 204 204 HOH HOH B . 
P 4 HOH 5 205 205 HOH HOH B . 
P 4 HOH 6 206 206 HOH HOH B . 
Q 4 HOH 1 201 101 HOH HOH F . 
# 
loop_
_pdbx_unobs_or_zero_occ_atoms.id 
_pdbx_unobs_or_zero_occ_atoms.PDB_model_num 
_pdbx_unobs_or_zero_occ_atoms.polymer_flag 
_pdbx_unobs_or_zero_occ_atoms.occupancy_flag 
_pdbx_unobs_or_zero_occ_atoms.auth_asym_id 
_pdbx_unobs_or_zero_occ_atoms.auth_comp_id 
_pdbx_unobs_or_zero_occ_atoms.auth_seq_id 
_pdbx_unobs_or_zero_occ_atoms.PDB_ins_code 
_pdbx_unobs_or_zero_occ_atoms.auth_atom_id 
_pdbx_unobs_or_zero_occ_atoms.label_alt_id 
_pdbx_unobs_or_zero_occ_atoms.label_asym_id 
_pdbx_unobs_or_zero_occ_atoms.label_comp_id 
_pdbx_unobs_or_zero_occ_atoms.label_seq_id 
_pdbx_unobs_or_zero_occ_atoms.label_atom_id 
1  1 Y 1 B G 11 ? "C5'" ? D G 11 "C5'" 
2  1 Y 1 B G 11 ? "C4'" ? D G 11 "C4'" 
3  1 Y 1 B G 11 ? "O4'" ? D G 11 "O4'" 
4  1 Y 1 B G 11 ? "C3'" ? D G 11 "C3'" 
5  1 Y 1 B G 11 ? "O3'" ? D G 11 "O3'" 
6  1 Y 1 B G 11 ? "C2'" ? D G 11 "C2'" 
7  1 Y 1 B G 11 ? "O2'" ? D G 11 "O2'" 
8  1 Y 1 B G 11 ? "C1'" ? D G 11 "C1'" 
9  1 Y 1 B G 11 ? N9    ? D G 11 N9    
10 1 Y 1 B G 11 ? C8    ? D G 11 C8    
11 1 Y 1 B G 11 ? N7    ? D G 11 N7    
12 1 Y 1 B G 11 ? C5    ? D G 11 C5    
13 1 Y 1 B G 11 ? C6    ? D G 11 C6    
14 1 Y 1 B G 11 ? O6    ? D G 11 O6    
15 1 Y 1 B G 11 ? N1    ? D G 11 N1    
16 1 Y 1 B G 11 ? C2    ? D G 11 C2    
17 1 Y 1 B G 11 ? N2    ? D G 11 N2    
18 1 Y 1 B G 11 ? N3    ? D G 11 N3    
19 1 Y 1 B G 11 ? C4    ? D G 11 C4    
# 
loop_
_software.name 
_software.classification 
_software.version 
_software.citation_id 
_software.pdbx_ordinal 
JDirector 'data collection' .                            ? 1 
PHASER    phasing           .                            ? 2 
PHENIX    refinement        '(phenix.refine: 1.7.1_743)' ? 3 
HKL-2000  'data reduction'  .                            ? 4 
HKL-2000  'data scaling'    .                            ? 5 
# 
_cell.entry_id           4MCF 
_cell.length_a           43.314 
_cell.length_b           43.314 
_cell.length_c           304.179 
_cell.angle_alpha        90.00 
_cell.angle_beta         90.00 
_cell.angle_gamma        120.00 
_cell.Z_PDB              36 
_cell.pdbx_unique_axis   ? 
_cell.length_a_esd       ? 
_cell.length_b_esd       ? 
_cell.length_c_esd       ? 
_cell.angle_alpha_esd    ? 
_cell.angle_beta_esd     ? 
_cell.angle_gamma_esd    ? 
# 
_symmetry.entry_id                         4MCF 
_symmetry.space_group_name_H-M             'H 3' 
_symmetry.pdbx_full_space_group_name_H-M   ? 
_symmetry.cell_setting                     ? 
_symmetry.Int_Tables_number                146 
_symmetry.space_group_name_Hall            ? 
# 
_exptl.entry_id          4MCF 
_exptl.method            'X-RAY DIFFRACTION' 
_exptl.crystals_number   1 
# 
_exptl_crystal.id                    1 
_exptl_crystal.density_meas          ? 
_exptl_crystal.density_Matthews      2.06 
_exptl_crystal.density_percent_sol   40.32 
_exptl_crystal.description           ? 
_exptl_crystal.F_000                 ? 
_exptl_crystal.preparation           ? 
# 
_exptl_crystal_grow.crystal_id      1 
_exptl_crystal_grow.method          'VAPOR DIFFUSION, HANGING DROP' 
_exptl_crystal_grow.temp            298 
_exptl_crystal_grow.temp_details    ? 
_exptl_crystal_grow.pH              4 
_exptl_crystal_grow.pdbx_pH_range   ? 
_exptl_crystal_grow.pdbx_details    
;0.1 M citric acid pH 4 
3 M ammonium sulfate , VAPOR DIFFUSION, HANGING DROP, temperature 298K
;
# 
_diffrn.id                     1 
_diffrn.ambient_temp           100 
_diffrn.ambient_temp_details   ? 
_diffrn.crystal_id             1 
# 
_diffrn_detector.diffrn_id              1 
_diffrn_detector.detector               CCD 
_diffrn_detector.type                   'MARMOSAIC 225 mm CCD' 
_diffrn_detector.pdbx_collection_date   2011-05-03 
_diffrn_detector.details                ? 
# 
_diffrn_radiation.diffrn_id                        1 
_diffrn_radiation.wavelength_id                    1 
_diffrn_radiation.pdbx_monochromatic_or_laue_m_l   M 
_diffrn_radiation.monochromator                    ? 
_diffrn_radiation.pdbx_diffrn_protocol             'SINGLE WAVELENGTH' 
_diffrn_radiation.pdbx_scattering_type             x-ray 
# 
_diffrn_radiation_wavelength.id           1 
_diffrn_radiation_wavelength.wavelength   1.00 
_diffrn_radiation_wavelength.wt           1.0 
# 
_diffrn_source.diffrn_id                   1 
_diffrn_source.source                      SYNCHROTRON 
_diffrn_source.type                        'APS BEAMLINE 22-BM' 
_diffrn_source.pdbx_synchrotron_site       APS 
_diffrn_source.pdbx_synchrotron_beamline   22-BM 
_diffrn_source.pdbx_wavelength             ? 
_diffrn_source.pdbx_wavelength_list        1.00 
# 
_reflns.pdbx_diffrn_id               1 
_reflns.pdbx_ordinal                 1 
_reflns.entry_id                     4MCF 
_reflns.observed_criterion_sigma_I   0 
_reflns.observed_criterion_sigma_F   0 
_reflns.d_resolution_low             50 
_reflns.d_resolution_high            1.7 
_reflns.number_obs                   23520 
_reflns.number_all                   23567 
_reflns.percent_possible_obs         99.8 
_reflns.pdbx_Rmerge_I_obs            0.064 
_reflns.pdbx_Rsym_value              ? 
_reflns.pdbx_netI_over_sigmaI        ? 
_reflns.B_iso_Wilson_estimate        ? 
_reflns.pdbx_redundancy              2.9 
_reflns.R_free_details               ? 
_reflns.pdbx_chi_squared             ? 
_reflns.pdbx_scaling_rejects         ? 
# 
_reflns_shell.pdbx_diffrn_id         1 
_reflns_shell.pdbx_ordinal           1 
_reflns_shell.d_res_high             1.7 
_reflns_shell.d_res_low              1.73 
_reflns_shell.percent_possible_all   99.3 
_reflns_shell.Rmerge_I_obs           0.632 
_reflns_shell.pdbx_Rsym_value        ? 
_reflns_shell.meanI_over_sigI_obs    ? 
_reflns_shell.pdbx_redundancy        2.8 
_reflns_shell.percent_possible_obs   ? 
_reflns_shell.number_unique_all      ? 
_reflns_shell.number_measured_all    ? 
_reflns_shell.number_measured_obs    ? 
_reflns_shell.number_unique_obs      ? 
_reflns_shell.pdbx_chi_squared       ? 
# 
_refine.pdbx_refine_id                           'X-RAY DIFFRACTION' 
_refine.entry_id                                 4MCF 
_refine.pdbx_diffrn_id                           1 
_refine.pdbx_TLS_residual_ADP_flag               ? 
_refine.ls_number_reflns_obs                     16738 
_refine.ls_number_reflns_all                     16836 
_refine.pdbx_ls_sigma_I                          ? 
_refine.pdbx_ls_sigma_F                          1.97 
_refine.pdbx_data_cutoff_high_absF               ? 
_refine.pdbx_data_cutoff_low_absF                ? 
_refine.pdbx_data_cutoff_high_rms_absF           ? 
_refine.ls_d_res_low                             22.258 
_refine.ls_d_res_high                            1.899 
_refine.ls_percent_reflns_obs                    99.42 
_refine.ls_R_factor_obs                          0.2335 
_refine.ls_R_factor_all                          ? 
_refine.ls_R_factor_R_work                       0.2302 
_refine.ls_R_factor_R_free                       0.2639 
_refine.ls_R_factor_R_free_error                 ? 
_refine.ls_R_factor_R_free_error_details         ? 
_refine.ls_percent_reflns_R_free                 10.02 
_refine.ls_number_reflns_R_free                  1677 
_refine.ls_number_parameters                     ? 
_refine.ls_number_restraints                     ? 
_refine.occupancy_min                            ? 
_refine.occupancy_max                            ? 
_refine.correlation_coeff_Fo_to_Fc               ? 
_refine.correlation_coeff_Fo_to_Fc_free          ? 
_refine.B_iso_mean                               ? 
_refine.aniso_B[1][1]                            0.5944 
_refine.aniso_B[2][2]                            0.5944 
_refine.aniso_B[3][3]                            -1.1888 
_refine.aniso_B[1][2]                            0.0000 
_refine.aniso_B[1][3]                            -0.0000 
_refine.aniso_B[2][3]                            0.0000 
_refine.solvent_model_details                    'FLAT BULK SOLVENT MODEL' 
_refine.solvent_model_param_ksol                 ? 
_refine.solvent_model_param_bsol                 ? 
_refine.pdbx_solvent_vdw_probe_radii             1.11 
_refine.pdbx_solvent_ion_probe_radii             ? 
_refine.pdbx_solvent_shrinkage_radii             0.90 
_refine.pdbx_ls_cross_valid_method               ? 
_refine.details                                  ? 
_refine.pdbx_starting_model                      ? 
_refine.pdbx_method_to_determine_struct          'MOLECULAR REPLACEMENT' 
_refine.pdbx_isotropic_thermal_model             ? 
_refine.pdbx_stereochemistry_target_values       ML 
_refine.pdbx_stereochem_target_val_spec_case     ? 
_refine.pdbx_R_Free_selection_details            ? 
_refine.pdbx_overall_ESU_R                       ? 
_refine.pdbx_overall_ESU_R_Free                  ? 
_refine.overall_SU_ML                            0.26 
_refine.pdbx_overall_phase_error                 29.20 
_refine.overall_SU_B                             ? 
_refine.overall_SU_R_Cruickshank_DPI             ? 
_refine.pdbx_overall_SU_R_free_Cruickshank_DPI   ? 
_refine.pdbx_overall_SU_R_Blow_DPI               ? 
_refine.pdbx_overall_SU_R_free_Blow_DPI          ? 
_refine.ls_redundancy_reflns_obs                 ? 
_refine.overall_SU_R_free                        ? 
_refine.ls_wR_factor_R_free                      ? 
_refine.ls_wR_factor_R_work                      ? 
_refine.overall_FOM_free_R_set                   ? 
_refine.overall_FOM_work_R_set                   ? 
# 
_refine_hist.pdbx_refine_id                   'X-RAY DIFFRACTION' 
_refine_hist.cycle_id                         LAST 
_refine_hist.pdbx_number_atoms_protein        0 
_refine_hist.pdbx_number_atoms_nucleic_acid   1639 
_refine_hist.pdbx_number_atoms_ligand         20 
_refine_hist.number_atoms_solvent             26 
_refine_hist.number_atoms_total               1685 
_refine_hist.d_res_high                       1.899 
_refine_hist.d_res_low                        22.258 
# 
loop_
_refine_ls_restr.type 
_refine_ls_restr.dev_ideal 
_refine_ls_restr.dev_ideal_target 
_refine_ls_restr.weight 
_refine_ls_restr.number 
_refine_ls_restr.pdbx_refine_id 
_refine_ls_restr.pdbx_restraint_function 
f_bond_d           0.004 ? ? 1839 'X-RAY DIFFRACTION' ? 
f_angle_d          0.979 ? ? 2849 'X-RAY DIFFRACTION' ? 
f_dihedral_angle_d 8.499 ? ? 908  'X-RAY DIFFRACTION' ? 
f_chiral_restr     0.037 ? ? 385  'X-RAY DIFFRACTION' ? 
f_plane_restr      0.006 ? ? 78   'X-RAY DIFFRACTION' ? 
# 
loop_
_refine_ls_shell.pdbx_refine_id 
_refine_ls_shell.pdbx_total_number_of_bins_used 
_refine_ls_shell.d_res_high 
_refine_ls_shell.d_res_low 
_refine_ls_shell.number_reflns_R_work 
_refine_ls_shell.R_factor_R_work 
_refine_ls_shell.percent_reflns_obs 
_refine_ls_shell.R_factor_R_free 
_refine_ls_shell.R_factor_R_free_error 
_refine_ls_shell.percent_reflns_R_free 
_refine_ls_shell.number_reflns_R_free 
_refine_ls_shell.number_reflns_all 
_refine_ls_shell.R_factor_all 
_refine_ls_shell.redundancy_reflns_obs 
_refine_ls_shell.number_reflns_obs 
'X-RAY DIFFRACTION' . 1.8988 1.9546  1271 0.2426 100.00 0.3282 . . 144 . . . . 
'X-RAY DIFFRACTION' . 1.9546 2.0177  1243 0.2327 100.00 0.2467 . . 135 . . . . 
'X-RAY DIFFRACTION' . 2.0177 2.0897  1285 0.2248 100.00 0.2662 . . 138 . . . . 
'X-RAY DIFFRACTION' . 2.0897 2.1733  1268 0.2277 100.00 0.3195 . . 136 . . . . 
'X-RAY DIFFRACTION' . 2.1733 2.2721  1274 0.2415 100.00 0.2804 . . 139 . . . . 
'X-RAY DIFFRACTION' . 2.2721 2.3918  1246 0.2422 100.00 0.3152 . . 135 . . . . 
'X-RAY DIFFRACTION' . 2.3918 2.5415  1258 0.2755 100.00 0.2976 . . 142 . . . . 
'X-RAY DIFFRACTION' . 2.5415 2.7374  1257 0.2848 100.00 0.3415 . . 143 . . . . 
'X-RAY DIFFRACTION' . 2.7374 3.0122  1251 0.2970 99.00  0.3331 . . 143 . . . . 
'X-RAY DIFFRACTION' . 3.0122 3.4467  1229 0.2386 99.00  0.2688 . . 141 . . . . 
'X-RAY DIFFRACTION' . 3.4467 4.3373  1241 0.1924 97.00  0.2276 . . 142 . . . . 
'X-RAY DIFFRACTION' . 4.3373 22.2598 1238 0.1818 98.00  0.1801 . . 139 . . . . 
# 
_struct.entry_id                  4MCF 
_struct.title                     'Crystal structure of the Gas5 GRE Mimic' 
_struct.pdbx_model_details        ? 
_struct.pdbx_CASP_flag            ? 
_struct.pdbx_model_type_details   ? 
# 
_struct_keywords.entry_id        4MCF 
_struct_keywords.pdbx_keywords   RNA 
_struct_keywords.text            'RNA Double Helix, RNA' 
# 
loop_
_struct_asym.id 
_struct_asym.pdbx_blank_PDB_chainid_flag 
_struct_asym.pdbx_modified 
_struct_asym.entity_id 
_struct_asym.details 
A N N 1 ? 
B N N 2 ? 
C N N 1 ? 
D N N 2 ? 
E N N 1 ? 
F N N 2 ? 
G N N 1 ? 
H N N 2 ? 
I N N 3 ? 
J N N 3 ? 
K N N 3 ? 
L N N 3 ? 
M N N 4 ? 
N N N 4 ? 
O N N 4 ? 
P N N 4 ? 
Q N N 4 ? 
# 
loop_
_struct_ref.id 
_struct_ref.db_name 
_struct_ref.db_code 
_struct_ref.pdbx_db_accession 
_struct_ref.entity_id 
_struct_ref.pdbx_align_begin 
_struct_ref.pdbx_seq_one_letter_code 
_struct_ref.pdbx_db_isoform 
1 PDB 4MCF 4MCF 1 ? CAGUGGUCUU  ? 
2 PDB 4MCF 4MCF 2 ? AAGACUGCCUG ? 
# 
loop_
_struct_ref_seq.align_id 
_struct_ref_seq.ref_id 
_struct_ref_seq.pdbx_PDB_id_code 
_struct_ref_seq.pdbx_strand_id 
_struct_ref_seq.seq_align_beg 
_struct_ref_seq.pdbx_seq_align_beg_ins_code 
_struct_ref_seq.seq_align_end 
_struct_ref_seq.pdbx_seq_align_end_ins_code 
_struct_ref_seq.pdbx_db_accession 
_struct_ref_seq.db_align_beg 
_struct_ref_seq.pdbx_db_align_beg_ins_code 
_struct_ref_seq.db_align_end 
_struct_ref_seq.pdbx_db_align_end_ins_code 
_struct_ref_seq.pdbx_auth_seq_align_beg 
_struct_ref_seq.pdbx_auth_seq_align_end 
1 1 4MCF C 1 ? 10 ? 4MCF 1 ? 10 ? 1 10 
2 1 4MCF A 1 ? 10 ? 4MCF 1 ? 10 ? 1 10 
3 1 4MCF E 1 ? 10 ? 4MCF 1 ? 10 ? 1 10 
4 1 4MCF G 1 ? 10 ? 4MCF 1 ? 10 ? 1 10 
5 2 4MCF D 1 ? 11 ? 4MCF 1 ? 11 ? 1 11 
6 2 4MCF B 1 ? 11 ? 4MCF 1 ? 11 ? 1 11 
7 2 4MCF F 1 ? 11 ? 4MCF 1 ? 11 ? 1 11 
8 2 4MCF H 1 ? 11 ? 4MCF 1 ? 11 ? 1 11 
# 
loop_
_pdbx_struct_assembly.id 
_pdbx_struct_assembly.details 
_pdbx_struct_assembly.method_details 
_pdbx_struct_assembly.oligomeric_details 
_pdbx_struct_assembly.oligomeric_count 
1 author_and_software_defined_assembly PISA dimeric 2 
2 author_and_software_defined_assembly PISA dimeric 2 
3 author_and_software_defined_assembly PISA dimeric 2 
4 author_and_software_defined_assembly PISA dimeric 2 
# 
loop_
_pdbx_struct_assembly_prop.biol_id 
_pdbx_struct_assembly_prop.type 
_pdbx_struct_assembly_prop.value 
_pdbx_struct_assembly_prop.details 
1 'ABSA (A^2)' 920  ? 
1 MORE         -6   ? 
1 'SSA (A^2)'  3990 ? 
2 'ABSA (A^2)' 930  ? 
2 MORE         -15  ? 
2 'SSA (A^2)'  3920 ? 
3 'ABSA (A^2)' 920  ? 
3 MORE         -8   ? 
3 'SSA (A^2)'  3790 ? 
4 'ABSA (A^2)' 920  ? 
4 MORE         -7   ? 
4 'SSA (A^2)'  3810 ? 
# 
loop_
_pdbx_struct_assembly_gen.assembly_id 
_pdbx_struct_assembly_gen.oper_expression 
_pdbx_struct_assembly_gen.asym_id_list 
1 1 A,B,M,N       
2 1 C,D,I,J,K,O,P 
3 1 E,F,L,Q       
4 1 G,H           
# 
_pdbx_struct_oper_list.id                   1 
_pdbx_struct_oper_list.type                 'identity operation' 
_pdbx_struct_oper_list.name                 1_555 
_pdbx_struct_oper_list.symmetry_operation   x,y,z 
_pdbx_struct_oper_list.matrix[1][1]         1.0000000000 
_pdbx_struct_oper_list.matrix[1][2]         0.0000000000 
_pdbx_struct_oper_list.matrix[1][3]         0.0000000000 
_pdbx_struct_oper_list.vector[1]            0.0000000000 
_pdbx_struct_oper_list.matrix[2][1]         0.0000000000 
_pdbx_struct_oper_list.matrix[2][2]         1.0000000000 
_pdbx_struct_oper_list.matrix[2][3]         0.0000000000 
_pdbx_struct_oper_list.vector[2]            0.0000000000 
_pdbx_struct_oper_list.matrix[3][1]         0.0000000000 
_pdbx_struct_oper_list.matrix[3][2]         0.0000000000 
_pdbx_struct_oper_list.matrix[3][3]         1.0000000000 
_pdbx_struct_oper_list.vector[3]            0.0000000000 
# 
loop_
_struct_conn.id 
_struct_conn.conn_type_id 
_struct_conn.pdbx_leaving_atom_flag 
_struct_conn.pdbx_PDB_id 
_struct_conn.ptnr1_label_asym_id 
_struct_conn.ptnr1_label_comp_id 
_struct_conn.ptnr1_label_seq_id 
_struct_conn.ptnr1_label_atom_id 
_struct_conn.pdbx_ptnr1_label_alt_id 
_struct_conn.pdbx_ptnr1_PDB_ins_code 
_struct_conn.pdbx_ptnr1_standard_comp_id 
_struct_conn.ptnr1_symmetry 
_struct_conn.ptnr2_label_asym_id 
_struct_conn.ptnr2_label_comp_id 
_struct_conn.ptnr2_label_seq_id 
_struct_conn.ptnr2_label_atom_id 
_struct_conn.pdbx_ptnr2_label_alt_id 
_struct_conn.pdbx_ptnr2_PDB_ins_code 
_struct_conn.ptnr1_auth_asym_id 
_struct_conn.ptnr1_auth_comp_id 
_struct_conn.ptnr1_auth_seq_id 
_struct_conn.ptnr2_auth_asym_id 
_struct_conn.ptnr2_auth_comp_id 
_struct_conn.ptnr2_auth_seq_id 
_struct_conn.ptnr2_symmetry 
_struct_conn.pdbx_ptnr3_label_atom_id 
_struct_conn.pdbx_ptnr3_label_seq_id 
_struct_conn.pdbx_ptnr3_label_comp_id 
_struct_conn.pdbx_ptnr3_label_asym_id 
_struct_conn.pdbx_ptnr3_label_alt_id 
_struct_conn.pdbx_ptnr3_PDB_ins_code 
_struct_conn.details 
_struct_conn.pdbx_dist_value 
_struct_conn.pdbx_value_order 
_struct_conn.pdbx_role 
hydrog1  hydrog ? ? C G 3  N1 ? ? ? 1_555 D C 8  N3 ? ? A G 3  B C 8  1_555 ? ? ? ? ? ? WATSON-CRICK  ? ? ? 
hydrog2  hydrog ? ? C G 3  N2 ? ? ? 1_555 D C 8  O2 ? ? A G 3  B C 8  1_555 ? ? ? ? ? ? WATSON-CRICK  ? ? ? 
hydrog3  hydrog ? ? C G 3  O6 ? ? ? 1_555 D C 8  N4 ? ? A G 3  B C 8  1_555 ? ? ? ? ? ? WATSON-CRICK  ? ? ? 
hydrog4  hydrog ? ? C U 4  N3 ? ? ? 1_555 D G 7  O6 ? ? A U 4  B G 7  1_555 ? ? ? ? ? ? TYPE_28_PAIR  ? ? ? 
hydrog5  hydrog ? ? C U 4  O2 ? ? ? 1_555 D G 7  N1 ? ? A U 4  B G 7  1_555 ? ? ? ? ? ? TYPE_28_PAIR  ? ? ? 
hydrog6  hydrog ? ? C G 5  N1 ? ? ? 1_555 D U 6  O2 ? ? A G 5  B U 6  1_555 ? ? ? ? ? ? TYPE_28_PAIR  ? ? ? 
hydrog7  hydrog ? ? C G 5  O6 ? ? ? 1_555 D U 6  N3 ? ? A G 5  B U 6  1_555 ? ? ? ? ? ? TYPE_28_PAIR  ? ? ? 
hydrog8  hydrog ? ? C G 6  N1 ? ? ? 1_555 D C 5  N3 ? ? A G 6  B C 5  1_555 ? ? ? ? ? ? WATSON-CRICK  ? ? ? 
hydrog9  hydrog ? ? C G 6  N2 ? ? ? 1_555 D C 5  O2 ? ? A G 6  B C 5  1_555 ? ? ? ? ? ? WATSON-CRICK  ? ? ? 
hydrog10 hydrog ? ? C G 6  O6 ? ? ? 1_555 D C 5  N4 ? ? A G 6  B C 5  1_555 ? ? ? ? ? ? WATSON-CRICK  ? ? ? 
hydrog11 hydrog ? ? C U 7  N3 ? ? ? 1_555 D A 4  N1 ? ? A U 7  B A 4  1_555 ? ? ? ? ? ? WATSON-CRICK  ? ? ? 
hydrog12 hydrog ? ? C U 7  O4 ? ? ? 1_555 D A 4  N6 ? ? A U 7  B A 4  1_555 ? ? ? ? ? ? WATSON-CRICK  ? ? ? 
hydrog13 hydrog ? ? C C 8  N3 ? ? ? 1_555 D G 3  N1 ? ? A C 8  B G 3  1_555 ? ? ? ? ? ? WATSON-CRICK  ? ? ? 
hydrog14 hydrog ? ? C C 8  N4 ? ? ? 1_555 D G 3  O6 ? ? A C 8  B G 3  1_555 ? ? ? ? ? ? WATSON-CRICK  ? ? ? 
hydrog15 hydrog ? ? C C 8  O2 ? ? ? 1_555 D G 3  N2 ? ? A C 8  B G 3  1_555 ? ? ? ? ? ? WATSON-CRICK  ? ? ? 
hydrog16 hydrog ? ? C U 9  N3 ? ? ? 1_555 D A 2  N1 ? ? A U 9  B A 2  1_555 ? ? ? ? ? ? WATSON-CRICK  ? ? ? 
hydrog17 hydrog ? ? C U 9  O4 ? ? ? 1_555 D A 2  N6 ? ? A U 9  B A 2  1_555 ? ? ? ? ? ? WATSON-CRICK  ? ? ? 
hydrog18 hydrog ? ? C U 10 N3 ? ? ? 1_555 D A 1  N1 ? ? A U 10 B A 1  1_555 ? ? ? ? ? ? WATSON-CRICK  ? ? ? 
hydrog19 hydrog ? ? C U 10 O4 ? ? ? 1_555 D A 1  N6 ? ? A U 10 B A 1  1_555 ? ? ? ? ? ? WATSON-CRICK  ? ? ? 
hydrog20 hydrog ? ? A A 2  N6 ? ? ? 1_555 B C 9  N3 ? ? C A 2  D C 9  1_555 ? ? ? ? ? ? 'A-C MISPAIR' ? ? ? 
hydrog21 hydrog ? ? A G 3  N1 ? ? ? 1_555 B C 8  N3 ? ? C G 3  D C 8  1_555 ? ? ? ? ? ? WATSON-CRICK  ? ? ? 
hydrog22 hydrog ? ? A G 3  N2 ? ? ? 1_555 B C 8  O2 ? ? C G 3  D C 8  1_555 ? ? ? ? ? ? WATSON-CRICK  ? ? ? 
hydrog23 hydrog ? ? A G 3  O6 ? ? ? 1_555 B C 8  N4 ? ? C G 3  D C 8  1_555 ? ? ? ? ? ? WATSON-CRICK  ? ? ? 
hydrog24 hydrog ? ? A U 4  N3 ? ? ? 1_555 B G 7  O6 ? ? C U 4  D G 7  1_555 ? ? ? ? ? ? TYPE_28_PAIR  ? ? ? 
hydrog25 hydrog ? ? A U 4  O2 ? ? ? 1_555 B G 7  N1 ? ? C U 4  D G 7  1_555 ? ? ? ? ? ? TYPE_28_PAIR  ? ? ? 
hydrog26 hydrog ? ? A G 5  N1 ? ? ? 1_555 B U 6  O2 ? ? C G 5  D U 6  1_555 ? ? ? ? ? ? TYPE_28_PAIR  ? ? ? 
hydrog27 hydrog ? ? A G 5  O6 ? ? ? 1_555 B U 6  N3 ? ? C G 5  D U 6  1_555 ? ? ? ? ? ? TYPE_28_PAIR  ? ? ? 
hydrog28 hydrog ? ? A G 6  N1 ? ? ? 1_555 B C 5  N3 ? ? C G 6  D C 5  1_555 ? ? ? ? ? ? WATSON-CRICK  ? ? ? 
hydrog29 hydrog ? ? A G 6  N2 ? ? ? 1_555 B C 5  O2 ? ? C G 6  D C 5  1_555 ? ? ? ? ? ? WATSON-CRICK  ? ? ? 
hydrog30 hydrog ? ? A G 6  O6 ? ? ? 1_555 B C 5  N4 ? ? C G 6  D C 5  1_555 ? ? ? ? ? ? WATSON-CRICK  ? ? ? 
hydrog31 hydrog ? ? A U 7  N3 ? ? ? 1_555 B A 4  N1 ? ? C U 7  D A 4  1_555 ? ? ? ? ? ? WATSON-CRICK  ? ? ? 
hydrog32 hydrog ? ? A U 7  O4 ? ? ? 1_555 B A 4  N6 ? ? C U 7  D A 4  1_555 ? ? ? ? ? ? WATSON-CRICK  ? ? ? 
hydrog33 hydrog ? ? A C 8  N3 ? ? ? 1_555 B G 3  N1 ? ? C C 8  D G 3  1_555 ? ? ? ? ? ? WATSON-CRICK  ? ? ? 
hydrog34 hydrog ? ? A C 8  N4 ? ? ? 1_555 B G 3  O6 ? ? C C 8  D G 3  1_555 ? ? ? ? ? ? WATSON-CRICK  ? ? ? 
hydrog35 hydrog ? ? A C 8  O2 ? ? ? 1_555 B G 3  N2 ? ? C C 8  D G 3  1_555 ? ? ? ? ? ? WATSON-CRICK  ? ? ? 
hydrog36 hydrog ? ? A U 9  N3 ? ? ? 1_555 B A 2  N1 ? ? C U 9  D A 2  1_555 ? ? ? ? ? ? WATSON-CRICK  ? ? ? 
hydrog37 hydrog ? ? A U 9  O4 ? ? ? 1_555 B A 2  N6 ? ? C U 9  D A 2  1_555 ? ? ? ? ? ? WATSON-CRICK  ? ? ? 
hydrog38 hydrog ? ? A U 10 N3 ? ? ? 1_555 B A 1  N1 ? ? C U 10 D A 1  1_555 ? ? ? ? ? ? WATSON-CRICK  ? ? ? 
hydrog39 hydrog ? ? A U 10 O4 ? ? ? 1_555 B A 1  N6 ? ? C U 10 D A 1  1_555 ? ? ? ? ? ? WATSON-CRICK  ? ? ? 
hydrog40 hydrog ? ? B U 10 N3 ? ? ? 1_555 D U 10 O4 ? ? D U 10 B U 10 1_555 ? ? ? ? ? ? TYPE_16_PAIR  ? ? ? 
hydrog41 hydrog ? ? B U 10 O2 ? ? ? 1_555 D U 10 N3 ? ? D U 10 B U 10 1_555 ? ? ? ? ? ? TYPE_16_PAIR  ? ? ? 
hydrog42 hydrog ? ? B G 11 N1 ? ? ? 1_555 D C 9  N3 ? ? D G 11 B C 9  1_555 ? ? ? ? ? ? WATSON-CRICK  ? ? ? 
hydrog43 hydrog ? ? B G 11 N2 ? ? ? 1_555 D C 9  O2 ? ? D G 11 B C 9  1_555 ? ? ? ? ? ? WATSON-CRICK  ? ? ? 
hydrog44 hydrog ? ? B G 11 O6 ? ? ? 1_555 D C 9  N4 ? ? D G 11 B C 9  1_555 ? ? ? ? ? ? WATSON-CRICK  ? ? ? 
hydrog45 hydrog ? ? E C 1  N4 ? ? ? 1_555 F U 10 O4 ? ? E C 1  F U 10 1_555 ? ? ? ? ? ? 'C-U MISPAIR' ? ? ? 
hydrog46 hydrog ? ? E A 2  N6 ? ? ? 1_555 F C 9  N3 ? ? E A 2  F C 9  1_555 ? ? ? ? ? ? 'A-C MISPAIR' ? ? ? 
hydrog47 hydrog ? ? E G 3  N1 ? ? ? 1_555 F C 8  N3 ? ? E G 3  F C 8  1_555 ? ? ? ? ? ? WATSON-CRICK  ? ? ? 
hydrog48 hydrog ? ? E G 3  N2 ? ? ? 1_555 F C 8  O2 ? ? E G 3  F C 8  1_555 ? ? ? ? ? ? WATSON-CRICK  ? ? ? 
hydrog49 hydrog ? ? E G 3  O6 ? ? ? 1_555 F C 8  N4 ? ? E G 3  F C 8  1_555 ? ? ? ? ? ? WATSON-CRICK  ? ? ? 
hydrog50 hydrog ? ? E U 4  N3 ? ? ? 1_555 F G 7  O6 ? ? E U 4  F G 7  1_555 ? ? ? ? ? ? TYPE_28_PAIR  ? ? ? 
hydrog51 hydrog ? ? E U 4  O2 ? ? ? 1_555 F G 7  N1 ? ? E U 4  F G 7  1_555 ? ? ? ? ? ? TYPE_28_PAIR  ? ? ? 
hydrog52 hydrog ? ? E G 5  N1 ? ? ? 1_555 F U 6  O2 ? ? E G 5  F U 6  1_555 ? ? ? ? ? ? TYPE_28_PAIR  ? ? ? 
hydrog53 hydrog ? ? E G 5  O6 ? ? ? 1_555 F U 6  N3 ? ? E G 5  F U 6  1_555 ? ? ? ? ? ? TYPE_28_PAIR  ? ? ? 
hydrog54 hydrog ? ? E G 6  N1 ? ? ? 1_555 F C 5  N3 ? ? E G 6  F C 5  1_555 ? ? ? ? ? ? WATSON-CRICK  ? ? ? 
hydrog55 hydrog ? ? E G 6  N2 ? ? ? 1_555 F C 5  O2 ? ? E G 6  F C 5  1_555 ? ? ? ? ? ? WATSON-CRICK  ? ? ? 
hydrog56 hydrog ? ? E G 6  O6 ? ? ? 1_555 F C 5  N4 ? ? E G 6  F C 5  1_555 ? ? ? ? ? ? WATSON-CRICK  ? ? ? 
hydrog57 hydrog ? ? E U 7  N3 ? ? ? 1_555 F A 4  N1 ? ? E U 7  F A 4  1_555 ? ? ? ? ? ? WATSON-CRICK  ? ? ? 
hydrog58 hydrog ? ? E U 7  O4 ? ? ? 1_555 F A 4  N6 ? ? E U 7  F A 4  1_555 ? ? ? ? ? ? WATSON-CRICK  ? ? ? 
hydrog59 hydrog ? ? E C 8  N3 ? ? ? 1_555 F G 3  N1 ? ? E C 8  F G 3  1_555 ? ? ? ? ? ? WATSON-CRICK  ? ? ? 
hydrog60 hydrog ? ? E C 8  N4 ? ? ? 1_555 F G 3  O6 ? ? E C 8  F G 3  1_555 ? ? ? ? ? ? WATSON-CRICK  ? ? ? 
hydrog61 hydrog ? ? E C 8  O2 ? ? ? 1_555 F G 3  N2 ? ? E C 8  F G 3  1_555 ? ? ? ? ? ? WATSON-CRICK  ? ? ? 
hydrog62 hydrog ? ? E U 9  N3 ? ? ? 1_555 F A 2  N1 ? ? E U 9  F A 2  1_555 ? ? ? ? ? ? WATSON-CRICK  ? ? ? 
hydrog63 hydrog ? ? E U 9  O4 ? ? ? 1_555 F A 2  N6 ? ? E U 9  F A 2  1_555 ? ? ? ? ? ? WATSON-CRICK  ? ? ? 
hydrog64 hydrog ? ? E U 10 N3 ? ? ? 1_555 F A 1  N1 ? ? E U 10 F A 1  1_555 ? ? ? ? ? ? WATSON-CRICK  ? ? ? 
hydrog65 hydrog ? ? E U 10 O4 ? ? ? 1_555 F A 1  N6 ? ? E U 10 F A 1  1_555 ? ? ? ? ? ? WATSON-CRICK  ? ? ? 
hydrog66 hydrog ? ? G C 1  N4 ? ? ? 1_555 H U 10 O4 ? ? G C 1  H U 10 1_555 ? ? ? ? ? ? 'C-U MISPAIR' ? ? ? 
hydrog67 hydrog ? ? G A 2  N6 ? ? ? 1_555 H C 9  N3 ? ? G A 2  H C 9  1_555 ? ? ? ? ? ? 'A-C MISPAIR' ? ? ? 
hydrog68 hydrog ? ? G G 3  N1 ? ? ? 1_555 H C 8  N3 ? ? G G 3  H C 8  1_555 ? ? ? ? ? ? WATSON-CRICK  ? ? ? 
hydrog69 hydrog ? ? G G 3  N2 ? ? ? 1_555 H C 8  O2 ? ? G G 3  H C 8  1_555 ? ? ? ? ? ? WATSON-CRICK  ? ? ? 
hydrog70 hydrog ? ? G G 3  O6 ? ? ? 1_555 H C 8  N4 ? ? G G 3  H C 8  1_555 ? ? ? ? ? ? WATSON-CRICK  ? ? ? 
hydrog71 hydrog ? ? G U 4  N3 ? ? ? 1_555 H G 7  O6 ? ? G U 4  H G 7  1_555 ? ? ? ? ? ? TYPE_28_PAIR  ? ? ? 
hydrog72 hydrog ? ? G U 4  O2 ? ? ? 1_555 H G 7  N1 ? ? G U 4  H G 7  1_555 ? ? ? ? ? ? TYPE_28_PAIR  ? ? ? 
hydrog73 hydrog ? ? G G 5  N1 ? ? ? 1_555 H U 6  O2 ? ? G G 5  H U 6  1_555 ? ? ? ? ? ? TYPE_28_PAIR  ? ? ? 
hydrog74 hydrog ? ? G G 5  O6 ? ? ? 1_555 H U 6  N3 ? ? G G 5  H U 6  1_555 ? ? ? ? ? ? TYPE_28_PAIR  ? ? ? 
hydrog75 hydrog ? ? G G 6  N1 ? ? ? 1_555 H C 5  N3 ? ? G G 6  H C 5  1_555 ? ? ? ? ? ? WATSON-CRICK  ? ? ? 
hydrog76 hydrog ? ? G G 6  N2 ? ? ? 1_555 H C 5  O2 ? ? G G 6  H C 5  1_555 ? ? ? ? ? ? WATSON-CRICK  ? ? ? 
hydrog77 hydrog ? ? G G 6  O6 ? ? ? 1_555 H C 5  N4 ? ? G G 6  H C 5  1_555 ? ? ? ? ? ? WATSON-CRICK  ? ? ? 
hydrog78 hydrog ? ? G U 7  N3 ? ? ? 1_555 H A 4  N1 ? ? G U 7  H A 4  1_555 ? ? ? ? ? ? WATSON-CRICK  ? ? ? 
hydrog79 hydrog ? ? G U 7  O4 ? ? ? 1_555 H A 4  N6 ? ? G U 7  H A 4  1_555 ? ? ? ? ? ? WATSON-CRICK  ? ? ? 
hydrog80 hydrog ? ? G C 8  N3 ? ? ? 1_555 H G 3  N1 ? ? G C 8  H G 3  1_555 ? ? ? ? ? ? WATSON-CRICK  ? ? ? 
hydrog81 hydrog ? ? G C 8  N4 ? ? ? 1_555 H G 3  O6 ? ? G C 8  H G 3  1_555 ? ? ? ? ? ? WATSON-CRICK  ? ? ? 
hydrog82 hydrog ? ? G C 8  O2 ? ? ? 1_555 H G 3  N2 ? ? G C 8  H G 3  1_555 ? ? ? ? ? ? WATSON-CRICK  ? ? ? 
hydrog83 hydrog ? ? G U 9  N3 ? ? ? 1_555 H A 2  N1 ? ? G U 9  H A 2  1_555 ? ? ? ? ? ? WATSON-CRICK  ? ? ? 
hydrog84 hydrog ? ? G U 9  O4 ? ? ? 1_555 H A 2  N6 ? ? G U 9  H A 2  1_555 ? ? ? ? ? ? WATSON-CRICK  ? ? ? 
hydrog85 hydrog ? ? G U 10 N3 ? ? ? 1_555 H A 1  N1 ? ? G U 10 H A 1  1_555 ? ? ? ? ? ? WATSON-CRICK  ? ? ? 
hydrog86 hydrog ? ? G U 10 O4 ? ? ? 1_555 H A 1  N6 ? ? G U 10 H A 1  1_555 ? ? ? ? ? ? WATSON-CRICK  ? ? ? 
# 
_struct_conn_type.id          hydrog 
_struct_conn_type.criteria    ? 
_struct_conn_type.reference   ? 
# 
loop_
_struct_site.id 
_struct_site.pdbx_evidence_code 
_struct_site.pdbx_auth_asym_id 
_struct_site.pdbx_auth_comp_id 
_struct_site.pdbx_auth_seq_id 
_struct_site.pdbx_auth_ins_code 
_struct_site.pdbx_num_residues 
_struct_site.details 
AC1 Software B SO4 102 ? 9 'BINDING SITE FOR RESIDUE SO4 B 102' 
AC2 Software F SO4 101 ? 6 'BINDING SITE FOR RESIDUE SO4 F 101' 
# 
loop_
_struct_site_gen.id 
_struct_site_gen.site_id 
_struct_site_gen.pdbx_num_res 
_struct_site_gen.label_comp_id 
_struct_site_gen.label_asym_id 
_struct_site_gen.label_seq_id 
_struct_site_gen.pdbx_auth_ins_code 
_struct_site_gen.auth_comp_id 
_struct_site_gen.auth_asym_id 
_struct_site_gen.auth_seq_id 
_struct_site_gen.label_atom_id 
_struct_site_gen.label_alt_id 
_struct_site_gen.symmetry 
_struct_site_gen.details 
1  AC1 9 G   D 7 ? G   B 7   . ? 1_555 ? 
2  AC1 9 G   D 7 ? G   B 7   . ? 2_555 ? 
3  AC1 9 G   D 7 ? G   B 7   . ? 3_555 ? 
4  AC1 9 C   D 8 ? C   B 8   . ? 1_555 ? 
5  AC1 9 C   D 8 ? C   B 8   . ? 3_555 ? 
6  AC1 9 C   D 8 ? C   B 8   . ? 2_555 ? 
7  AC1 9 HOH P . ? HOH B 202 . ? 1_555 ? 
8  AC1 9 HOH P . ? HOH B 202 . ? 3_555 ? 
9  AC1 9 HOH P . ? HOH B 202 . ? 2_555 ? 
10 AC2 6 G   F 7 ? G   F 7   . ? 1_555 ? 
11 AC2 6 G   F 7 ? G   F 7   . ? 3_555 ? 
12 AC2 6 G   F 7 ? G   F 7   . ? 2_555 ? 
13 AC2 6 C   F 8 ? C   F 8   . ? 1_555 ? 
14 AC2 6 C   F 8 ? C   F 8   . ? 3_555 ? 
15 AC2 6 C   F 8 ? C   F 8   . ? 2_555 ? 
# 
_pdbx_validate_symm_contact.id                1 
_pdbx_validate_symm_contact.PDB_model_num     1 
_pdbx_validate_symm_contact.auth_atom_id_1    O 
_pdbx_validate_symm_contact.auth_asym_id_1    D 
_pdbx_validate_symm_contact.auth_comp_id_1    HOH 
_pdbx_validate_symm_contact.auth_seq_id_1     208 
_pdbx_validate_symm_contact.PDB_ins_code_1    ? 
_pdbx_validate_symm_contact.label_alt_id_1    ? 
_pdbx_validate_symm_contact.site_symmetry_1   1_555 
_pdbx_validate_symm_contact.auth_atom_id_2    O 
_pdbx_validate_symm_contact.auth_asym_id_2    D 
_pdbx_validate_symm_contact.auth_comp_id_2    HOH 
_pdbx_validate_symm_contact.auth_seq_id_2     208 
_pdbx_validate_symm_contact.PDB_ins_code_2    ? 
_pdbx_validate_symm_contact.label_alt_id_2    ? 
_pdbx_validate_symm_contact.site_symmetry_2   2_545 
_pdbx_validate_symm_contact.dist              1.70 
# 
loop_
_pdbx_struct_special_symmetry.id 
_pdbx_struct_special_symmetry.PDB_model_num 
_pdbx_struct_special_symmetry.auth_asym_id 
_pdbx_struct_special_symmetry.auth_comp_id 
_pdbx_struct_special_symmetry.auth_seq_id 
_pdbx_struct_special_symmetry.PDB_ins_code 
_pdbx_struct_special_symmetry.label_asym_id 
_pdbx_struct_special_symmetry.label_comp_id 
_pdbx_struct_special_symmetry.label_seq_id 
1 1 A SO4 101 ? I SO4 . 
2 1 A SO4 101 ? I SO4 . 
3 1 B SO4 101 ? J SO4 . 
4 1 B SO4 101 ? J SO4 . 
5 1 B SO4 102 ? K SO4 . 
6 1 F SO4 101 ? L SO4 . 
7 1 F SO4 101 ? L SO4 . 
# 
loop_
_pdbx_unobs_or_zero_occ_residues.id 
_pdbx_unobs_or_zero_occ_residues.PDB_model_num 
_pdbx_unobs_or_zero_occ_residues.polymer_flag 
_pdbx_unobs_or_zero_occ_residues.occupancy_flag 
_pdbx_unobs_or_zero_occ_residues.auth_asym_id 
_pdbx_unobs_or_zero_occ_residues.auth_comp_id 
_pdbx_unobs_or_zero_occ_residues.auth_seq_id 
_pdbx_unobs_or_zero_occ_residues.PDB_ins_code 
_pdbx_unobs_or_zero_occ_residues.label_asym_id 
_pdbx_unobs_or_zero_occ_residues.label_comp_id 
_pdbx_unobs_or_zero_occ_residues.label_seq_id 
1 1 Y 1 C C 1  ? A C 1  
2 1 Y 1 A C 1  ? C C 1  
3 1 Y 1 A A 2  ? C A 2  
4 1 Y 1 F G 11 ? F G 11 
5 1 Y 1 H G 11 ? H G 11 
# 
loop_
_chem_comp_atom.comp_id 
_chem_comp_atom.atom_id 
_chem_comp_atom.type_symbol 
_chem_comp_atom.pdbx_aromatic_flag 
_chem_comp_atom.pdbx_stereo_config 
_chem_comp_atom.pdbx_ordinal 
A   OP3    O N N 1   
A   P      P N N 2   
A   OP1    O N N 3   
A   OP2    O N N 4   
A   "O5'"  O N N 5   
A   "C5'"  C N N 6   
A   "C4'"  C N R 7   
A   "O4'"  O N N 8   
A   "C3'"  C N S 9   
A   "O3'"  O N N 10  
A   "C2'"  C N R 11  
A   "O2'"  O N N 12  
A   "C1'"  C N R 13  
A   N9     N Y N 14  
A   C8     C Y N 15  
A   N7     N Y N 16  
A   C5     C Y N 17  
A   C6     C Y N 18  
A   N6     N N N 19  
A   N1     N Y N 20  
A   C2     C Y N 21  
A   N3     N Y N 22  
A   C4     C Y N 23  
A   HOP3   H N N 24  
A   HOP2   H N N 25  
A   "H5'"  H N N 26  
A   "H5''" H N N 27  
A   "H4'"  H N N 28  
A   "H3'"  H N N 29  
A   "HO3'" H N N 30  
A   "H2'"  H N N 31  
A   "HO2'" H N N 32  
A   "H1'"  H N N 33  
A   H8     H N N 34  
A   H61    H N N 35  
A   H62    H N N 36  
A   H2     H N N 37  
C   OP3    O N N 38  
C   P      P N N 39  
C   OP1    O N N 40  
C   OP2    O N N 41  
C   "O5'"  O N N 42  
C   "C5'"  C N N 43  
C   "C4'"  C N R 44  
C   "O4'"  O N N 45  
C   "C3'"  C N S 46  
C   "O3'"  O N N 47  
C   "C2'"  C N R 48  
C   "O2'"  O N N 49  
C   "C1'"  C N R 50  
C   N1     N N N 51  
C   C2     C N N 52  
C   O2     O N N 53  
C   N3     N N N 54  
C   C4     C N N 55  
C   N4     N N N 56  
C   C5     C N N 57  
C   C6     C N N 58  
C   HOP3   H N N 59  
C   HOP2   H N N 60  
C   "H5'"  H N N 61  
C   "H5''" H N N 62  
C   "H4'"  H N N 63  
C   "H3'"  H N N 64  
C   "HO3'" H N N 65  
C   "H2'"  H N N 66  
C   "HO2'" H N N 67  
C   "H1'"  H N N 68  
C   H41    H N N 69  
C   H42    H N N 70  
C   H5     H N N 71  
C   H6     H N N 72  
G   OP3    O N N 73  
G   P      P N N 74  
G   OP1    O N N 75  
G   OP2    O N N 76  
G   "O5'"  O N N 77  
G   "C5'"  C N N 78  
G   "C4'"  C N R 79  
G   "O4'"  O N N 80  
G   "C3'"  C N S 81  
G   "O3'"  O N N 82  
G   "C2'"  C N R 83  
G   "O2'"  O N N 84  
G   "C1'"  C N R 85  
G   N9     N Y N 86  
G   C8     C Y N 87  
G   N7     N Y N 88  
G   C5     C Y N 89  
G   C6     C N N 90  
G   O6     O N N 91  
G   N1     N N N 92  
G   C2     C N N 93  
G   N2     N N N 94  
G   N3     N N N 95  
G   C4     C Y N 96  
G   HOP3   H N N 97  
G   HOP2   H N N 98  
G   "H5'"  H N N 99  
G   "H5''" H N N 100 
G   "H4'"  H N N 101 
G   "H3'"  H N N 102 
G   "HO3'" H N N 103 
G   "H2'"  H N N 104 
G   "HO2'" H N N 105 
G   "H1'"  H N N 106 
G   H8     H N N 107 
G   H1     H N N 108 
G   H21    H N N 109 
G   H22    H N N 110 
HOH O      O N N 111 
HOH H1     H N N 112 
HOH H2     H N N 113 
SO4 S      S N N 114 
SO4 O1     O N N 115 
SO4 O2     O N N 116 
SO4 O3     O N N 117 
SO4 O4     O N N 118 
U   OP3    O N N 119 
U   P      P N N 120 
U   OP1    O N N 121 
U   OP2    O N N 122 
U   "O5'"  O N N 123 
U   "C5'"  C N N 124 
U   "C4'"  C N R 125 
U   "O4'"  O N N 126 
U   "C3'"  C N S 127 
U   "O3'"  O N N 128 
U   "C2'"  C N R 129 
U   "O2'"  O N N 130 
U   "C1'"  C N R 131 
U   N1     N N N 132 
U   C2     C N N 133 
U   O2     O N N 134 
U   N3     N N N 135 
U   C4     C N N 136 
U   O4     O N N 137 
U   C5     C N N 138 
U   C6     C N N 139 
U   HOP3   H N N 140 
U   HOP2   H N N 141 
U   "H5'"  H N N 142 
U   "H5''" H N N 143 
U   "H4'"  H N N 144 
U   "H3'"  H N N 145 
U   "HO3'" H N N 146 
U   "H2'"  H N N 147 
U   "HO2'" H N N 148 
U   "H1'"  H N N 149 
U   H3     H N N 150 
U   H5     H N N 151 
U   H6     H N N 152 
# 
loop_
_chem_comp_bond.comp_id 
_chem_comp_bond.atom_id_1 
_chem_comp_bond.atom_id_2 
_chem_comp_bond.value_order 
_chem_comp_bond.pdbx_aromatic_flag 
_chem_comp_bond.pdbx_stereo_config 
_chem_comp_bond.pdbx_ordinal 
A   OP3   P      sing N N 1   
A   OP3   HOP3   sing N N 2   
A   P     OP1    doub N N 3   
A   P     OP2    sing N N 4   
A   P     "O5'"  sing N N 5   
A   OP2   HOP2   sing N N 6   
A   "O5'" "C5'"  sing N N 7   
A   "C5'" "C4'"  sing N N 8   
A   "C5'" "H5'"  sing N N 9   
A   "C5'" "H5''" sing N N 10  
A   "C4'" "O4'"  sing N N 11  
A   "C4'" "C3'"  sing N N 12  
A   "C4'" "H4'"  sing N N 13  
A   "O4'" "C1'"  sing N N 14  
A   "C3'" "O3'"  sing N N 15  
A   "C3'" "C2'"  sing N N 16  
A   "C3'" "H3'"  sing N N 17  
A   "O3'" "HO3'" sing N N 18  
A   "C2'" "O2'"  sing N N 19  
A   "C2'" "C1'"  sing N N 20  
A   "C2'" "H2'"  sing N N 21  
A   "O2'" "HO2'" sing N N 22  
A   "C1'" N9     sing N N 23  
A   "C1'" "H1'"  sing N N 24  
A   N9    C8     sing Y N 25  
A   N9    C4     sing Y N 26  
A   C8    N7     doub Y N 27  
A   C8    H8     sing N N 28  
A   N7    C5     sing Y N 29  
A   C5    C6     sing Y N 30  
A   C5    C4     doub Y N 31  
A   C6    N6     sing N N 32  
A   C6    N1     doub Y N 33  
A   N6    H61    sing N N 34  
A   N6    H62    sing N N 35  
A   N1    C2     sing Y N 36  
A   C2    N3     doub Y N 37  
A   C2    H2     sing N N 38  
A   N3    C4     sing Y N 39  
C   OP3   P      sing N N 40  
C   OP3   HOP3   sing N N 41  
C   P     OP1    doub N N 42  
C   P     OP2    sing N N 43  
C   P     "O5'"  sing N N 44  
C   OP2   HOP2   sing N N 45  
C   "O5'" "C5'"  sing N N 46  
C   "C5'" "C4'"  sing N N 47  
C   "C5'" "H5'"  sing N N 48  
C   "C5'" "H5''" sing N N 49  
C   "C4'" "O4'"  sing N N 50  
C   "C4'" "C3'"  sing N N 51  
C   "C4'" "H4'"  sing N N 52  
C   "O4'" "C1'"  sing N N 53  
C   "C3'" "O3'"  sing N N 54  
C   "C3'" "C2'"  sing N N 55  
C   "C3'" "H3'"  sing N N 56  
C   "O3'" "HO3'" sing N N 57  
C   "C2'" "O2'"  sing N N 58  
C   "C2'" "C1'"  sing N N 59  
C   "C2'" "H2'"  sing N N 60  
C   "O2'" "HO2'" sing N N 61  
C   "C1'" N1     sing N N 62  
C   "C1'" "H1'"  sing N N 63  
C   N1    C2     sing N N 64  
C   N1    C6     sing N N 65  
C   C2    O2     doub N N 66  
C   C2    N3     sing N N 67  
C   N3    C4     doub N N 68  
C   C4    N4     sing N N 69  
C   C4    C5     sing N N 70  
C   N4    H41    sing N N 71  
C   N4    H42    sing N N 72  
C   C5    C6     doub N N 73  
C   C5    H5     sing N N 74  
C   C6    H6     sing N N 75  
G   OP3   P      sing N N 76  
G   OP3   HOP3   sing N N 77  
G   P     OP1    doub N N 78  
G   P     OP2    sing N N 79  
G   P     "O5'"  sing N N 80  
G   OP2   HOP2   sing N N 81  
G   "O5'" "C5'"  sing N N 82  
G   "C5'" "C4'"  sing N N 83  
G   "C5'" "H5'"  sing N N 84  
G   "C5'" "H5''" sing N N 85  
G   "C4'" "O4'"  sing N N 86  
G   "C4'" "C3'"  sing N N 87  
G   "C4'" "H4'"  sing N N 88  
G   "O4'" "C1'"  sing N N 89  
G   "C3'" "O3'"  sing N N 90  
G   "C3'" "C2'"  sing N N 91  
G   "C3'" "H3'"  sing N N 92  
G   "O3'" "HO3'" sing N N 93  
G   "C2'" "O2'"  sing N N 94  
G   "C2'" "C1'"  sing N N 95  
G   "C2'" "H2'"  sing N N 96  
G   "O2'" "HO2'" sing N N 97  
G   "C1'" N9     sing N N 98  
G   "C1'" "H1'"  sing N N 99  
G   N9    C8     sing Y N 100 
G   N9    C4     sing Y N 101 
G   C8    N7     doub Y N 102 
G   C8    H8     sing N N 103 
G   N7    C5     sing Y N 104 
G   C5    C6     sing N N 105 
G   C5    C4     doub Y N 106 
G   C6    O6     doub N N 107 
G   C6    N1     sing N N 108 
G   N1    C2     sing N N 109 
G   N1    H1     sing N N 110 
G   C2    N2     sing N N 111 
G   C2    N3     doub N N 112 
G   N2    H21    sing N N 113 
G   N2    H22    sing N N 114 
G   N3    C4     sing N N 115 
HOH O     H1     sing N N 116 
HOH O     H2     sing N N 117 
SO4 S     O1     doub N N 118 
SO4 S     O2     doub N N 119 
SO4 S     O3     sing N N 120 
SO4 S     O4     sing N N 121 
U   OP3   P      sing N N 122 
U   OP3   HOP3   sing N N 123 
U   P     OP1    doub N N 124 
U   P     OP2    sing N N 125 
U   P     "O5'"  sing N N 126 
U   OP2   HOP2   sing N N 127 
U   "O5'" "C5'"  sing N N 128 
U   "C5'" "C4'"  sing N N 129 
U   "C5'" "H5'"  sing N N 130 
U   "C5'" "H5''" sing N N 131 
U   "C4'" "O4'"  sing N N 132 
U   "C4'" "C3'"  sing N N 133 
U   "C4'" "H4'"  sing N N 134 
U   "O4'" "C1'"  sing N N 135 
U   "C3'" "O3'"  sing N N 136 
U   "C3'" "C2'"  sing N N 137 
U   "C3'" "H3'"  sing N N 138 
U   "O3'" "HO3'" sing N N 139 
U   "C2'" "O2'"  sing N N 140 
U   "C2'" "C1'"  sing N N 141 
U   "C2'" "H2'"  sing N N 142 
U   "O2'" "HO2'" sing N N 143 
U   "C1'" N1     sing N N 144 
U   "C1'" "H1'"  sing N N 145 
U   N1    C2     sing N N 146 
U   N1    C6     sing N N 147 
U   C2    O2     doub N N 148 
U   C2    N3     sing N N 149 
U   N3    C4     sing N N 150 
U   N3    H3     sing N N 151 
U   C4    O4     doub N N 152 
U   C4    C5     sing N N 153 
U   C5    C6     doub N N 154 
U   C5    H5     sing N N 155 
U   C6    H6     sing N N 156 
# 
loop_
_ndb_struct_conf_na.entry_id 
_ndb_struct_conf_na.feature 
4MCF 'double helix'        
4MCF 'a-form double helix' 
# 
loop_
_ndb_struct_na_base_pair.model_number 
_ndb_struct_na_base_pair.i_label_asym_id 
_ndb_struct_na_base_pair.i_label_comp_id 
_ndb_struct_na_base_pair.i_label_seq_id 
_ndb_struct_na_base_pair.i_symmetry 
_ndb_struct_na_base_pair.j_label_asym_id 
_ndb_struct_na_base_pair.j_label_comp_id 
_ndb_struct_na_base_pair.j_label_seq_id 
_ndb_struct_na_base_pair.j_symmetry 
_ndb_struct_na_base_pair.shear 
_ndb_struct_na_base_pair.stretch 
_ndb_struct_na_base_pair.stagger 
_ndb_struct_na_base_pair.buckle 
_ndb_struct_na_base_pair.propeller 
_ndb_struct_na_base_pair.opening 
_ndb_struct_na_base_pair.pair_number 
_ndb_struct_na_base_pair.pair_name 
_ndb_struct_na_base_pair.i_auth_asym_id 
_ndb_struct_na_base_pair.i_auth_seq_id 
_ndb_struct_na_base_pair.i_PDB_ins_code 
_ndb_struct_na_base_pair.j_auth_asym_id 
_ndb_struct_na_base_pair.j_auth_seq_id 
_ndb_struct_na_base_pair.j_PDB_ins_code 
_ndb_struct_na_base_pair.hbond_type_28 
_ndb_struct_na_base_pair.hbond_type_12 
1 B A 1  1_555 A U 10 1_555 -0.010 -0.030 0.012  -5.287 -10.511 3.063   1  D_A1:U10_C  D 1  ? C 10 ? 20 1 
1 B A 2  1_555 A U 9  1_555 -0.131 -0.190 -0.146 -4.085 -8.436  3.581   2  D_A2:U9_C   D 2  ? C 9  ? 20 1 
1 B G 3  1_555 A C 8  1_555 -0.286 -0.159 -0.173 -4.524 -10.855 -1.287  3  D_G3:C8_C   D 3  ? C 8  ? 19 1 
1 B A 4  1_555 A U 7  1_555 0.067  -0.133 -0.243 -2.722 -11.362 2.562   4  D_A4:U7_C   D 4  ? C 7  ? 20 1 
1 B C 5  1_555 A G 6  1_555 0.098  -0.190 0.119  -1.426 -8.588  -1.465  5  D_C5:G6_C   D 5  ? C 6  ? 19 1 
1 B U 6  1_555 A G 5  1_555 2.468  -0.651 -0.069 4.428  -13.649 -4.654  6  D_U6:G5_C   D 6  ? C 5  ? 28 1 
1 B G 7  1_555 A U 4  1_555 -2.339 -0.563 -0.003 -1.128 -10.134 0.980   7  D_G7:U4_C   D 7  ? C 4  ? 28 1 
1 B C 8  1_555 A G 3  1_555 0.326  -0.191 -0.098 7.341  -11.684 -1.328  8  D_C8:G3_C   D 8  ? C 3  ? 19 1 
1 B C 9  1_555 A A 2  1_555 0.495  -0.062 -0.029 -1.415 -15.064 3.175   9  D_C9:A2_C   D 9  ? C 2  ? ?  1 
1 B U 10 1_555 D U 10 1_555 1.499  -1.370 0.267  1.792  -22.051 3.932   10 D_U10:U10_B D 10 ? B 10 ? 16 1 
1 B G 11 1_555 D C 9  1_555 -0.442 -0.217 -0.025 1.455  -14.026 3.365   11 D_G11:C9_B  D 11 ? B 9  ? 19 1 
1 C G 3  1_555 D C 8  1_555 -0.296 -0.213 -0.194 -7.877 -12.628 -1.392  12 A_G3:C8_B   A 3  ? B 8  ? 19 1 
1 C U 4  1_555 D G 7  1_555 2.408  -0.583 -0.079 2.449  -8.582  0.242   13 A_U4:G7_B   A 4  ? B 7  ? 28 1 
1 C G 5  1_555 D U 6  1_555 -2.507 -0.739 -0.077 -4.052 -13.844 -4.552  14 A_G5:U6_B   A 5  ? B 6  ? 28 1 
1 C G 6  1_555 D C 5  1_555 -0.161 -0.221 0.073  1.233  -9.813  -1.281  15 A_G6:C5_B   A 6  ? B 5  ? 19 1 
1 C U 7  1_555 D A 4  1_555 -0.036 -0.154 -0.076 1.472  -11.005 2.503   16 A_U7:A4_B   A 7  ? B 4  ? 20 1 
1 C C 8  1_555 D G 3  1_555 0.298  -0.141 -0.113 6.446  -12.860 -1.400  17 A_C8:G3_B   A 8  ? B 3  ? 19 1 
1 C U 9  1_555 D A 2  1_555 0.093  -0.192 -0.106 4.357  -6.609  2.556   18 A_U9:A2_B   A 9  ? B 2  ? 20 1 
1 C U 10 1_555 D A 1  1_555 0.092  0.006  -0.141 7.536  -10.716 3.940   19 A_U10:A1_B  A 10 ? B 1  ? 20 1 
1 F A 1  1_555 E U 10 1_555 -0.008 -0.103 -0.064 -5.278 -14.334 0.656   20 F_A1:U10_E  F 1  ? E 10 ? 20 1 
1 F A 2  1_555 E U 9  1_555 -0.082 -0.172 0.045  -0.215 -15.746 2.924   21 F_A2:U9_E   F 2  ? E 9  ? 20 1 
1 F G 3  1_555 E C 8  1_555 -0.168 -0.066 0.019  -0.412 -14.272 1.590   22 F_G3:C8_E   F 3  ? E 8  ? 19 1 
1 F A 4  1_555 E U 7  1_555 0.321  0.062  0.182  4.497  -13.680 2.450   23 F_A4:U7_E   F 4  ? E 7  ? 20 1 
1 F C 5  1_555 E G 6  1_555 -0.014 -0.178 0.079  2.976  -16.639 -2.524  24 F_C5:G6_E   F 5  ? E 6  ? 19 1 
1 F U 6  1_555 E G 5  1_555 2.668  -0.644 0.105  2.342  -14.062 -3.185  25 F_U6:G5_E   F 6  ? E 5  ? 28 1 
1 F G 7  1_555 E U 4  1_555 -2.640 -0.667 0.036  -0.215 -10.547 -0.723  26 F_G7:U4_E   F 7  ? E 4  ? 28 1 
1 F C 8  1_555 E G 3  1_555 0.551  -0.270 -0.220 5.692  -16.803 -0.962  27 F_C8:G3_E   F 8  ? E 3  ? 19 1 
1 F C 9  1_555 E A 2  1_555 2.455  -0.291 0.049  -7.149 -13.509 1.521   28 F_C9:A2_E   F 9  ? E 2  ? ?  1 
1 F U 10 1_555 E C 1  1_555 2.483  -1.344 0.400  -4.961 -16.744 -5.334  29 F_U10:C1_E  F 10 ? E 1  ? ?  ? 
1 G C 1  1_555 H U 10 1_555 0.001  -0.438 -0.184 -3.995 -12.778 -26.084 30 G_C1:U10_H  G 1  ? H 10 ? ?  ? 
1 G A 2  1_555 H C 9  1_555 -2.844 -0.357 -0.087 3.577  -13.351 6.444   31 G_A2:C9_H   G 2  ? H 9  ? ?  1 
1 G G 3  1_555 H C 8  1_555 -0.440 -0.182 -0.105 -6.170 -16.586 1.721   32 G_G3:C8_H   G 3  ? H 8  ? 19 1 
1 G U 4  1_555 H G 7  1_555 2.516  -0.472 -0.054 1.353  -10.153 -1.251  33 G_U4:G7_H   G 4  ? H 7  ? 28 1 
1 G G 5  1_555 H U 6  1_555 -2.623 -0.729 0.095  -4.409 -14.280 -3.750  34 G_G5:U6_H   G 5  ? H 6  ? 28 1 
1 G G 6  1_555 H C 5  1_555 0.071  -0.193 0.206  -0.051 -14.845 -1.549  35 G_G6:C5_H   G 6  ? H 5  ? 19 1 
1 G U 7  1_555 H A 4  1_555 -0.562 0.029  0.179  -4.200 -15.035 5.151   36 G_U7:A4_H   G 7  ? H 4  ? 20 1 
1 G C 8  1_555 H G 3  1_555 0.108  -0.168 0.087  -1.269 -13.519 1.547   37 G_C8:G3_H   G 8  ? H 3  ? 19 1 
1 G U 9  1_555 H A 2  1_555 -0.027 -0.234 0.181  -0.812 -14.497 1.589   38 G_U9:A2_H   G 9  ? H 2  ? 20 1 
1 G U 10 1_555 H A 1  1_555 0.066  -0.117 -0.235 8.884  -13.912 1.108   39 G_U10:A1_H  G 10 ? H 1  ? 20 1 
# 
loop_
_ndb_struct_na_base_pair_step.model_number 
_ndb_struct_na_base_pair_step.i_label_asym_id_1 
_ndb_struct_na_base_pair_step.i_label_comp_id_1 
_ndb_struct_na_base_pair_step.i_label_seq_id_1 
_ndb_struct_na_base_pair_step.i_symmetry_1 
_ndb_struct_na_base_pair_step.j_label_asym_id_1 
_ndb_struct_na_base_pair_step.j_label_comp_id_1 
_ndb_struct_na_base_pair_step.j_label_seq_id_1 
_ndb_struct_na_base_pair_step.j_symmetry_1 
_ndb_struct_na_base_pair_step.i_label_asym_id_2 
_ndb_struct_na_base_pair_step.i_label_comp_id_2 
_ndb_struct_na_base_pair_step.i_label_seq_id_2 
_ndb_struct_na_base_pair_step.i_symmetry_2 
_ndb_struct_na_base_pair_step.j_label_asym_id_2 
_ndb_struct_na_base_pair_step.j_label_comp_id_2 
_ndb_struct_na_base_pair_step.j_label_seq_id_2 
_ndb_struct_na_base_pair_step.j_symmetry_2 
_ndb_struct_na_base_pair_step.shift 
_ndb_struct_na_base_pair_step.slide 
_ndb_struct_na_base_pair_step.rise 
_ndb_struct_na_base_pair_step.tilt 
_ndb_struct_na_base_pair_step.roll 
_ndb_struct_na_base_pair_step.twist 
_ndb_struct_na_base_pair_step.x_displacement 
_ndb_struct_na_base_pair_step.y_displacement 
_ndb_struct_na_base_pair_step.helical_rise 
_ndb_struct_na_base_pair_step.inclination 
_ndb_struct_na_base_pair_step.tip 
_ndb_struct_na_base_pair_step.helical_twist 
_ndb_struct_na_base_pair_step.step_number 
_ndb_struct_na_base_pair_step.step_name 
_ndb_struct_na_base_pair_step.i_auth_asym_id_1 
_ndb_struct_na_base_pair_step.i_auth_seq_id_1 
_ndb_struct_na_base_pair_step.i_PDB_ins_code_1 
_ndb_struct_na_base_pair_step.j_auth_asym_id_1 
_ndb_struct_na_base_pair_step.j_auth_seq_id_1 
_ndb_struct_na_base_pair_step.j_PDB_ins_code_1 
_ndb_struct_na_base_pair_step.i_auth_asym_id_2 
_ndb_struct_na_base_pair_step.i_auth_seq_id_2 
_ndb_struct_na_base_pair_step.i_PDB_ins_code_2 
_ndb_struct_na_base_pair_step.j_auth_asym_id_2 
_ndb_struct_na_base_pair_step.j_auth_seq_id_2 
_ndb_struct_na_base_pair_step.j_PDB_ins_code_2 
1 B A 1  1_555 A U 10 1_555 B A 2  1_555 A U 9  1_555 -0.826 -1.794 3.233 -0.961 5.564  31.889 -4.147  1.321  2.909  10.029  1.731 
32.372  1  DD_A1A2:U9U10_CC   D 1  ? C 10 ? D 2  ? C 9  ? 
1 B A 2  1_555 A U 9  1_555 B G 3  1_555 A C 8  1_555 0.079  -1.822 3.288 1.183  11.756 26.455 -5.972  0.076  2.288  24.211  
-2.436 28.931  2  DD_A2G3:C8U9_CC    D 2  ? C 9  ? D 3  ? C 8  ? 
1 B G 3  1_555 A C 8  1_555 B A 4  1_555 A U 7  1_555 0.765  -1.449 3.266 3.063  8.978  32.450 -3.878  -0.844 2.834  15.653  
-5.340 33.773  3  DD_G3A4:U7C8_CC    D 3  ? C 8  ? D 4  ? C 7  ? 
1 B A 4  1_555 A U 7  1_555 B C 5  1_555 A G 6  1_555 -0.258 -1.871 3.240 -2.603 2.524  32.049 -3.805  0.014  3.098  4.553   4.696 
32.249  4  DD_A4C5:G6U7_CC    D 4  ? C 7  ? D 5  ? C 6  ? 
1 B C 5  1_555 A G 6  1_555 B U 6  1_555 A G 5  1_555 0.053  -1.368 3.180 1.961  4.009  39.907 -2.428  0.135  3.033  5.851   
-2.862 40.145  5  DD_C5U6:G5G6_CC    D 5  ? C 6  ? D 6  ? C 5  ? 
1 B U 6  1_555 A G 5  1_555 B G 7  1_555 A U 4  1_555 -0.352 -2.604 3.034 -2.392 16.430 13.031 -10.960 0.404  -0.099 51.586  7.509 
21.078  6  DD_U6G7:U4G5_CC    D 6  ? C 5  ? D 7  ? C 4  ? 
1 B G 7  1_555 A U 4  1_555 B C 8  1_555 A G 3  1_555 0.006  -1.324 3.099 -1.426 6.170  40.635 -2.500  -0.151 2.874  8.819   2.038 
41.105  7  DD_G7C8:G3U4_CC    D 7  ? C 4  ? D 8  ? C 3  ? 
1 B C 8  1_555 A G 3  1_555 B C 9  1_555 A A 2  1_555 1.032  -1.612 3.409 4.908  9.774  35.468 -3.847  -0.964 2.988  15.593  
-7.830 37.064  8  DD_C8C9:A2G3_CC    D 8  ? C 3  ? D 9  ? C 2  ? 
1 B C 9  1_555 A A 2  1_555 B U 10 1_555 D U 10 1_555 0.029  -1.041 3.342 -0.050 4.045  38.024 -2.101  -0.051 3.218  6.187   0.076 
38.231  9  DD_C9U10:U10A2_BC  D 9  ? C 2  ? D 10 ? B 10 ? 
1 B U 10 1_555 D U 10 1_555 B G 11 1_555 D C 9  1_555 -0.168 -1.539 3.227 2.503  9.230  23.157 -6.008  1.053  2.413  21.836  
-5.922 25.029  10 DD_U10G11:C9U10_BB D 10 ? B 10 ? D 11 ? B 9  ? 
1 B G 11 1_555 D C 9  1_555 C G 3  1_555 D C 8  1_555 -1.062 -1.515 3.414 -4.821 9.656  35.563 -3.682  1.019  3.028  15.378  7.678 
37.113  11 DA_G11G3:C8C9_BB   D 11 ? B 9  ? A 3  ? B 8  ? 
1 C G 3  1_555 D C 8  1_555 C U 4  1_555 D G 7  1_555 0.019  -1.327 3.072 1.335  5.618  40.630 -2.452  0.106  2.870  8.041   
-1.911 41.021  12 AA_G3U4:G7C8_BB    A 3  ? B 8  ? A 4  ? B 7  ? 
1 C U 4  1_555 D G 7  1_555 C G 5  1_555 D U 6  1_555 0.390  -2.604 3.046 2.870  17.115 12.757 -10.767 -0.409 -0.199 53.204  
-8.923 21.509  13 AA_U4G5:U6G7_BB    A 4  ? B 7  ? A 5  ? B 6  ? 
1 C G 5  1_555 D U 6  1_555 C G 6  1_555 D C 5  1_555 -0.072 -1.316 3.196 -1.895 5.213  39.512 -2.502  -0.102 3.005  7.665   2.787 
39.884  14 AA_G5G6:C5U6_BB    A 5  ? B 6  ? A 6  ? B 5  ? 
1 C G 6  1_555 D C 5  1_555 C U 7  1_555 D A 4  1_555 0.238  -1.870 3.305 1.041  2.078  32.161 -3.734  -0.245 3.187  3.746   
-1.876 32.243  15 AA_G6U7:A4C5_BB    A 6  ? B 5  ? A 7  ? B 4  ? 
1 C U 7  1_555 D A 4  1_555 C C 8  1_555 D G 3  1_555 -0.756 -1.498 3.136 -2.545 8.196  32.084 -3.878  0.935  2.731  14.507  4.504 
33.182  16 AA_U7C8:G3A4_BB    A 7  ? B 4  ? A 8  ? B 3  ? 
1 C C 8  1_555 D G 3  1_555 C U 9  1_555 D A 2  1_555 -0.030 -1.830 3.332 -1.487 11.063 26.909 -5.855  -0.237 2.405  22.579  3.035 
29.093  17 AA_C8U9:A2G3_BB    A 8  ? B 3  ? A 9  ? B 2  ? 
1 C U 9  1_555 D A 2  1_555 C U 10 1_555 D A 1  1_555 0.855  -1.758 3.192 3.363  5.999  32.124 -4.079  -0.969 2.897  10.689  
-5.991 32.833  18 AA_U9U10:A1A2_BB   A 9  ? B 2  ? A 10 ? B 1  ? 
1 C U 10 1_555 D A 1  1_555 F A 1  1_555 E U 10 1_555 -0.229 -3.705 3.651 0.062  8.862  -9.541 1.052   -0.901 5.197  -42.975 0.303 
-13.015 19 AF_U10A1:U10A1_EB  A 10 ? B 1  ? F 1  ? E 10 ? 
1 F A 1  1_555 E U 10 1_555 F A 2  1_555 E U 9  1_555 -0.224 -1.250 3.057 -1.459 3.586  33.296 -2.708  0.169  2.918  6.231   2.535 
33.514  20 FF_A1A2:U9U10_EE   F 1  ? E 10 ? F 2  ? E 9  ? 
1 F A 2  1_555 E U 9  1_555 F G 3  1_555 E C 8  1_555 -0.128 -1.358 3.210 -0.230 7.293  33.223 -3.416  0.184  2.857  12.566  0.396 
33.993  21 FF_A2G3:C8U9_EE    F 2  ? E 9  ? F 3  ? E 8  ? 
1 F G 3  1_555 E C 8  1_555 F A 4  1_555 E U 7  1_555 -0.257 -1.267 3.053 -1.577 5.110  33.487 -2.918  0.211  2.843  8.799   2.716 
33.900  22 FF_G3A4:U7C8_EE    F 3  ? E 8  ? F 4  ? E 7  ? 
1 F A 4  1_555 E U 7  1_555 F C 5  1_555 E G 6  1_555 0.278  -1.622 3.229 3.086  5.520  31.364 -3.892  0.025  2.922  10.083  
-5.637 31.980  23 FF_A4C5:G6U7_EE    F 4  ? E 7  ? F 5  ? E 6  ? 
1 F C 5  1_555 E G 6  1_555 F U 6  1_555 E G 5  1_555 0.245  -1.260 3.323 2.061  8.611  42.270 -2.545  -0.134 3.029  11.786  
-2.821 43.146  24 FF_C5U6:G5G6_EE    F 5  ? E 6  ? F 6  ? E 5  ? 
1 F U 6  1_555 E G 5  1_555 F G 7  1_555 E U 4  1_555 -0.569 -2.663 2.687 -1.659 20.387 11.675 -9.032  1.193  -0.919 60.390  4.913 
23.521  25 FF_U6G7:U4G5_EE    F 6  ? E 5  ? F 7  ? E 4  ? 
1 F G 7  1_555 E U 4  1_555 F C 8  1_555 E G 3  1_555 -0.091 -1.175 3.058 -1.557 10.470 42.544 -2.470  -0.011 2.711  14.167  2.106 
43.782  26 FF_G7C8:G3U4_EE    F 7  ? E 4  ? F 8  ? E 3  ? 
1 F C 8  1_555 E G 3  1_555 F C 9  1_555 E A 2  1_555 0.625  -1.495 3.581 4.017  11.065 41.871 -3.148  -0.436 3.151  15.127  
-5.492 43.422  27 FF_C8C9:A2G3_EE    F 8  ? E 3  ? F 9  ? E 2  ? 
1 F C 9  1_555 E A 2  1_555 F U 10 1_555 E C 1  1_555 -0.330 -1.001 3.110 3.732  8.588  32.446 -2.992  1.118  2.711  14.984  
-6.512 33.735  28 FF_C9U10:C1A2_EE   F 9  ? E 2  ? F 10 ? E 1  ? 
1 F U 10 1_555 E C 1  1_555 G C 1  1_555 H U 10 1_555 -3.029 -3.809 2.966 2.422  5.584  19.997 -12.163 9.072  1.484  15.621  
-6.774 20.893  29 FG_U10C1:U10C1_HE  F 10 ? E 1  ? G 1  ? H 10 ? 
1 G C 1  1_555 H U 10 1_555 G A 2  1_555 H C 9  1_555 3.012  -1.419 3.269 -4.269 9.238  21.411 -5.995  -8.511 1.875  23.248  
10.744 23.681  30 GG_C1A2:C9U10_HH   G 1  ? H 10 ? G 2  ? H 9  ? 
1 G A 2  1_555 H C 9  1_555 G G 3  1_555 H C 8  1_555 -0.128 -1.289 3.545 -2.457 11.489 41.886 -2.896  -0.074 3.106  15.703  3.359 
43.431  31 GG_A2G3:C8C9_HH    G 2  ? H 9  ? G 3  ? H 8  ? 
1 G G 3  1_555 H C 8  1_555 G U 4  1_555 H G 7  1_555 0.008  -1.154 2.956 2.315  10.537 41.287 -2.504  0.190  2.596  14.645  
-3.217 42.614  32 GG_G3U4:G7C8_HH    G 3  ? H 8  ? G 4  ? H 7  ? 
1 G U 4  1_555 H G 7  1_555 G G 5  1_555 H U 6  1_555 0.509  -2.817 2.818 1.379  20.923 12.737 -9.172  -1.033 -0.894 58.934  
-3.884 24.497  33 GG_U4G5:U6G7_HH    G 4  ? H 7  ? G 5  ? H 6  ? 
1 G G 5  1_555 H U 6  1_555 G G 6  1_555 H C 5  1_555 -0.071 -1.192 3.159 -2.186 6.947  41.267 -2.348  -0.115 2.929  9.765   3.072 
41.877  34 GG_G5G6:C5U6_HH    G 5  ? H 6  ? G 6  ? H 5  ? 
1 G G 6  1_555 H C 5  1_555 G U 7  1_555 H A 4  1_555 -0.034 -1.562 3.243 -1.331 7.209  30.909 -4.098  -0.168 2.815  13.293  2.455 
31.745  35 GG_G6U7:A4C5_HH    G 6  ? H 5  ? G 7  ? H 4  ? 
1 G U 7  1_555 H A 4  1_555 G C 8  1_555 H G 3  1_555 -0.044 -1.187 3.149 0.502  5.146  34.511 -2.711  0.145  2.946  8.614   
-0.840 34.884  36 GG_U7C8:G3A4_HH    G 7  ? H 4  ? G 8  ? H 3  ? 
1 G C 8  1_555 H G 3  1_555 G U 9  1_555 H A 2  1_555 0.080  -1.354 3.169 -0.817 6.404  32.141 -3.425  -0.273 2.850  11.423  1.457 
32.766  37 GG_C8U9:A2G3_HH    G 8  ? H 3  ? G 9  ? H 2  ? 
1 G U 9  1_555 H A 2  1_555 G U 10 1_555 H A 1  1_555 0.296  -1.177 2.966 4.119  3.414  34.303 -2.441  0.068  2.855  5.745   
-6.931 34.705  38 GG_U9U10:A1A2_HH   G 9  ? H 2  ? G 10 ? H 1  ? 
# 
_atom_sites.entry_id                    4MCF 
_atom_sites.fract_transf_matrix[1][1]   -0.02396067 
_atom_sites.fract_transf_matrix[1][2]   0.00296629 
_atom_sites.fract_transf_matrix[1][3]   0.01130307 
_atom_sites.fract_transf_matrix[2][1]   -0.02190907 
_atom_sites.fract_transf_matrix[2][2]   0.00064271 
_atom_sites.fract_transf_matrix[2][3]   -0.01517504 
_atom_sites.fract_transf_matrix[3][1]   -0.00027928 
_atom_sites.fract_transf_matrix[3][2]   -0.00326539 
_atom_sites.fract_transf_matrix[3][3]   0.00026491 
_atom_sites.fract_transf_vector[1]      0.043919 
_atom_sites.fract_transf_vector[2]      -0.262227 
_atom_sites.fract_transf_vector[3]      -0.066600 
# 
loop_
_atom_type.symbol 
C 
N 
O 
P 
S 
# 
loop_
_atom_site.group_PDB 
_atom_site.id 
_atom_site.type_symbol 
_atom_site.label_atom_id 
_atom_site.label_alt_id 
_atom_site.label_comp_id 
_atom_site.label_asym_id 
_atom_site.label_entity_id 
_atom_site.label_seq_id 
_atom_site.pdbx_PDB_ins_code 
_atom_site.Cartn_x 
_atom_site.Cartn_y 
_atom_site.Cartn_z 
_atom_site.occupancy 
_atom_site.B_iso_or_equiv 
_atom_site.pdbx_formal_charge 
_atom_site.auth_seq_id 
_atom_site.auth_comp_id 
_atom_site.auth_asym_id 
_atom_site.auth_atom_id 
_atom_site.pdbx_PDB_model_num 
ATOM   1    P P     . A   A 1 2  ? 7.298   -30.651 0.260   1.00 85.22  ? 2   A   C P     1 
ATOM   2    O OP1   . A   A 1 2  ? 8.080   -29.415 0.538   1.00 68.53  ? 2   A   C OP1   1 
ATOM   3    O OP2   . A   A 1 2  ? 7.601   -31.892 1.025   1.00 67.65  ? 2   A   C OP2   1 
ATOM   4    O "O5'" . A   A 1 2  ? 5.740   -30.305 0.386   1.00 72.62  ? 2   A   C "O5'" 1 
ATOM   5    C "C5'" . A   A 1 2  ? 4.843   -31.146 1.109   1.00 56.24  ? 2   A   C "C5'" 1 
ATOM   6    C "C4'" . A   A 1 2  ? 4.349   -30.480 2.374   1.00 47.17  ? 2   A   C "C4'" 1 
ATOM   7    O "O4'" . A   A 1 2  ? 3.267   -29.553 2.118   1.00 35.77  ? 2   A   C "O4'" 1 
ATOM   8    C "C3'" . A   A 1 2  ? 3.787   -31.367 3.473   1.00 46.13  ? 2   A   C "C3'" 1 
ATOM   9    O "O3'" . A   A 1 2  ? 4.812   -32.064 4.165   1.00 49.99  ? 2   A   C "O3'" 1 
ATOM   10   C "C2'" . A   A 1 2  ? 3.054   -30.353 4.357   1.00 41.55  ? 2   A   C "C2'" 1 
ATOM   11   O "O2'" . A   A 1 2  ? 3.963   -29.729 5.253   1.00 51.69  ? 2   A   C "O2'" 1 
ATOM   12   C "C1'" . A   A 1 2  ? 2.602   -29.295 3.336   1.00 33.82  ? 2   A   C "C1'" 1 
ATOM   13   N N9    . A   A 1 2  ? 1.130   -29.203 3.176   1.00 34.33  ? 2   A   C N9    1 
ATOM   14   C C8    . A   A 1 2  ? 0.279   -29.615 2.179   1.00 34.86  ? 2   A   C C8    1 
ATOM   15   N N7    . A   A 1 2  ? -0.986  -29.329 2.419   1.00 30.57  ? 2   A   C N7    1 
ATOM   16   C C5    . A   A 1 2  ? -0.963  -28.682 3.647   1.00 27.84  ? 2   A   C C5    1 
ATOM   17   C C6    . A   A 1 2  ? -1.964  -28.123 4.464   1.00 24.77  ? 2   A   C C6    1 
ATOM   18   N N6    . A   A 1 2  ? -3.264  -28.128 4.152   1.00 18.26  ? 2   A   C N6    1 
ATOM   19   N N1    . A   A 1 2  ? -1.585  -27.555 5.637   1.00 19.65  ? 2   A   C N1    1 
ATOM   20   C C2    . A   A 1 2  ? -0.288  -27.550 5.984   1.00 21.42  ? 2   A   C C2    1 
ATOM   21   N N3    . A   A 1 2  ? 0.736   -28.039 5.281   1.00 29.20  ? 2   A   C N3    1 
ATOM   22   C C4    . A   A 1 2  ? 0.332   -28.600 4.123   1.00 25.56  ? 2   A   C C4    1 
ATOM   23   P P     . G   A 1 3  ? 4.489   -33.314 5.137   1.00 90.75  ? 3   G   C P     1 
ATOM   24   O OP1   . G   A 1 3  ? 5.817   -33.799 5.635   1.00 40.32  ? 3   G   C OP1   1 
ATOM   25   O OP2   . G   A 1 3  ? 3.513   -34.227 4.473   1.00 68.89  ? 3   G   C OP2   1 
ATOM   26   O "O5'" . G   A 1 3  ? 3.780   -32.673 6.413   1.00 47.68  ? 3   G   C "O5'" 1 
ATOM   27   C "C5'" . G   A 1 3  ? 4.515   -32.519 7.614   1.00 33.59  ? 3   G   C "C5'" 1 
ATOM   28   C "C4'" . G   A 1 3  ? 3.694   -31.915 8.724   1.00 22.22  ? 3   G   C "C4'" 1 
ATOM   29   O "O4'" . G   A 1 3  ? 2.931   -30.783 8.248   1.00 21.56  ? 3   G   C "O4'" 1 
ATOM   30   C "C3'" . G   A 1 3  ? 2.648   -32.793 9.378   1.00 19.73  ? 3   G   C "C3'" 1 
ATOM   31   O "O3'" . G   A 1 3  ? 3.215   -33.727 10.269  1.00 21.34  ? 3   G   C "O3'" 1 
ATOM   32   C "C2'" . G   A 1 3  ? 1.789   -31.762 10.086  1.00 19.15  ? 3   G   C "C2'" 1 
ATOM   33   O "O2'" . G   A 1 3  ? 2.479   -31.299 11.241  1.00 20.01  ? 3   G   C "O2'" 1 
ATOM   34   C "C1'" . G   A 1 3  ? 1.777   -30.632 9.048   1.00 20.63  ? 3   G   C "C1'" 1 
ATOM   35   N N9    . G   A 1 3  ? 0.586   -30.689 8.183   1.00 17.58  ? 3   G   C N9    1 
ATOM   36   C C8    . G   A 1 3  ? 0.510   -31.062 6.865   1.00 23.86  ? 3   G   C C8    1 
ATOM   37   N N7    . G   A 1 3  ? -0.705  -31.003 6.383   1.00 21.29  ? 3   G   C N7    1 
ATOM   38   C C5    . G   A 1 3  ? -1.475  -30.558 7.445   1.00 19.84  ? 3   G   C C5    1 
ATOM   39   C C6    . G   A 1 3  ? -2.868  -30.302 7.517   1.00 18.22  ? 3   G   C C6    1 
ATOM   40   O O6    . G   A 1 3  ? -3.707  -30.433 6.618   1.00 16.85  ? 3   G   C O6    1 
ATOM   41   N N1    . G   A 1 3  ? -3.250  -29.870 8.777   1.00 14.74  ? 3   G   C N1    1 
ATOM   42   C C2    . G   A 1 3  ? -2.386  -29.705 9.827   1.00 16.19  ? 3   G   C C2    1 
ATOM   43   N N2    . G   A 1 3  ? -2.939  -29.292 10.967  1.00 15.91  ? 3   G   C N2    1 
ATOM   44   N N3    . G   A 1 3  ? -1.083  -29.942 9.783   1.00 19.07  ? 3   G   C N3    1 
ATOM   45   C C4    . G   A 1 3  ? -0.698  -30.364 8.563   1.00 22.84  ? 3   G   C C4    1 
ATOM   46   P P     . U   A 1 4  ? 2.550   -35.171 10.421  1.00 23.53  ? 4   U   C P     1 
ATOM   47   O OP1   . U   A 1 4  ? 3.423   -35.938 11.348  1.00 21.30  ? 4   U   C OP1   1 
ATOM   48   O OP2   . U   A 1 4  ? 2.228   -35.671 9.064   1.00 20.99  ? 4   U   C OP2   1 
ATOM   49   O "O5'" . U   A 1 4  ? 1.171   -34.883 11.154  1.00 23.01  ? 4   U   C "O5'" 1 
ATOM   50   C "C5'" . U   A 1 4  ? 1.140   -34.304 12.444  1.00 16.98  ? 4   U   C "C5'" 1 
ATOM   51   C "C4'" . U   A 1 4  ? -0.280  -34.063 12.871  1.00 14.41  ? 4   U   C "C4'" 1 
ATOM   52   O "O4'" . U   A 1 4  ? -0.858  -32.958 12.123  1.00 15.35  ? 4   U   C "O4'" 1 
ATOM   53   C "C3'" . U   A 1 4  ? -1.234  -35.209 12.615  1.00 15.56  ? 4   U   C "C3'" 1 
ATOM   54   O "O3'" . U   A 1 4  ? -1.085  -36.258 13.559  1.00 13.92  ? 4   U   C "O3'" 1 
ATOM   55   C "C2'" . U   A 1 4  ? -2.589  -34.500 12.618  1.00 15.25  ? 4   U   C "C2'" 1 
ATOM   56   O "O2'" . U   A 1 4  ? -2.975  -34.152 13.947  1.00 13.25  ? 4   U   C "O2'" 1 
ATOM   57   C "C1'" . U   A 1 4  ? -2.230  -33.208 11.884  1.00 15.57  ? 4   U   C "C1'" 1 
ATOM   58   N N1    . U   A 1 4  ? -2.464  -33.351 10.427  1.00 15.32  ? 4   U   C N1    1 
ATOM   59   C C2    . U   A 1 4  ? -3.729  -33.015 9.977   1.00 14.99  ? 4   U   C C2    1 
ATOM   60   O O2    . U   A 1 4  ? -4.606  -32.593 10.715  1.00 15.82  ? 4   U   C O2    1 
ATOM   61   N N3    . U   A 1 4  ? -3.947  -33.179 8.631   1.00 13.96  ? 4   U   C N3    1 
ATOM   62   C C4    . U   A 1 4  ? -3.054  -33.646 7.695   1.00 17.45  ? 4   U   C C4    1 
ATOM   63   O O4    . U   A 1 4  ? -3.409  -33.734 6.503   1.00 13.71  ? 4   U   C O4    1 
ATOM   64   C C5    . U   A 1 4  ? -1.764  -33.981 8.231   1.00 17.58  ? 4   U   C C5    1 
ATOM   65   C C6    . U   A 1 4  ? -1.514  -33.834 9.540   1.00 15.62  ? 4   U   C C6    1 
ATOM   66   P P     . G   A 1 5  ? -1.779  -37.674 13.278  1.00 18.54  ? 5   G   C P     1 
ATOM   67   O OP1   . G   A 1 5  ? -1.315  -38.637 14.321  1.00 18.37  ? 5   G   C OP1   1 
ATOM   68   O OP2   . G   A 1 5  ? -1.642  -38.072 11.858  1.00 11.62  ? 5   G   C OP2   1 
ATOM   69   O "O5'" . G   A 1 5  ? -3.298  -37.246 13.455  1.00 18.13  ? 5   G   C "O5'" 1 
ATOM   70   C "C5'" . G   A 1 5  ? -4.336  -38.149 13.635  1.00 16.54  ? 5   G   C "C5'" 1 
ATOM   71   C "C4'" . G   A 1 5  ? -5.639  -37.418 13.840  1.00 13.78  ? 5   G   C "C4'" 1 
ATOM   72   O "O4'" . G   A 1 5  ? -5.668  -36.118 13.181  1.00 13.01  ? 5   G   C "O4'" 1 
ATOM   73   C "C3'" . G   A 1 5  ? -6.809  -38.146 13.246  1.00 16.02  ? 5   G   C "C3'" 1 
ATOM   74   O "O3'" . G   A 1 5  ? -7.175  -39.240 14.054  1.00 12.21  ? 5   G   C "O3'" 1 
ATOM   75   C "C2'" . G   A 1 5  ? -7.855  -37.049 13.132  1.00 13.61  ? 5   G   C "C2'" 1 
ATOM   76   O "O2'" . G   A 1 5  ? -8.398  -36.763 14.407  1.00 13.83  ? 5   G   C "O2'" 1 
ATOM   77   C "C1'" . G   A 1 5  ? -6.982  -35.868 12.692  1.00 14.22  ? 5   G   C "C1'" 1 
ATOM   78   N N9    . G   A 1 5  ? -6.946  -35.772 11.208  1.00 16.05  ? 5   G   C N9    1 
ATOM   79   C C8    . G   A 1 5  ? -5.863  -35.944 10.366  1.00 15.77  ? 5   G   C C8    1 
ATOM   80   N N7    . G   A 1 5  ? -6.168  -35.804 9.090   1.00 13.47  ? 5   G   C N7    1 
ATOM   81   C C5    . G   A 1 5  ? -7.527  -35.518 9.078   1.00 12.29  ? 5   G   C C5    1 
ATOM   82   C C6    . G   A 1 5  ? -8.399  -35.279 7.986   1.00 15.66  ? 5   G   C C6    1 
ATOM   83   O O6    . G   A 1 5  ? -8.117  -35.262 6.773   1.00 14.92  ? 5   G   C O6    1 
ATOM   84   N N1    . G   A 1 5  ? -9.712  -35.039 8.409   1.00 12.52  ? 5   G   C N1    1 
ATOM   85   C C2    . G   A 1 5  ? -10.105 -35.032 9.724   1.00 12.93  ? 5   G   C C2    1 
ATOM   86   N N2    . G   A 1 5  ? -11.400 -34.793 9.949   1.00 12.28  ? 5   G   C N2    1 
ATOM   87   N N3    . G   A 1 5  ? -9.285  -35.244 10.752  1.00 12.53  ? 5   G   C N3    1 
ATOM   88   C C4    . G   A 1 5  ? -8.019  -35.504 10.371  1.00 13.34  ? 5   G   C C4    1 
ATOM   89   P P     . G   A 1 6  ? -7.297  -40.689 13.387  1.00 14.68  ? 6   G   C P     1 
ATOM   90   O OP1   . G   A 1 6  ? -7.437  -41.598 14.558  1.00 14.17  ? 6   G   C OP1   1 
ATOM   91   O OP2   . G   A 1 6  ? -6.228  -40.953 12.397  1.00 15.14  ? 6   G   C OP2   1 
ATOM   92   O "O5'" . G   A 1 6  ? -8.690  -40.600 12.624  1.00 16.77  ? 6   G   C "O5'" 1 
ATOM   93   C "C5'" . G   A 1 6  ? -9.885  -40.472 13.381  1.00 15.71  ? 6   G   C "C5'" 1 
ATOM   94   C "C4'" . G   A 1 6  ? -11.045 -40.024 12.527  1.00 13.61  ? 6   G   C "C4'" 1 
ATOM   95   O "O4'" . G   A 1 6  ? -10.734 -38.767 11.883  1.00 13.05  ? 6   G   C "O4'" 1 
ATOM   96   C "C3'" . G   A 1 6  ? -11.417 -40.918 11.365  1.00 16.26  ? 6   G   C "C3'" 1 
ATOM   97   O "O3'" . G   A 1 6  ? -12.129 -42.060 11.776  1.00 15.18  ? 6   G   C "O3'" 1 
ATOM   98   C "C2'" . G   A 1 6  ? -12.222 -39.960 10.498  1.00 14.59  ? 6   G   C "C2'" 1 
ATOM   99   O "O2'" . G   A 1 6  ? -13.480 -39.675 11.102  1.00 13.96  ? 6   G   C "O2'" 1 
ATOM   100  C "C1'" . G   A 1 6  ? -11.370 -38.707 10.626  1.00 13.18  ? 6   G   C "C1'" 1 
ATOM   101  N N9    . G   A 1 6  ? -10.338 -38.655 9.582   1.00 13.06  ? 6   G   C N9    1 
ATOM   102  C C8    . G   A 1 6  ? -8.993  -38.916 9.708   1.00 13.91  ? 6   G   C C8    1 
ATOM   103  N N7    . G   A 1 6  ? -8.359  -38.792 8.571   1.00 17.92  ? 6   G   C N7    1 
ATOM   104  C C5    . G   A 1 6  ? -9.355  -38.473 7.655   1.00 13.70  ? 6   G   C C5    1 
ATOM   105  C C6    . G   A 1 6  ? -9.255  -38.237 6.268   1.00 16.62  ? 6   G   C C6    1 
ATOM   106  O O6    . G   A 1 6  ? -8.234  -38.272 5.572   1.00 13.21  ? 6   G   C O6    1 
ATOM   107  N N1    . G   A 1 6  ? -10.490 -37.933 5.724   1.00 14.60  ? 6   G   C N1    1 
ATOM   108  C C2    . G   A 1 6  ? -11.688 -37.871 6.394   1.00 12.63  ? 6   G   C C2    1 
ATOM   109  N N2    . G   A 1 6  ? -12.746 -37.564 5.624   1.00 15.27  ? 6   G   C N2    1 
ATOM   110  N N3    . G   A 1 6  ? -11.801 -38.092 7.708   1.00 14.38  ? 6   G   C N3    1 
ATOM   111  C C4    . G   A 1 6  ? -10.589 -38.388 8.257   1.00 11.60  ? 6   G   C C4    1 
ATOM   112  P P     . U   A 1 7  ? -12.163 -43.381 10.874  1.00 18.61  ? 7   U   C P     1 
ATOM   113  O OP1   . U   A 1 7  ? -12.926 -44.359 11.691  1.00 18.32  ? 7   U   C OP1   1 
ATOM   114  O OP2   . U   A 1 7  ? -10.830 -43.710 10.341  1.00 16.53  ? 7   U   C OP2   1 
ATOM   115  O "O5'" . U   A 1 7  ? -13.004 -42.959 9.594   1.00 17.12  ? 7   U   C "O5'" 1 
ATOM   116  C "C5'" . U   A 1 7  ? -14.364 -42.556 9.694   1.00 17.95  ? 7   U   C "C5'" 1 
ATOM   117  C "C4'" . U   A 1 7  ? -14.893 -42.142 8.340   1.00 17.10  ? 7   U   C "C4'" 1 
ATOM   118  O "O4'" . U   A 1 7  ? -14.138 -41.009 7.830   1.00 18.94  ? 7   U   C "O4'" 1 
ATOM   119  C "C3'" . U   A 1 7  ? -14.761 -43.182 7.242   1.00 18.30  ? 7   U   C "C3'" 1 
ATOM   120  O "O3'" . U   A 1 7  ? -15.778 -44.157 7.313   1.00 18.56  ? 7   U   C "O3'" 1 
ATOM   121  C "C2'" . U   A 1 7  ? -14.813 -42.330 5.985   1.00 13.04  ? 7   U   C "C2'" 1 
ATOM   122  O "O2'" . U   A 1 7  ? -16.138 -41.879 5.769   1.00 17.00  ? 7   U   C "O2'" 1 
ATOM   123  C "C1'" . U   A 1 7  ? -14.005 -41.111 6.430   1.00 13.59  ? 7   U   C "C1'" 1 
ATOM   124  N N1    . U   A 1 7  ? -12.565 -41.214 6.100   1.00 14.06  ? 7   U   C N1    1 
ATOM   125  C C2    . U   A 1 7  ? -12.187 -40.887 4.811   1.00 16.63  ? 7   U   C C2    1 
ATOM   126  O O2    . U   A 1 7  ? -13.006 -40.536 3.960   1.00 15.18  ? 7   U   C O2    1 
ATOM   127  N N3    . U   A 1 7  ? -10.830 -40.972 4.561   1.00 15.49  ? 7   U   C N3    1 
ATOM   128  C C4    . U   A 1 7  ? -9.853  -41.355 5.475   1.00 16.51  ? 7   U   C C4    1 
ATOM   129  O O4    . U   A 1 7  ? -8.675  -41.401 5.154   1.00 17.64  ? 7   U   C O4    1 
ATOM   130  C C5    . U   A 1 7  ? -10.329 -41.683 6.784   1.00 16.97  ? 7   U   C C5    1 
ATOM   131  C C6    . U   A 1 7  ? -11.634 -41.590 7.041   1.00 13.64  ? 7   U   C C6    1 
ATOM   132  P P     . C   A 1 8  ? -15.541 -45.622 6.719   1.00 22.73  ? 8   C   C P     1 
ATOM   133  O OP1   . C   A 1 8  ? -16.712 -46.407 7.166   1.00 21.17  ? 8   C   C OP1   1 
ATOM   134  O OP2   . C   A 1 8  ? -14.151 -46.071 7.002   1.00 16.05  ? 8   C   C OP2   1 
ATOM   135  O "O5'" . C   A 1 8  ? -15.639 -45.433 5.140   1.00 17.03  ? 8   C   C "O5'" 1 
ATOM   136  C "C5'" . C   A 1 8  ? -16.848 -45.053 4.518   1.00 20.68  ? 8   C   C "C5'" 1 
ATOM   137  C "C4'" . C   A 1 8  ? -16.642 -44.825 3.041   1.00 19.56  ? 8   C   C "C4'" 1 
ATOM   138  O "O4'" . C   A 1 8  ? -15.739 -43.708 2.848   1.00 17.07  ? 8   C   C "O4'" 1 
ATOM   139  C "C3'" . C   A 1 8  ? -15.986 -45.959 2.271   1.00 19.02  ? 8   C   C "C3'" 1 
ATOM   140  O "O3'" . C   A 1 8  ? -16.889 -46.988 1.916   1.00 19.44  ? 8   C   C "O3'" 1 
ATOM   141  C "C2'" . C   A 1 8  ? -15.389 -45.235 1.071   1.00 15.54  ? 8   C   C "C2'" 1 
ATOM   142  O "O2'" . C   A 1 8  ? -16.409 -44.876 0.149   1.00 17.13  ? 8   C   C "O2'" 1 
ATOM   143  C "C1'" . C   A 1 8  ? -14.919 -43.944 1.722   1.00 15.87  ? 8   C   C "C1'" 1 
ATOM   144  N N1    . C   A 1 8  ? -13.523 -44.018 2.176   1.00 14.60  ? 8   C   C N1    1 
ATOM   145  C C2    . C   A 1 8  ? -12.524 -43.803 1.220   1.00 19.14  ? 8   C   C C2    1 
ATOM   146  O O2    . C   A 1 8  ? -12.861 -43.613 0.041   1.00 15.26  ? 8   C   C O2    1 
ATOM   147  N N3    . C   A 1 8  ? -11.231 -43.829 1.603   1.00 13.69  ? 8   C   C N3    1 
ATOM   148  C C4    . C   A 1 8  ? -10.944 -44.055 2.889   1.00 15.00  ? 8   C   C C4    1 
ATOM   149  N N4    . C   A 1 8  ? -9.659  -44.078 3.231   1.00 15.96  ? 8   C   C N4    1 
ATOM   150  C C5    . C   A 1 8  ? -11.947 -44.279 3.887   1.00 16.31  ? 8   C   C C5    1 
ATOM   151  C C6    . C   A 1 8  ? -13.220 -44.245 3.485   1.00 17.33  ? 8   C   C C6    1 
ATOM   152  P P     . U   A 1 9  ? -16.370 -48.498 1.885   1.00 23.05  ? 9   U   C P     1 
ATOM   153  O OP1   . U   A 1 9  ? -17.591 -49.330 1.666   1.00 24.12  ? 9   U   C OP1   1 
ATOM   154  O OP2   . U   A 1 9  ? -15.512 -48.756 3.070   1.00 21.79  ? 9   U   C OP2   1 
ATOM   155  O "O5'" . U   A 1 9  ? -15.412 -48.535 0.607   1.00 18.14  ? 9   U   C "O5'" 1 
ATOM   156  C "C5'" . U   A 1 9  ? -15.951 -48.391 -0.704  1.00 21.23  ? 9   U   C "C5'" 1 
ATOM   157  C "C4'" . U   A 1 9  ? -14.880 -48.388 -1.767  1.00 19.75  ? 9   U   C "C4'" 1 
ATOM   158  O "O4'" . U   A 1 9  ? -14.021 -47.227 -1.619  1.00 16.52  ? 9   U   C "O4'" 1 
ATOM   159  C "C3'" . U   A 1 9  ? -13.909 -49.553 -1.753  1.00 21.53  ? 9   U   C "C3'" 1 
ATOM   160  O "O3'" . U   A 1 9  ? -14.452 -50.731 -2.310  1.00 23.68  ? 9   U   C "O3'" 1 
ATOM   161  C "C2'" . U   A 1 9  ? -12.728 -48.991 -2.532  1.00 22.76  ? 9   U   C "C2'" 1 
ATOM   162  O "O2'" . U   A 1 9  ? -13.008 -48.961 -3.929  1.00 17.93  ? 9   U   C "O2'" 1 
ATOM   163  C "C1'" . U   A 1 9  ? -12.709 -47.549 -2.025  1.00 21.38  ? 9   U   C "C1'" 1 
ATOM   164  N N1    . U   A 1 9  ? -11.788 -47.376 -0.880  1.00 18.58  ? 9   U   C N1    1 
ATOM   165  C C2    . U   A 1 9  ? -10.475 -47.202 -1.222  1.00 21.39  ? 9   U   C C2    1 
ATOM   166  O O2    . U   A 1 9  ? -10.136 -47.194 -2.402  1.00 19.37  ? 9   U   C O2    1 
ATOM   167  N N3    . U   A 1 9  ? -9.604  -47.042 -0.164  1.00 15.70  ? 9   U   C N3    1 
ATOM   168  C C4    . U   A 1 9  ? -9.945  -47.038 1.178   1.00 16.47  ? 9   U   C C4    1 
ATOM   169  O O4    . U   A 1 9  ? -9.067  -46.872 2.028   1.00 14.54  ? 9   U   C O4    1 
ATOM   170  C C5    . U   A 1 9  ? -11.339 -47.222 1.446   1.00 18.58  ? 9   U   C C5    1 
ATOM   171  C C6    . U   A 1 9  ? -12.201 -47.383 0.435   1.00 19.35  ? 9   U   C C6    1 
ATOM   172  P P     . U   A 1 10 ? -13.934 -52.172 -1.827  1.00 25.63  ? 10  U   C P     1 
ATOM   173  O OP1   . U   A 1 10 ? -14.708 -53.160 -2.611  1.00 22.34  ? 10  U   C OP1   1 
ATOM   174  O OP2   . U   A 1 10 ? -13.903 -52.255 -0.353  1.00 24.79  ? 10  U   C OP2   1 
ATOM   175  O "O5'" . U   A 1 10 ? -12.433 -52.232 -2.349  1.00 22.56  ? 10  U   C "O5'" 1 
ATOM   176  C "C5'" . U   A 1 10 ? -12.152 -52.347 -3.734  1.00 25.61  ? 10  U   C "C5'" 1 
ATOM   177  C "C4'" . U   A 1 10 ? -10.687 -52.136 -4.015  1.00 24.86  ? 10  U   C "C4'" 1 
ATOM   178  O "O4'" . U   A 1 10 ? -10.239 -50.887 -3.422  1.00 24.25  ? 10  U   C "O4'" 1 
ATOM   179  C "C3'" . U   A 1 10 ? -9.731  -53.170 -3.444  1.00 23.44  ? 10  U   C "C3'" 1 
ATOM   180  O "O3'" . U   A 1 10 ? -9.681  -54.364 -4.212  1.00 29.61  ? 10  U   C "O3'" 1 
ATOM   181  C "C2'" . U   A 1 10 ? -8.411  -52.410 -3.427  1.00 29.65  ? 10  U   C "C2'" 1 
ATOM   182  O "O2'" . U   A 1 10 ? -7.849  -52.347 -4.733  1.00 26.90  ? 10  U   C "O2'" 1 
ATOM   183  C "C1'" . U   A 1 10 ? -8.880  -51.001 -3.046  1.00 25.31  ? 10  U   C "C1'" 1 
ATOM   184  N N1    . U   A 1 10 ? -8.727  -50.740 -1.592  1.00 20.95  ? 10  U   C N1    1 
ATOM   185  C C2    . U   A 1 10 ? -7.441  -50.419 -1.188  1.00 22.99  ? 10  U   C C2    1 
ATOM   186  O O2    . U   A 1 10 ? -6.518  -50.357 -1.986  1.00 21.98  ? 10  U   C O2    1 
ATOM   187  N N3    . U   A 1 10 ? -7.266  -50.189 0.156   1.00 19.34  ? 10  U   C N3    1 
ATOM   188  C C4    . U   A 1 10 ? -8.249  -50.233 1.120   1.00 21.41  ? 10  U   C C4    1 
ATOM   189  O O4    . U   A 1 10 ? -7.947  -49.996 2.288   1.00 20.43  ? 10  U   C O4    1 
ATOM   190  C C5    . U   A 1 10 ? -9.562  -50.570 0.632   1.00 17.40  ? 10  U   C C5    1 
ATOM   191  C C6    . U   A 1 10 ? -9.749  -50.815 -0.673  1.00 21.88  ? 10  U   C C6    1 
ATOM   192  O "O5'" . A   B 2 1  ? 1.926   -46.934 3.610   1.00 23.65  ? 1   A   D "O5'" 1 
ATOM   193  C "C5'" . A   B 2 1  ? 2.993   -47.501 2.870   1.00 20.98  ? 1   A   D "C5'" 1 
ATOM   194  C "C4'" . A   B 2 1  ? 2.485   -48.198 1.628   1.00 18.88  ? 1   A   D "C4'" 1 
ATOM   195  O "O4'" . A   B 2 1  ? 1.677   -49.341 2.011   1.00 25.10  ? 1   A   D "O4'" 1 
ATOM   196  C "C3'" . A   B 2 1  ? 1.564   -47.383 0.729   1.00 19.05  ? 1   A   D "C3'" 1 
ATOM   197  O "O3'" . A   B 2 1  ? 2.267   -46.518 -0.139  1.00 20.92  ? 1   A   D "O3'" 1 
ATOM   198  C "C2'" . A   B 2 1  ? 0.778   -48.465 0.010   1.00 20.92  ? 1   A   D "C2'" 1 
ATOM   199  O "O2'" . A   B 2 1  ? 1.579   -49.083 -0.981  1.00 19.05  ? 1   A   D "O2'" 1 
ATOM   200  C "C1'" . A   B 2 1  ? 0.586   -49.476 1.132   1.00 18.73  ? 1   A   D "C1'" 1 
ATOM   201  N N9    . A   B 2 1  ? -0.668  -49.258 1.890   1.00 21.01  ? 1   A   D N9    1 
ATOM   202  C C8    . A   B 2 1  ? -0.831  -48.893 3.208   1.00 18.11  ? 1   A   D C8    1 
ATOM   203  N N7    . A   B 2 1  ? -2.080  -48.832 3.595   1.00 19.65  ? 1   A   D N7    1 
ATOM   204  C C5    . A   B 2 1  ? -2.803  -49.190 2.465   1.00 19.71  ? 1   A   D C5    1 
ATOM   205  C C6    . A   B 2 1  ? -4.182  -49.306 2.210   1.00 19.71  ? 1   A   D C6    1 
ATOM   206  N N6    . A   B 2 1  ? -5.140  -49.076 3.121   1.00 19.74  ? 1   A   D N6    1 
ATOM   207  N N1    . A   B 2 1  ? -4.560  -49.670 0.964   1.00 18.04  ? 1   A   D N1    1 
ATOM   208  C C2    . A   B 2 1  ? -3.614  -49.912 0.040   1.00 20.12  ? 1   A   D C2    1 
ATOM   209  N N3    . A   B 2 1  ? -2.287  -49.829 0.158   1.00 17.80  ? 1   A   D N3    1 
ATOM   210  C C4    . A   B 2 1  ? -1.942  -49.455 1.407   1.00 19.82  ? 1   A   D C4    1 
ATOM   211  P P     . A   B 2 2  ? 1.578   -45.169 -0.666  1.00 23.61  ? 2   A   D P     1 
ATOM   212  O OP1   . A   B 2 2  ? 2.595   -44.414 -1.445  1.00 20.33  ? 2   A   D OP1   1 
ATOM   213  O OP2   . A   B 2 2  ? 0.859   -44.530 0.465   1.00 19.05  ? 2   A   D OP2   1 
ATOM   214  O "O5'" . A   B 2 2  ? 0.485   -45.689 -1.699  1.00 17.05  ? 2   A   D "O5'" 1 
ATOM   215  C "C5'" . A   B 2 2  ? 0.870   -46.281 -2.931  1.00 20.18  ? 2   A   D "C5'" 1 
ATOM   216  C "C4'" . A   B 2 2  ? -0.314  -46.430 -3.848  1.00 18.42  ? 2   A   D "C4'" 1 
ATOM   217  O "O4'" . A   B 2 2  ? -1.190  -47.486 -3.358  1.00 21.43  ? 2   A   D "O4'" 1 
ATOM   218  C "C3'" . A   B 2 2  ? -1.232  -45.217 -3.951  1.00 19.16  ? 2   A   D "C3'" 1 
ATOM   219  O "O3'" . A   B 2 2  ? -0.740  -44.214 -4.821  1.00 16.69  ? 2   A   D "O3'" 1 
ATOM   220  C "C2'" . A   B 2 2  ? -2.533  -45.846 -4.412  1.00 18.09  ? 2   A   D "C2'" 1 
ATOM   221  O "O2'" . A   B 2 2  ? -2.415  -46.237 -5.773  1.00 15.97  ? 2   A   D "O2'" 1 
ATOM   222  C "C1'" . A   B 2 2  ? -2.542  -47.119 -3.572  1.00 19.42  ? 2   A   D "C1'" 1 
ATOM   223  N N9    . A   B 2 2  ? -3.186  -46.904 -2.261  1.00 17.82  ? 2   A   D N9    1 
ATOM   224  C C8    . A   B 2 2  ? -2.591  -46.607 -1.061  1.00 18.27  ? 2   A   D C8    1 
ATOM   225  N N7    . A   B 2 2  ? -3.441  -46.493 -0.067  1.00 19.88  ? 2   A   D N7    1 
ATOM   226  C C5    . A   B 2 2  ? -4.676  -46.719 -0.654  1.00 14.30  ? 2   A   D C5    1 
ATOM   227  C C6    . A   B 2 2  ? -5.968  -46.734 -0.124  1.00 20.87  ? 2   A   D C6    1 
ATOM   228  N N6    . A   B 2 2  ? -6.216  -46.501 1.171   1.00 16.96  ? 2   A   D N6    1 
ATOM   229  N N1    . A   B 2 2  ? -6.990  -46.996 -0.969  1.00 18.37  ? 2   A   D N1    1 
ATOM   230  C C2    . A   B 2 2  ? -6.710  -47.213 -2.258  1.00 20.51  ? 2   A   D C2    1 
ATOM   231  N N3    . A   B 2 2  ? -5.524  -47.237 -2.869  1.00 14.37  ? 2   A   D N3    1 
ATOM   232  C C4    . A   B 2 2  ? -4.538  -46.974 -2.000  1.00 17.35  ? 2   A   D C4    1 
ATOM   233  P P     . G   B 2 3  ? -1.041  -42.662 -4.537  1.00 19.05  ? 3   G   D P     1 
ATOM   234  O OP1   . G   B 2 3  ? -0.328  -41.845 -5.547  1.00 21.61  ? 3   G   D OP1   1 
ATOM   235  O OP2   . G   B 2 3  ? -0.838  -42.367 -3.095  1.00 18.04  ? 3   G   D OP2   1 
ATOM   236  O "O5'" . G   B 2 3  ? -2.606  -42.512 -4.767  1.00 20.46  ? 3   G   D "O5'" 1 
ATOM   237  C "C5'" . G   B 2 3  ? -3.170  -42.700 -6.052  1.00 17.52  ? 3   G   D "C5'" 1 
ATOM   238  C "C4'" . G   B 2 3  ? -4.677  -42.708 -5.993  1.00 13.57  ? 3   G   D "C4'" 1 
ATOM   239  O "O4'" . G   B 2 3  ? -5.173  -43.845 -5.230  1.00 17.97  ? 3   G   D "O4'" 1 
ATOM   240  C "C3'" . G   B 2 3  ? -5.359  -41.528 -5.336  1.00 16.94  ? 3   G   D "C3'" 1 
ATOM   241  O "O3'" . G   B 2 3  ? -5.349  -40.359 -6.142  1.00 16.27  ? 3   G   D "O3'" 1 
ATOM   242  C "C2'" . G   B 2 3  ? -6.755  -42.084 -5.110  1.00 17.35  ? 3   G   D "C2'" 1 
ATOM   243  O "O2'" . G   B 2 3  ? -7.451  -42.133 -6.345  1.00 14.95  ? 3   G   D "O2'" 1 
ATOM   244  C "C1'" . G   B 2 3  ? -6.431  -43.519 -4.677  1.00 17.26  ? 3   G   D "C1'" 1 
ATOM   245  N N9    . G   B 2 3  ? -6.376  -43.574 -3.205  1.00 17.38  ? 3   G   D N9    1 
ATOM   246  C C8    . G   B 2 3  ? -5.302  -43.451 -2.367  1.00 20.70  ? 3   G   D C8    1 
ATOM   247  N N7    . G   B 2 3  ? -5.643  -43.466 -1.106  1.00 18.55  ? 3   G   D N7    1 
ATOM   248  C C5    . G   B 2 3  ? -7.025  -43.579 -1.111  1.00 19.09  ? 3   G   D C5    1 
ATOM   249  C C6    . G   B 2 3  ? -7.963  -43.638 -0.044  1.00 17.08  ? 3   G   D C6    1 
ATOM   250  O O6    . G   B 2 3  ? -7.758  -43.621 1.179   1.00 14.83  ? 3   G   D O6    1 
ATOM   251  N N1    . G   B 2 3  ? -9.266  -43.747 -0.523  1.00 14.17  ? 3   G   D N1    1 
ATOM   252  C C2    . G   B 2 3  ? -9.621  -43.793 -1.845  1.00 18.55  ? 3   G   D C2    1 
ATOM   253  N N2    . G   B 2 3  ? -10.929 -43.907 -2.103  1.00 17.51  ? 3   G   D N2    1 
ATOM   254  N N3    . G   B 2 3  ? -8.755  -43.747 -2.845  1.00 17.05  ? 3   G   D N3    1 
ATOM   255  C C4    . G   B 2 3  ? -7.488  -43.634 -2.404  1.00 14.71  ? 3   G   D C4    1 
ATOM   256  P P     . A   B 2 4  ? -5.380  -38.902 -5.467  1.00 17.15  ? 4   A   D P     1 
ATOM   257  O OP1   . A   B 2 4  ? -5.295  -37.861 -6.511  1.00 13.70  ? 4   A   D OP1   1 
ATOM   258  O OP2   . A   B 2 4  ? -4.445  -38.855 -4.323  1.00 16.25  ? 4   A   D OP2   1 
ATOM   259  O "O5'" . A   B 2 4  ? -6.859  -38.794 -4.894  1.00 15.92  ? 4   A   D "O5'" 1 
ATOM   260  C "C5'" . A   B 2 4  ? -7.954  -38.648 -5.777  1.00 12.95  ? 4   A   D "C5'" 1 
ATOM   261  C "C4'" . A   B 2 4  ? -9.259  -38.804 -5.039  1.00 13.85  ? 4   A   D "C4'" 1 
ATOM   262  O "O4'" . A   B 2 4  ? -9.278  -40.052 -4.299  1.00 13.67  ? 4   A   D "O4'" 1 
ATOM   263  C "C3'" . A   B 2 4  ? -9.599  -37.763 -3.988  1.00 15.38  ? 4   A   D "C3'" 1 
ATOM   264  O "O3'" . A   B 2 4  ? -10.076 -36.560 -4.550  1.00 16.29  ? 4   A   D "O3'" 1 
ATOM   265  C "C2'" . A   B 2 4  ? -10.664 -38.489 -3.191  1.00 15.17  ? 4   A   D "C2'" 1 
ATOM   266  O "O2'" . A   B 2 4  ? -11.851 -38.558 -3.973  1.00 14.35  ? 4   A   D "O2'" 1 
ATOM   267  C "C1'" . A   B 2 4  ? -10.063 -39.888 -3.133  1.00 14.13  ? 4   A   D "C1'" 1 
ATOM   268  N N9    . A   B 2 4  ? -9.196  -40.040 -1.957  1.00 15.54  ? 4   A   D N9    1 
ATOM   269  C C8    . A   B 2 4  ? -7.829  -39.969 -1.867  1.00 16.34  ? 4   A   D C8    1 
ATOM   270  N N7    . A   B 2 4  ? -7.388  -40.161 -0.642  1.00 13.23  ? 4   A   D N7    1 
ATOM   271  C C5    . A   B 2 4  ? -8.539  -40.341 0.111   1.00 15.06  ? 4   A   D C5    1 
ATOM   272  C C6    . A   B 2 4  ? -8.753  -40.573 1.486   1.00 14.72  ? 4   A   D C6    1 
ATOM   273  N N6    . A   B 2 4  ? -7.769  -40.677 2.387   1.00 14.44  ? 4   A   D N6    1 
ATOM   274  N N1    . A   B 2 4  ? -10.033 -40.711 1.898   1.00 15.68  ? 4   A   D N1    1 
ATOM   275  C C2    . A   B 2 4  ? -11.025 -40.613 1.007   1.00 17.22  ? 4   A   D C2    1 
ATOM   276  N N3    . A   B 2 4  ? -10.945 -40.393 -0.309  1.00 14.43  ? 4   A   D N3    1 
ATOM   277  C C4    . A   B 2 4  ? -9.658  -40.268 -0.685  1.00 14.49  ? 4   A   D C4    1 
ATOM   278  P P     . C   B 2 5  ? -10.071 -35.175 -3.730  1.00 22.50  ? 5   C   D P     1 
ATOM   279  O OP1   . C   B 2 5  ? -10.601 -34.163 -4.672  1.00 16.61  ? 5   C   D OP1   1 
ATOM   280  O OP2   . C   B 2 5  ? -8.798  -34.995 -3.010  1.00 17.34  ? 5   C   D OP2   1 
ATOM   281  O "O5'" . C   B 2 5  ? -11.182 -35.382 -2.620  1.00 17.68  ? 5   C   D "O5'" 1 
ATOM   282  C "C5'" . C   B 2 5  ? -12.528 -35.594 -2.989  1.00 17.41  ? 5   C   D "C5'" 1 
ATOM   283  C "C4'" . C   B 2 5  ? -13.382 -35.856 -1.782  1.00 15.65  ? 5   C   D "C4'" 1 
ATOM   284  O "O4'" . C   B 2 5  ? -12.936 -37.065 -1.120  1.00 18.14  ? 5   C   D "O4'" 1 
ATOM   285  C "C3'" . C   B 2 5  ? -13.325 -34.802 -0.687  1.00 17.14  ? 5   C   D "C3'" 1 
ATOM   286  O "O3'" . C   B 2 5  ? -14.136 -33.681 -0.970  1.00 20.53  ? 5   C   D "O3'" 1 
ATOM   287  C "C2'" . C   B 2 5  ? -13.794 -35.585 0.521   1.00 16.40  ? 5   C   D "C2'" 1 
ATOM   288  O "O2'" . C   B 2 5  ? -15.192 -35.807 0.431   1.00 21.48  ? 5   C   D "O2'" 1 
ATOM   289  C "C1'" . C   B 2 5  ? -13.114 -36.930 0.276   1.00 19.12  ? 5   C   D "C1'" 1 
ATOM   290  N N1    . C   B 2 5  ? -11.797 -37.031 0.929   1.00 16.04  ? 5   C   D N1    1 
ATOM   291  C C2    . C   B 2 5  ? -11.765 -37.275 2.300   1.00 17.38  ? 5   C   D C2    1 
ATOM   292  O O2    . C   B 2 5  ? -12.841 -37.383 2.914   1.00 19.22  ? 5   C   D O2    1 
ATOM   293  N N3    . C   B 2 5  ? -10.568 -37.395 2.918   1.00 16.70  ? 5   C   D N3    1 
ATOM   294  C C4    . C   B 2 5  ? -9.440  -37.276 2.212   1.00 16.35  ? 5   C   D C4    1 
ATOM   295  N N4    . C   B 2 5  ? -8.277  -37.403 2.855   1.00 15.60  ? 5   C   D N4    1 
ATOM   296  C C5    . C   B 2 5  ? -9.448  -37.013 0.810   1.00 18.10  ? 5   C   D C5    1 
ATOM   297  C C6    . C   B 2 5  ? -10.643 -36.895 0.216   1.00 14.97  ? 5   C   D C6    1 
ATOM   298  P P     . U   B 2 6  ? -13.636 -32.213 -0.594  1.00 22.45  ? 6   U   D P     1 
ATOM   299  O OP1   . U   B 2 6  ? -14.682 -31.272 -1.110  1.00 19.19  ? 6   U   D OP1   1 
ATOM   300  O OP2   . U   B 2 6  ? -12.210 -32.039 -0.970  1.00 17.69  ? 6   U   D OP2   1 
ATOM   301  O "O5'" . U   B 2 6  ? -13.713 -32.197 0.998   1.00 21.77  ? 6   U   D "O5'" 1 
ATOM   302  C "C5'" . U   B 2 6  ? -14.960 -32.330 1.655   1.00 20.04  ? 6   U   D "C5'" 1 
ATOM   303  C "C4'" . U   B 2 6  ? -14.787 -32.691 3.109   1.00 15.74  ? 6   U   D "C4'" 1 
ATOM   304  O "O4'" . U   B 2 6  ? -14.086 -33.959 3.233   1.00 16.70  ? 6   U   D "O4'" 1 
ATOM   305  C "C3'" . U   B 2 6  ? -13.956 -31.738 3.952   1.00 16.07  ? 6   U   D "C3'" 1 
ATOM   306  O "O3'" . U   B 2 6  ? -14.647 -30.557 4.330   1.00 17.75  ? 6   U   D "O3'" 1 
ATOM   307  C "C2'" . U   B 2 6  ? -13.583 -32.624 5.126   1.00 14.89  ? 6   U   D "C2'" 1 
ATOM   308  O "O2'" . U   B 2 6  ? -14.709 -32.790 5.968   1.00 16.56  ? 6   U   D "O2'" 1 
ATOM   309  C "C1'" . U   B 2 6  ? -13.307 -33.953 4.408   1.00 11.82  ? 6   U   D "C1'" 1 
ATOM   310  N N1    . U   B 2 6  ? -11.879 -34.045 4.031   1.00 15.07  ? 6   U   D N1    1 
ATOM   311  C C2    . U   B 2 6  ? -10.999 -34.434 5.028   1.00 12.50  ? 6   U   D C2    1 
ATOM   312  O O2    . U   B 2 6  ? -11.365 -34.709 6.158   1.00 14.76  ? 6   U   D O2    1 
ATOM   313  N N3    . U   B 2 6  ? -9.675  -34.484 4.670   1.00 11.99  ? 6   U   D N3    1 
ATOM   314  C C4    . U   B 2 6  ? -9.161  -34.170 3.431   1.00 18.87  ? 6   U   D C4    1 
ATOM   315  O O4    . U   B 2 6  ? -7.957  -34.262 3.253   1.00 11.56  ? 6   U   D O4    1 
ATOM   316  C C5    . U   B 2 6  ? -10.123 -33.765 2.448   1.00 17.40  ? 6   U   D C5    1 
ATOM   317  C C6    . U   B 2 6  ? -11.423 -33.706 2.782   1.00 15.67  ? 6   U   D C6    1 
ATOM   318  P P     . G   B 2 7  ? -13.843 -29.262 4.841   1.00 21.20  ? 7   G   D P     1 
ATOM   319  O OP1   . G   B 2 7  ? -14.831 -28.156 4.833   1.00 15.26  ? 7   G   D OP1   1 
ATOM   320  O OP2   . G   B 2 7  ? -12.534 -29.060 4.153   1.00 17.48  ? 7   G   D OP2   1 
ATOM   321  O "O5'" . G   B 2 7  ? -13.465 -29.626 6.348   1.00 13.10  ? 7   G   D "O5'" 1 
ATOM   322  C "C5'" . G   B 2 7  ? -14.479 -29.756 7.336   1.00 12.66  ? 7   G   D "C5'" 1 
ATOM   323  C "C4'" . G   B 2 7  ? -13.896 -29.921 8.715   1.00 13.56  ? 7   G   D "C4'" 1 
ATOM   324  O "O4'" . G   B 2 7  ? -13.221 -31.201 8.835   1.00 15.34  ? 7   G   D "O4'" 1 
ATOM   325  C "C3'" . G   B 2 7  ? -12.833 -28.917 9.125   1.00 12.94  ? 7   G   D "C3'" 1 
ATOM   326  O "O3'" . G   B 2 7  ? -13.397 -27.687 9.528   1.00 13.89  ? 7   G   D "O3'" 1 
ATOM   327  C "C2'" . G   B 2 7  ? -12.125 -29.648 10.255  1.00 16.40  ? 7   G   D "C2'" 1 
ATOM   328  O "O2'" . G   B 2 7  ? -12.918 -29.622 11.427  1.00 14.03  ? 7   G   D "O2'" 1 
ATOM   329  C "C1'" . G   B 2 7  ? -12.124 -31.077 9.720   1.00 15.38  ? 7   G   D "C1'" 1 
ATOM   330  N N9    . G   B 2 7  ? -10.891 -31.360 8.965   1.00 15.66  ? 7   G   D N9    1 
ATOM   331  C C8    . G   B 2 7  ? -10.749 -31.418 7.596   1.00 14.32  ? 7   G   D C8    1 
ATOM   332  N N7    . G   B 2 7  ? -9.524  -31.706 7.242   1.00 14.82  ? 7   G   D N7    1 
ATOM   333  C C5    . G   B 2 7  ? -8.826  -31.846 8.436   1.00 13.30  ? 7   G   D C5    1 
ATOM   334  C C6    . G   B 2 7  ? -7.463  -32.162 8.688   1.00 15.32  ? 7   G   D C6    1 
ATOM   335  O O6    . G   B 2 7  ? -6.558  -32.387 7.870   1.00 15.15  ? 7   G   D O6    1 
ATOM   336  N N1    . G   B 2 7  ? -7.199  -32.208 10.056  1.00 13.06  ? 7   G   D N1    1 
ATOM   337  C C2    . G   B 2 7  ? -8.104  -31.975 11.057  1.00 14.04  ? 7   G   D C2    1 
ATOM   338  N N2    . G   B 2 7  ? -7.631  -32.062 12.320  1.00 15.10  ? 7   G   D N2    1 
ATOM   339  N N3    . G   B 2 7  ? -9.378  -31.675 10.835  1.00 10.62  ? 7   G   D N3    1 
ATOM   340  C C4    . G   B 2 7  ? -9.665  -31.639 9.515   1.00 15.99  ? 7   G   D C4    1 
ATOM   341  P P     . C   B 2 8  ? -12.653 -26.317 9.193   1.00 20.75  ? 8   C   D P     1 
ATOM   342  O OP1   . C   B 2 8  ? -13.575 -25.281 9.714   1.00 17.93  ? 8   C   D OP1   1 
ATOM   343  O OP2   . C   B 2 8  ? -12.135 -26.243 7.808   1.00 15.28  ? 8   C   D OP2   1 
ATOM   344  O "O5'" . C   B 2 8  ? -11.324 -26.391 10.074  1.00 16.04  ? 8   C   D "O5'" 1 
ATOM   345  C "C5'" . C   B 2 8  ? -11.394 -26.344 11.488  1.00 13.87  ? 8   C   D "C5'" 1 
ATOM   346  C "C4'" . C   B 2 8  ? -10.054 -26.662 12.117  1.00 12.28  ? 8   C   D "C4'" 1 
ATOM   347  O "O4'" . C   B 2 8  ? -9.618  -27.998 11.758  1.00 12.57  ? 8   C   D "O4'" 1 
ATOM   348  C "C3'" . C   B 2 8  ? -8.882  -25.791 11.706  1.00 12.87  ? 8   C   D "C3'" 1 
ATOM   349  O "O3'" . C   B 2 8  ? -8.891  -24.510 12.309  1.00 12.48  ? 8   C   D "O3'" 1 
ATOM   350  C "C2'" . C   B 2 8  ? -7.700  -26.653 12.115  1.00 15.12  ? 8   C   D "C2'" 1 
ATOM   351  O "O2'" . C   B 2 8  ? -7.542  -26.623 13.528  1.00 12.42  ? 8   C   D "O2'" 1 
ATOM   352  C "C1'" . C   B 2 8  ? -8.206  -28.038 11.714  1.00 15.27  ? 8   C   D "C1'" 1 
ATOM   353  N N1    . C   B 2 8  ? -7.783  -28.386 10.338  1.00 13.00  ? 8   C   D N1    1 
ATOM   354  C C2    . C   B 2 8  ? -6.478  -28.873 10.171  1.00 15.80  ? 8   C   D C2    1 
ATOM   355  O O2    . C   B 2 8  ? -5.756  -28.993 11.168  1.00 13.63  ? 8   C   D O2    1 
ATOM   356  N N3    . C   B 2 8  ? -6.037  -29.197 8.924   1.00 16.47  ? 8   C   D N3    1 
ATOM   357  C C4    . C   B 2 8  ? -6.828  -29.046 7.866   1.00 16.26  ? 8   C   D C4    1 
ATOM   358  N N4    . C   B 2 8  ? -6.332  -29.381 6.663   1.00 15.14  ? 8   C   D N4    1 
ATOM   359  C C5    . C   B 2 8  ? -8.160  -28.544 8.003   1.00 17.28  ? 8   C   D C5    1 
ATOM   360  C C6    . C   B 2 8  ? -8.582  -28.223 9.248   1.00 13.87  ? 8   C   D C6    1 
ATOM   361  P P     . C   B 2 9  ? -8.429  -23.232 11.444  1.00 18.72  ? 9   C   D P     1 
ATOM   362  O OP1   . C   B 2 9  ? -8.663  -22.052 12.334  1.00 16.21  ? 9   C   D OP1   1 
ATOM   363  O OP2   . C   B 2 9  ? -9.039  -23.258 10.108  1.00 13.82  ? 9   C   D OP2   1 
ATOM   364  O "O5'" . C   B 2 9  ? -6.870  -23.460 11.279  1.00 17.67  ? 9   C   D "O5'" 1 
ATOM   365  C "C5'" . C   B 2 9  ? -6.062  -23.340 12.434  1.00 15.63  ? 9   C   D "C5'" 1 
ATOM   366  C "C4'" . C   B 2 9  ? -4.671  -23.837 12.191  1.00 14.24  ? 9   C   D "C4'" 1 
ATOM   367  O "O4'" . C   B 2 9  ? -4.703  -25.210 11.715  1.00 16.32  ? 9   C   D "O4'" 1 
ATOM   368  C "C3'" . C   B 2 9  ? -3.860  -23.113 11.124  1.00 19.53  ? 9   C   D "C3'" 1 
ATOM   369  O "O3'" . C   B 2 9  ? -3.344  -21.877 11.566  1.00 26.26  ? 9   C   D "O3'" 1 
ATOM   370  C "C2'" . C   B 2 9  ? -2.785  -24.136 10.833  1.00 23.47  ? 9   C   D "C2'" 1 
ATOM   371  O "O2'" . C   B 2 9  ? -1.873  -24.178 11.922  1.00 21.58  ? 9   C   D "O2'" 1 
ATOM   372  C "C1'" . C   B 2 9  ? -3.613  -25.425 10.839  1.00 15.36  ? 9   C   D "C1'" 1 
ATOM   373  N N1    . C   B 2 9  ? -4.136  -25.711 9.487   1.00 12.12  ? 9   C   D N1    1 
ATOM   374  C C2    . C   B 2 9  ? -3.281  -26.304 8.553   1.00 19.36  ? 9   C   D C2    1 
ATOM   375  O O2    . C   B 2 9  ? -2.125  -26.599 8.866   1.00 17.87  ? 9   C   D O2    1 
ATOM   376  N N3    . C   B 2 9  ? -3.723  -26.560 7.308   1.00 16.63  ? 9   C   D N3    1 
ATOM   377  C C4    . C   B 2 9  ? -4.956  -26.243 6.959   1.00 16.82  ? 9   C   D C4    1 
ATOM   378  N N4    . C   B 2 9  ? -5.314  -26.517 5.700   1.00 18.89  ? 9   C   D N4    1 
ATOM   379  C C5    . C   B 2 9  ? -5.864  -25.630 7.875   1.00 18.52  ? 9   C   D C5    1 
ATOM   380  C C6    . C   B 2 9  ? -5.417  -25.378 9.113   1.00 15.65  ? 9   C   D C6    1 
ATOM   381  P P     . U   B 2 10 ? -2.865  -20.761 10.505  1.00 27.43  ? 10  U   D P     1 
ATOM   382  O OP1   . U   B 2 10 ? -2.451  -19.592 11.308  1.00 25.36  ? 10  U   D OP1   1 
ATOM   383  O OP2   . U   B 2 10 ? -3.849  -20.593 9.417   1.00 23.67  ? 10  U   D OP2   1 
ATOM   384  O "O5'" . U   B 2 10 ? -1.611  -21.432 9.787   1.00 26.22  ? 10  U   D "O5'" 1 
ATOM   385  C "C5'" . U   B 2 10 ? -0.415  -21.758 10.485  1.00 22.88  ? 10  U   D "C5'" 1 
ATOM   386  C "C4'" . U   B 2 10 ? 0.583   -22.420 9.558   1.00 24.85  ? 10  U   D "C4'" 1 
ATOM   387  O "O4'" . U   B 2 10 ? -0.011  -23.596 8.946   1.00 25.43  ? 10  U   D "O4'" 1 
ATOM   388  C "C3'" . U   B 2 10 ? 1.016   -21.568 8.379   1.00 21.73  ? 10  U   D "C3'" 1 
ATOM   389  O "O3'" . U   B 2 10 ? 2.055   -20.674 8.726   1.00 37.05  ? 10  U   D "O3'" 1 
ATOM   390  C "C2'" . U   B 2 10 ? 1.427   -22.603 7.345   1.00 30.98  ? 10  U   D "C2'" 1 
ATOM   391  O "O2'" . U   B 2 10 ? 2.708   -23.118 7.670   1.00 29.45  ? 10  U   D "O2'" 1 
ATOM   392  C "C1'" . U   B 2 10 ? 0.401   -23.706 7.600   1.00 29.76  ? 10  U   D "C1'" 1 
ATOM   393  N N1    . U   B 2 10 ? -0.807  -23.605 6.738   1.00 27.73  ? 10  U   D N1    1 
ATOM   394  C C2    . U   B 2 10 ? -0.823  -24.211 5.494   1.00 27.86  ? 10  U   D C2    1 
ATOM   395  O O2    . U   B 2 10 ? 0.141   -24.800 5.040   1.00 32.14  ? 10  U   D O2    1 
ATOM   396  N N3    . U   B 2 10 ? -2.006  -24.092 4.790   1.00 28.27  ? 10  U   D N3    1 
ATOM   397  C C4    . U   B 2 10 ? -3.158  -23.436 5.189   1.00 28.31  ? 10  U   D C4    1 
ATOM   398  O O4    . U   B 2 10 ? -4.147  -23.387 4.448   1.00 32.46  ? 10  U   D O4    1 
ATOM   399  C C5    . U   B 2 10 ? -3.073  -22.847 6.485   1.00 24.52  ? 10  U   D C5    1 
ATOM   400  C C6    . U   B 2 10 ? -1.938  -22.955 7.189   1.00 28.34  ? 10  U   D C6    1 
ATOM   401  P P     . G   B 2 11 ? 2.104   -19.200 8.088   1.00 34.58  ? 11  G   D P     1 
ATOM   402  O OP1   . G   B 2 11 ? 2.973   -18.371 8.969   1.00 37.64  ? 11  G   D OP1   1 
ATOM   403  O OP2   . G   B 2 11 ? 0.743   -18.733 7.741   1.00 28.89  ? 11  G   D OP2   1 
ATOM   404  O "O5'" . G   B 2 11 ? 2.854   -19.423 6.700   1.00 27.77  ? 11  G   D "O5'" 1 
ATOM   405  C "C5'" . G   B 2 11 ? 4.107   -20.080 6.636   1.00 30.44  ? 11  G   D "C5'" 1 
ATOM   406  C "C4'" . G   B 2 11 ? 4.391   -20.509 5.224   1.00 31.96  ? 11  G   D "C4'" 1 
ATOM   407  O "O4'" . G   B 2 11 ? 3.492   -21.591 4.874   1.00 35.55  ? 11  G   D "O4'" 1 
ATOM   408  C "C3'" . G   B 2 11 ? 4.133   -19.459 4.152   1.00 35.73  ? 11  G   D "C3'" 1 
ATOM   409  O "O3'" . G   B 2 11 ? 5.218   -18.570 3.985   1.00 38.41  ? 11  G   D "O3'" 1 
ATOM   410  C "C2'" . G   B 2 11 ? 3.864   -20.299 2.916   1.00 32.79  ? 11  G   D "C2'" 1 
ATOM   411  O "O2'" . G   B 2 11 ? 5.088   -20.772 2.372   1.00 43.26  ? 11  G   D "O2'" 1 
ATOM   412  C "C1'" . G   B 2 11 ? 3.125   -21.494 3.518   1.00 31.26  ? 11  G   D "C1'" 1 
ATOM   413  N N9    . G   B 2 11 ? 1.653   -21.378 3.420   1.00 31.09  ? 11  G   D N9    1 
ATOM   414  C C8    . G   B 2 11 ? 0.740   -20.833 4.299   1.00 31.92  ? 11  G   D C8    1 
ATOM   415  N N7    . G   B 2 11 ? -0.494  -20.938 3.863   1.00 29.81  ? 11  G   D N7    1 
ATOM   416  C C5    . G   B 2 11 ? -0.378  -21.597 2.645   1.00 22.99  ? 11  G   D C5    1 
ATOM   417  C C6    . G   B 2 11 ? -1.355  -21.997 1.703   1.00 23.61  ? 11  G   D C6    1 
ATOM   418  O O6    . G   B 2 11 ? -2.575  -21.841 1.765   1.00 21.36  ? 11  G   D O6    1 
ATOM   419  N N1    . G   B 2 11 ? -0.787  -22.625 0.595   1.00 18.93  ? 11  G   D N1    1 
ATOM   420  C C2    . G   B 2 11 ? 0.561   -22.845 0.424   1.00 20.66  ? 11  G   D C2    1 
ATOM   421  N N2    . G   B 2 11 ? 0.946   -23.473 -0.691  1.00 21.63  ? 11  G   D N2    1 
ATOM   422  N N3    . G   B 2 11 ? 1.481   -22.478 1.294   1.00 23.82  ? 11  G   D N3    1 
ATOM   423  C C4    . G   B 2 11 ? 0.939   -21.866 2.365   1.00 24.14  ? 11  G   D C4    1 
ATOM   424  P P     . G   C 1 3  ? 8.127   -18.756 1.478   1.00 46.88  ? 3   G   A P     1 
ATOM   425  O OP1   . G   C 1 3  ? 7.373   -17.660 2.131   1.00 36.20  ? 3   G   A OP1   1 
ATOM   426  O OP2   . G   C 1 3  ? 8.371   -20.035 2.198   1.00 53.91  ? 3   G   A OP2   1 
ATOM   427  O "O5'" . G   C 1 3  ? 7.355   -19.120 0.134   1.00 50.23  ? 3   G   A "O5'" 1 
ATOM   428  C "C5'" . G   C 1 3  ? 6.059   -18.597 -0.131  1.00 30.36  ? 3   G   A "C5'" 1 
ATOM   429  C "C4'" . G   C 1 3  ? 5.513   -19.146 -1.422  1.00 22.27  ? 3   G   A "C4'" 1 
ATOM   430  O "O4'" . G   C 1 3  ? 4.566   -20.208 -1.150  1.00 20.84  ? 3   G   A "O4'" 1 
ATOM   431  C "C3'" . G   C 1 3  ? 4.739   -18.175 -2.292  1.00 17.71  ? 3   G   A "C3'" 1 
ATOM   432  O "O3'" . G   C 1 3  ? 5.597   -17.357 -3.063  1.00 22.23  ? 3   G   A "O3'" 1 
ATOM   433  C "C2'" . G   C 1 3  ? 3.896   -19.106 -3.146  1.00 17.92  ? 3   G   A "C2'" 1 
ATOM   434  O "O2'" . G   C 1 3  ? 4.701   -19.668 -4.172  1.00 18.21  ? 3   G   A "O2'" 1 
ATOM   435  C "C1'" . G   C 1 3  ? 3.555   -20.210 -2.142  1.00 22.09  ? 3   G   A "C1'" 1 
ATOM   436  N N9    . G   C 1 3  ? 2.258   -19.960 -1.488  1.00 18.63  ? 3   G   A N9    1 
ATOM   437  C C8    . G   C 1 3  ? 2.029   -19.541 -0.207  1.00 19.81  ? 3   G   A C8    1 
ATOM   438  N N7    . G   C 1 3  ? 0.760   -19.409 0.067   1.00 20.83  ? 3   G   A N7    1 
ATOM   439  C C5    . G   C 1 3  ? 0.105   -19.750 -1.103  1.00 18.69  ? 3   G   A C5    1 
ATOM   440  C C6    . G   C 1 3  ? -1.284  -19.797 -1.403  1.00 16.66  ? 3   G   A C6    1 
ATOM   441  O O6    . G   C 1 3  ? -2.226  -19.512 -0.659  1.00 18.72  ? 3   G   A O6    1 
ATOM   442  N N1    . G   C 1 3  ? -1.518  -20.195 -2.712  1.00 14.71  ? 3   G   A N1    1 
ATOM   443  C C2    . G   C 1 3  ? -0.532  -20.508 -3.604  1.00 16.69  ? 3   G   A C2    1 
ATOM   444  N N2    . G   C 1 3  ? -0.937  -20.863 -4.823  1.00 15.69  ? 3   G   A N2    1 
ATOM   445  N N3    . G   C 1 3  ? 0.767   -20.475 -3.340  1.00 17.54  ? 3   G   A N3    1 
ATOM   446  C C4    . G   C 1 3  ? 1.013   -20.085 -2.075  1.00 22.69  ? 3   G   A C4    1 
ATOM   447  P P     . U   C 1 4  ? 5.219   -15.820 -3.282  1.00 23.37  ? 4   U   A P     1 
ATOM   448  O OP1   . U   C 1 4  ? 6.349   -15.205 -4.025  1.00 18.56  ? 4   U   A OP1   1 
ATOM   449  O OP2   . U   C 1 4  ? 4.767   -15.247 -1.996  1.00 18.86  ? 4   U   A OP2   1 
ATOM   450  O "O5'" . U   C 1 4  ? 3.943   -15.896 -4.229  1.00 19.41  ? 4   U   A "O5'" 1 
ATOM   451  C "C5'" . U   C 1 4  ? 4.034   -16.487 -5.514  1.00 17.70  ? 4   U   A "C5'" 1 
ATOM   452  C "C4'" . U   C 1 4  ? 2.683   -16.500 -6.175  1.00 12.81  ? 4   U   A "C4'" 1 
ATOM   453  O "O4'" . U   C 1 4  ? 1.820   -17.492 -5.560  1.00 13.14  ? 4   U   A "O4'" 1 
ATOM   454  C "C3'" . U   C 1 4  ? 1.898   -15.214 -6.051  1.00 15.45  ? 4   U   A "C3'" 1 
ATOM   455  O "O3'" . U   C 1 4  ? 2.373   -14.237 -6.952  1.00 13.89  ? 4   U   A "O3'" 1 
ATOM   456  C "C2'" . U   C 1 4  ? 0.471   -15.689 -6.291  1.00 13.80  ? 4   U   A "C2'" 1 
ATOM   457  O "O2'" . U   C 1 4  ? 0.279   -15.995 -7.669  1.00 13.45  ? 4   U   A "O2'" 1 
ATOM   458  C "C1'" . U   C 1 4  ? 0.491   -17.020 -5.535  1.00 15.61  ? 4   U   A "C1'" 1 
ATOM   459  N N1    . U   C 1 4  ? 0.050   -16.840 -4.132  1.00 15.99  ? 4   U   A N1    1 
ATOM   460  C C2    . U   C 1 4  ? -1.303  -16.986 -3.907  1.00 16.22  ? 4   U   A C2    1 
ATOM   461  O O2    . U   C 1 4  ? -2.087  -17.278 -4.803  1.00 18.35  ? 4   U   A O2    1 
ATOM   462  N N3    . U   C 1 4  ? -1.716  -16.787 -2.613  1.00 15.45  ? 4   U   A N3    1 
ATOM   463  C C4    . U   C 1 4  ? -0.920  -16.440 -1.536  1.00 18.85  ? 4   U   A C4    1 
ATOM   464  O O4    . U   C 1 4  ? -1.427  -16.275 -0.419  1.00 12.77  ? 4   U   A O4    1 
ATOM   465  C C5    . U   C 1 4  ? 0.469   -16.295 -1.847  1.00 19.42  ? 4   U   A C5    1 
ATOM   466  C C6    . U   C 1 4  ? 0.903   -16.487 -3.098  1.00 17.95  ? 4   U   A C6    1 
ATOM   467  P P     . G   C 1 5  ? 1.936   -12.710 -6.785  1.00 18.18  ? 5   G   A P     1 
ATOM   468  O OP1   . G   C 1 5  ? 2.824   -11.898 -7.660  1.00 16.78  ? 5   G   A OP1   1 
ATOM   469  O OP2   . G   C 1 5  ? 1.764   -12.334 -5.362  1.00 12.53  ? 5   G   A OP2   1 
ATOM   470  O "O5'" . G   C 1 5  ? 0.531   -12.733 -7.509  1.00 18.41  ? 5   G   A "O5'" 1 
ATOM   471  C "C5'" . G   C 1 5  ? -0.576  -12.054 -6.999  1.00 16.01  ? 5   G   A "C5'" 1 
ATOM   472  C "C4'" . G   C 1 5  ? -1.813  -12.437 -7.767  1.00 16.25  ? 5   G   A "C4'" 1 
ATOM   473  O "O4'" . G   C 1 5  ? -2.278  -13.738 -7.318  1.00 14.70  ? 5   G   A "O4'" 1 
ATOM   474  C "C3'" . G   C 1 5  ? -2.978  -11.495 -7.517  1.00 16.96  ? 5   G   A "C3'" 1 
ATOM   475  O "O3'" . G   C 1 5  ? -2.958  -10.390 -8.405  1.00 12.79  ? 5   G   A "O3'" 1 
ATOM   476  C "C2'" . G   C 1 5  ? -4.198  -12.390 -7.658  1.00 14.34  ? 5   G   A "C2'" 1 
ATOM   477  O "O2'" . G   C 1 5  ? -4.516  -12.583 -9.023  1.00 12.37  ? 5   G   A "O2'" 1 
ATOM   478  C "C1'" . G   C 1 5  ? -3.669  -13.705 -7.080  1.00 17.09  ? 5   G   A "C1'" 1 
ATOM   479  N N9    . G   C 1 5  ? -3.888  -13.772 -5.617  1.00 15.20  ? 5   G   A N9    1 
ATOM   480  C C8    . G   C 1 5  ? -2.935  -13.753 -4.614  1.00 17.73  ? 5   G   A C8    1 
ATOM   481  N N7    . G   C 1 5  ? -3.450  -13.834 -3.407  1.00 17.32  ? 5   G   A N7    1 
ATOM   482  C C5    . G   C 1 5  ? -4.823  -13.915 -3.619  1.00 14.51  ? 5   G   A C5    1 
ATOM   483  C C6    . G   C 1 5  ? -5.887  -14.019 -2.686  1.00 15.85  ? 5   G   A C6    1 
ATOM   484  O O6    . G   C 1 5  ? -5.819  -14.062 -1.438  1.00 15.12  ? 5   G   A O6    1 
ATOM   485  N N1    . G   C 1 5  ? -7.128  -14.077 -3.326  1.00 12.17  ? 5   G   A N1    1 
ATOM   486  C C2    . G   C 1 5  ? -7.301  -14.039 -4.691  1.00 14.51  ? 5   G   A C2    1 
ATOM   487  N N2    . G   C 1 5  ? -8.569  -14.092 -5.117  1.00 12.35  ? 5   G   A N2    1 
ATOM   488  N N3    . G   C 1 5  ? -6.305  -13.958 -5.572  1.00 13.13  ? 5   G   A N3    1 
ATOM   489  C C4    . G   C 1 5  ? -5.103  -13.884 -4.975  1.00 14.02  ? 5   G   A C4    1 
ATOM   490  P P     . G   C 1 6  ? -2.974  -8.904  -7.802  1.00 15.09  ? 6   G   A P     1 
ATOM   491  O OP1   . G   C 1 6  ? -2.791  -7.996  -8.968  1.00 15.79  ? 6   G   A OP1   1 
ATOM   492  O OP2   . G   C 1 6  ? -2.044  -8.786  -6.649  1.00 14.71  ? 6   G   A OP2   1 
ATOM   493  O "O5'" . G   C 1 6  ? -4.467  -8.750  -7.273  1.00 15.84  ? 6   G   A "O5'" 1 
ATOM   494  C "C5'" . G   C 1 6  ? -5.543  -8.769  -8.201  1.00 16.88  ? 6   G   A "C5'" 1 
ATOM   495  C "C4'" . G   C 1 6  ? -6.887  -8.983  -7.542  1.00 14.38  ? 6   G   A "C4'" 1 
ATOM   496  O "O4'" . G   C 1 6  ? -6.930  -10.265 -6.872  1.00 14.43  ? 6   G   A "O4'" 1 
ATOM   497  C "C3'" . G   C 1 6  ? -7.295  -8.011  -6.453  1.00 16.29  ? 6   G   A "C3'" 1 
ATOM   498  O "O3'" . G   C 1 6  ? -7.719  -6.778  -6.974  1.00 13.88  ? 6   G   A "O3'" 1 
ATOM   499  C "C2'" . G   C 1 6  ? -8.397  -8.792  -5.753  1.00 15.90  ? 6   G   A "C2'" 1 
ATOM   500  O "O2'" . G   C 1 6  ? -9.565  -8.855  -6.573  1.00 15.40  ? 6   G   A "O2'" 1 
ATOM   501  C "C1'" . G   C 1 6  ? -7.772  -10.178 -5.745  1.00 14.44  ? 6   G   A "C1'" 1 
ATOM   502  N N9    . G   C 1 6  ? -6.949  -10.375 -4.552  1.00 14.70  ? 6   G   A N9    1 
ATOM   503  C C8    . G   C 1 6  ? -5.580  -10.329 -4.451  1.00 16.43  ? 6   G   A C8    1 
ATOM   504  N N7    . G   C 1 6  ? -5.170  -10.539 -3.230  1.00 15.52  ? 6   G   A N7    1 
ATOM   505  C C5    . G   C 1 6  ? -6.344  -10.704 -2.503  1.00 13.52  ? 6   G   A C5    1 
ATOM   506  C C6    . G   C 1 6  ? -6.514  -10.947 -1.126  1.00 15.20  ? 6   G   A C6    1 
ATOM   507  O O6    . G   C 1 6  ? -5.628  -11.065 -0.267  1.00 14.58  ? 6   G   A O6    1 
ATOM   508  N N1    . G   C 1 6  ? -7.851  -11.049 -0.799  1.00 14.98  ? 6   G   A N1    1 
ATOM   509  C C2    . G   C 1 6  ? -8.908  -10.927 -1.667  1.00 13.00  ? 6   G   A C2    1 
ATOM   510  N N2    . G   C 1 6  ? -10.123 -11.055 -1.123  1.00 13.75  ? 6   G   A N2    1 
ATOM   511  N N3    . G   C 1 6  ? -8.761  -10.700 -2.973  1.00 14.32  ? 6   G   A N3    1 
ATOM   512  C C4    . G   C 1 6  ? -7.453  -10.598 -3.299  1.00 12.89  ? 6   G   A C4    1 
ATOM   513  P P     . U   C 1 7  ? -7.745  -5.457  -6.072  1.00 19.28  ? 7   U   A P     1 
ATOM   514  O OP1   . U   C 1 7  ? -8.233  -4.408  -6.990  1.00 18.44  ? 7   U   A OP1   1 
ATOM   515  O OP2   . U   C 1 7  ? -6.497  -5.299  -5.291  1.00 13.66  ? 7   U   A OP2   1 
ATOM   516  O "O5'" . U   C 1 7  ? -8.833  -5.756  -4.959  1.00 18.76  ? 7   U   A "O5'" 1 
ATOM   517  C "C5'" . U   C 1 7  ? -10.214 -5.880  -5.279  1.00 18.10  ? 7   U   A "C5'" 1 
ATOM   518  C "C4'" . U   C 1 7  ? -11.008 -6.193  -4.039  1.00 15.37  ? 7   U   A "C4'" 1 
ATOM   519  O "O4'" . U   C 1 7  ? -10.512 -7.418  -3.433  1.00 18.32  ? 7   U   A "O4'" 1 
ATOM   520  C "C3'" . U   C 1 7  ? -10.896 -5.175  -2.919  1.00 17.58  ? 7   U   A "C3'" 1 
ATOM   521  O "O3'" . U   C 1 7  ? -11.729 -4.058  -3.130  1.00 16.63  ? 7   U   A "O3'" 1 
ATOM   522  C "C2'" . U   C 1 7  ? -11.279 -5.996  -1.701  1.00 14.71  ? 7   U   A "C2'" 1 
ATOM   523  O "O2'" . U   C 1 7  ? -12.675 -6.231  -1.704  1.00 16.37  ? 7   U   A "O2'" 1 
ATOM   524  C "C1'" . U   C 1 7  ? -10.603 -7.327  -2.027  1.00 13.17  ? 7   U   A "C1'" 1 
ATOM   525  N N1    . U   C 1 7  ? -9.244  -7.433  -1.454  1.00 13.68  ? 7   U   A N1    1 
ATOM   526  C C2    . U   C 1 7  ? -9.144  -7.761  -0.112  1.00 15.27  ? 7   U   A C2    1 
ATOM   527  O O2    . U   C 1 7  ? -10.130 -7.959  0.589   1.00 15.34  ? 7   U   A O2    1 
ATOM   528  N N3    . U   C 1 7  ? -7.854  -7.878  0.363   1.00 14.56  ? 7   U   A N3    1 
ATOM   529  C C4    . U   C 1 7  ? -6.695  -7.686  -0.384  1.00 18.18  ? 7   U   A C4    1 
ATOM   530  O O4    . U   C 1 7  ? -5.599  -7.813  0.139   1.00 16.50  ? 7   U   A O4    1 
ATOM   531  C C5    . U   C 1 7  ? -6.883  -7.332  -1.761  1.00 14.87  ? 7   U   A C5    1 
ATOM   532  C C6    . U   C 1 7  ? -8.124  -7.233  -2.236  1.00 13.99  ? 7   U   A C6    1 
ATOM   533  P P     . C   C 1 8  ? -11.331 -2.643  -2.508  1.00 21.78  ? 8   C   A P     1 
ATOM   534  O OP1   . C   C 1 8  ? -12.261 -1.686  -3.163  1.00 17.99  ? 8   C   A OP1   1 
ATOM   535  O OP2   . C   C 1 8  ? -9.861  -2.445  -2.562  1.00 16.25  ? 8   C   A OP2   1 
ATOM   536  O "O5'" . C   C 1 8  ? -11.730 -2.770  -0.972  1.00 14.71  ? 8   C   A "O5'" 1 
ATOM   537  C "C5'" . C   C 1 8  ? -13.067 -3.009  -0.571  1.00 20.54  ? 8   C   A "C5'" 1 
ATOM   538  C "C4'" . C   C 1 8  ? -13.154 -3.249  0.913   1.00 15.40  ? 8   C   A "C4'" 1 
ATOM   539  O "O4'" . C   C 1 8  ? -12.490 -4.496  1.244   1.00 18.57  ? 8   C   A "O4'" 1 
ATOM   540  C "C3'" . C   C 1 8  ? -12.461 -2.227  1.795   1.00 17.00  ? 8   C   A "C3'" 1 
ATOM   541  O "O3'" . C   C 1 8  ? -13.239 -1.069  2.017   1.00 20.22  ? 8   C   A "O3'" 1 
ATOM   542  C "C2'" . C   C 1 8  ? -12.201 -3.015  3.066   1.00 14.84  ? 8   C   A "C2'" 1 
ATOM   543  O "O2'" . C   C 1 8  ? -13.416 -3.171  3.792   1.00 16.15  ? 8   C   A "O2'" 1 
ATOM   544  C "C1'" . C   C 1 8  ? -11.838 -4.375  2.486   1.00 16.63  ? 8   C   A "C1'" 1 
ATOM   545  N N1    . C   C 1 8  ? -10.391 -4.506  2.259   1.00 16.05  ? 8   C   A N1    1 
ATOM   546  C C2    . C   C 1 8  ? -9.624  -4.879  3.363   1.00 17.92  ? 8   C   A C2    1 
ATOM   547  O O2    . C   C 1 8  ? -10.201 -5.025  4.455   1.00 15.40  ? 8   C   A O2    1 
ATOM   548  N N3    . C   C 1 8  ? -8.297  -5.054  3.211   1.00 14.37  ? 8   C   A N3    1 
ATOM   549  C C4    . C   C 1 8  ? -7.746  -4.855  2.009   1.00 16.86  ? 8   C   A C4    1 
ATOM   550  N N4    . C   C 1 8  ? -6.428  -5.028  1.899   1.00 16.39  ? 8   C   A N4    1 
ATOM   551  C C5    . C   C 1 8  ? -8.512  -4.472  0.861   1.00 15.27  ? 8   C   A C5    1 
ATOM   552  C C6    . C   C 1 8  ? -9.826  -4.312  1.030   1.00 16.53  ? 8   C   A C6    1 
ATOM   553  P P     . U   C 1 9  ? -12.506 0.347   2.138   1.00 23.21  ? 9   U   A P     1 
ATOM   554  O OP1   . U   C 1 9  ? -13.621 1.348   2.172   1.00 24.84  ? 9   U   A OP1   1 
ATOM   555  O OP2   . U   C 1 9  ? -11.431 0.449   1.124   1.00 22.19  ? 9   U   A OP2   1 
ATOM   556  O "O5'" . U   C 1 9  ? -11.782 0.280   3.561   1.00 19.84  ? 9   U   A "O5'" 1 
ATOM   557  C "C5'" . U   C 1 9  ? -12.557 0.229   4.758   1.00 21.51  ? 9   U   A "C5'" 1 
ATOM   558  C "C4'" . U   C 1 9  ? -11.700 0.063   5.991   1.00 18.18  ? 9   U   A "C4'" 1 
ATOM   559  O "O4'" . U   C 1 9  ? -11.034 -1.228  5.969   1.00 15.38  ? 9   U   A "O4'" 1 
ATOM   560  C "C3'" . U   C 1 9  ? -10.564 1.050   6.172   1.00 18.20  ? 9   U   A "C3'" 1 
ATOM   561  O "O3'" . U   C 1 9  ? -10.995 2.307   6.667   1.00 23.85  ? 9   U   A "O3'" 1 
ATOM   562  C "C2'" . U   C 1 9  ? -9.635  0.301   7.116   1.00 22.49  ? 9   U   A "C2'" 1 
ATOM   563  O "O2'" . U   C 1 9  ? -10.132 0.319   8.450   1.00 16.41  ? 9   U   A "O2'" 1 
ATOM   564  C "C1'" . U   C 1 9  ? -9.772  -1.125  6.585   1.00 19.17  ? 9   U   A "C1'" 1 
ATOM   565  N N1    . U   C 1 9  ? -8.720  -1.444  5.596   1.00 19.41  ? 9   U   A N1    1 
ATOM   566  C C2    . U   C 1 9  ? -7.523  -1.804  6.161   1.00 22.73  ? 9   U   A C2    1 
ATOM   567  O O2    . U   C 1 9  ? -7.376  -1.843  7.378   1.00 18.77  ? 9   U   A O2    1 
ATOM   568  N N3    . U   C 1 9  ? -6.525  -2.105  5.274   1.00 15.08  ? 9   U   A N3    1 
ATOM   569  C C4    . U   C 1 9  ? -6.622  -2.082  3.899   1.00 16.62  ? 9   U   A C4    1 
ATOM   570  O O4    . U   C 1 9  ? -5.631  -2.391  3.242   1.00 15.26  ? 9   U   A O4    1 
ATOM   571  C C5    . U   C 1 9  ? -7.905  -1.705  3.382   1.00 17.73  ? 9   U   A C5    1 
ATOM   572  C C6    . U   C 1 9  ? -8.901  -1.401  4.230   1.00 19.60  ? 9   U   A C6    1 
ATOM   573  P P     . U   C 1 10 ? -10.216 3.652   6.259   1.00 24.48  ? 10  U   A P     1 
ATOM   574  O OP1   . U   C 1 10 ? -10.960 4.770   6.898   1.00 23.53  ? 10  U   A OP1   1 
ATOM   575  O OP2   . U   C 1 10 ? -9.960  3.677   4.799   1.00 25.58  ? 10  U   A OP2   1 
ATOM   576  O "O5'" . U   C 1 10 ? -8.822  3.523   7.008   1.00 22.06  ? 10  U   A "O5'" 1 
ATOM   577  C "C5'" . U   C 1 10 ? -8.755  3.637   8.417   1.00 23.43  ? 10  U   A "C5'" 1 
ATOM   578  C "C4'" . U   C 1 10 ? -7.405  3.218   8.937   1.00 22.38  ? 10  U   A "C4'" 1 
ATOM   579  O "O4'" . U   C 1 10 ? -7.065  1.896   8.433   1.00 19.62  ? 10  U   A "O4'" 1 
ATOM   580  C "C3'" . U   C 1 10 ? -6.220  4.077   8.530   1.00 21.08  ? 10  U   A "C3'" 1 
ATOM   581  O "O3'" . U   C 1 10 ? -6.107  5.270   9.291   1.00 27.56  ? 10  U   A "O3'" 1 
ATOM   582  C "C2'" . U   C 1 10 ? -5.053  3.124   8.743   1.00 25.09  ? 10  U   A "C2'" 1 
ATOM   583  O "O2'" . U   C 1 10 ? -4.768  2.999   10.128  1.00 26.62  ? 10  U   A "O2'" 1 
ATOM   584  C "C1'" . U   C 1 10 ? -5.663  1.797   8.280   1.00 24.76  ? 10  U   A "C1'" 1 
ATOM   585  N N1    . U   C 1 10 ? -5.324  1.483   6.868   1.00 21.21  ? 10  U   A N1    1 
ATOM   586  C C2    . U   C 1 10 ? -4.080  0.904   6.679   1.00 24.89  ? 10  U   A C2    1 
ATOM   587  O O2    . U   C 1 10 ? -3.325  0.676   7.609   1.00 19.48  ? 10  U   A O2    1 
ATOM   588  N N3    . U   C 1 10 ? -3.741  0.622   5.378   1.00 18.90  ? 10  U   A N3    1 
ATOM   589  C C4    . U   C 1 10 ? -4.526  0.845   4.267   1.00 21.44  ? 10  U   A C4    1 
ATOM   590  O O4    . U   C 1 10 ? -4.097  0.526   3.155   1.00 20.14  ? 10  U   A O4    1 
ATOM   591  C C5    . U   C 1 10 ? -5.802  1.443   4.540   1.00 22.28  ? 10  U   A C5    1 
ATOM   592  C C6    . U   C 1 10 ? -6.145  1.747   5.800   1.00 21.34  ? 10  U   A C6    1 
ATOM   593  O "O5'" . A   D 2 1  ? 5.428   -4.108  3.520   1.00 27.40  ? 1   A   B "O5'" 1 
ATOM   594  C "C5'" . A   D 2 1  ? 6.398   -3.631  4.440   1.00 25.45  ? 1   A   B "C5'" 1 
ATOM   595  C "C4'" . A   D 2 1  ? 5.755   -2.859  5.570   1.00 22.51  ? 1   A   B "C4'" 1 
ATOM   596  O "O4'" . A   D 2 1  ? 5.196   -1.616  5.069   1.00 22.30  ? 1   A   B "O4'" 1 
ATOM   597  C "C3'" . A   D 2 1  ? 4.582   -3.528  6.271   1.00 19.64  ? 1   A   B "C3'" 1 
ATOM   598  O "O3'" . A   D 2 1  ? 4.984   -4.485  7.228   1.00 19.21  ? 1   A   B "O3'" 1 
ATOM   599  C "C2'" . A   D 2 1  ? 3.854   -2.340  6.875   1.00 21.09  ? 1   A   B "C2'" 1 
ATOM   600  O "O2'" . A   D 2 1  ? 4.570   -1.850  7.995   1.00 21.62  ? 1   A   B "O2'" 1 
ATOM   601  C "C1'" . A   D 2 1  ? 4.009   -1.310  5.764   1.00 19.69  ? 1   A   B "C1'" 1 
ATOM   602  N N9    . A   D 2 1  ? 2.878   -1.322  4.809   1.00 22.30  ? 1   A   B N9    1 
ATOM   603  C C8    . A   D 2 1  ? 2.888   -1.669  3.476   1.00 21.72  ? 1   A   B C8    1 
ATOM   604  N N7    . A   D 2 1  ? 1.730   -1.536  2.876   1.00 19.50  ? 1   A   B N7    1 
ATOM   605  C C5    . A   D 2 1  ? 0.894   -1.050  3.877   1.00 22.20  ? 1   A   B C5    1 
ATOM   606  C C6    . A   D 2 1  ? -0.472  -0.714  3.892   1.00 21.55  ? 1   A   B C6    1 
ATOM   607  N N6    . A   D 2 1  ? -1.276  -0.795  2.821   1.00 17.89  ? 1   A   B N6    1 
ATOM   608  N N1    . A   D 2 1  ? -0.989  -0.286  5.057   1.00 17.93  ? 1   A   B N1    1 
ATOM   609  C C2    . A   D 2 1  ? -0.194  -0.189  6.134   1.00 19.49  ? 1   A   B C2    1 
ATOM   610  N N3    . A   D 2 1  ? 1.098   -0.491  6.247   1.00 16.42  ? 1   A   B N3    1 
ATOM   611  C C4    . A   D 2 1  ? 1.588   -0.921  5.071   1.00 22.59  ? 1   A   B C4    1 
ATOM   612  P P     . A   D 2 2  ? 4.008   -5.708  7.598   1.00 21.85  ? 2   A   B P     1 
ATOM   613  O OP1   . A   D 2 2  ? 4.730   -6.626  8.506   1.00 19.99  ? 2   A   B OP1   1 
ATOM   614  O OP2   . A   D 2 2  ? 3.379   -6.210  6.355   1.00 21.28  ? 2   A   B OP2   1 
ATOM   615  O "O5'" . A   D 2 2  ? 2.859   -5.010  8.445   1.00 15.59  ? 2   A   B "O5'" 1 
ATOM   616  C "C5'" . A   D 2 2  ? 3.113   -4.470  9.733   1.00 19.17  ? 2   A   B "C5'" 1 
ATOM   617  C "C4'" . A   D 2 2  ? 1.822   -4.128  10.435  1.00 18.65  ? 2   A   B "C4'" 1 
ATOM   618  O "O4'" . A   D 2 2  ? 1.216   -2.953  9.821   1.00 20.51  ? 2   A   B "O4'" 1 
ATOM   619  C "C3'" . A   D 2 2  ? 0.724   -5.183  10.361  1.00 19.23  ? 2   A   B "C3'" 1 
ATOM   620  O "O3'" . A   D 2 2  ? 0.896   -6.231  11.296  1.00 18.80  ? 2   A   B "O3'" 1 
ATOM   621  C "C2'" . A   D 2 2  ? -0.523  -4.357  10.603  1.00 17.32  ? 2   A   B "C2'" 1 
ATOM   622  O "O2'" . A   D 2 2  ? -0.570  -3.973  11.975  1.00 14.98  ? 2   A   B "O2'" 1 
ATOM   623  C "C1'" . A   D 2 2  ? -0.190  -3.108  9.789   1.00 19.03  ? 2   A   B "C1'" 1 
ATOM   624  N N9    . A   D 2 2  ? -0.621  -3.222  8.378   1.00 17.48  ? 2   A   B N9    1 
ATOM   625  C C8    . A   D 2 2  ? 0.126   -3.579  7.271   1.00 18.90  ? 2   A   B C8    1 
ATOM   626  N N7    . A   D 2 2  ? -0.560  -3.558  6.146   1.00 20.39  ? 2   A   B N7    1 
ATOM   627  C C5    . A   D 2 2  ? -1.839  -3.175  6.532   1.00 15.18  ? 2   A   B C5    1 
ATOM   628  C C6    . A   D 2 2  ? -3.026  -2.970  5.808   1.00 19.92  ? 2   A   B C6    1 
ATOM   629  N N6    . A   D 2 2  ? -3.127  -3.136  4.485   1.00 16.39  ? 2   A   B N6    1 
ATOM   630  N N1    . A   D 2 2  ? -4.127  -2.582  6.495   1.00 19.87  ? 2   A   B N1    1 
ATOM   631  C C2    . A   D 2 2  ? -4.031  -2.423  7.815   1.00 18.85  ? 2   A   B C2    1 
ATOM   632  N N3    . A   D 2 2  ? -2.967  -2.579  8.602   1.00 17.31  ? 2   A   B N3    1 
ATOM   633  C C4    . A   D 2 2  ? -1.890  -2.963  7.893   1.00 18.19  ? 2   A   B C4    1 
ATOM   634  P P     . G   D 2 3  ? 0.415   -7.719  10.946  1.00 19.26  ? 3   G   B P     1 
ATOM   635  O OP1   . G   D 2 3  ? 0.808   -8.590  12.087  1.00 19.34  ? 3   G   B OP1   1 
ATOM   636  O OP2   . G   D 2 3  ? 0.754   -8.056  9.541   1.00 19.51  ? 3   G   B OP2   1 
ATOM   637  O "O5'" . G   D 2 3  ? -1.172  -7.617  10.903  1.00 20.24  ? 3   G   B "O5'" 1 
ATOM   638  C "C5'" . G   D 2 3  ? -1.899  -7.325  12.081  1.00 15.50  ? 3   G   B "C5'" 1 
ATOM   639  C "C4'" . G   D 2 3  ? -3.357  -7.070  11.785  1.00 14.38  ? 3   G   B "C4'" 1 
ATOM   640  O "O4'" . G   D 2 3  ? -3.529  -5.875  10.978  1.00 17.63  ? 3   G   B "O4'" 1 
ATOM   641  C "C3'" . G   D 2 3  ? -4.120  -8.126  11.011  1.00 16.40  ? 3   G   B "C3'" 1 
ATOM   642  O "O3'" . G   D 2 3  ? -4.431  -9.272  11.790  1.00 17.76  ? 3   G   B "O3'" 1 
ATOM   643  C "C2'" . G   D 2 3  ? -5.352  -7.344  10.580  1.00 14.14  ? 3   G   B "C2'" 1 
ATOM   644  O "O2'" . G   D 2 3  ? -6.238  -7.182  11.676  1.00 14.44  ? 3   G   B "O2'" 1 
ATOM   645  C "C1'" . G   D 2 3  ? -4.731  -5.983  10.238  1.00 17.74  ? 3   G   B "C1'" 1 
ATOM   646  N N9    . G   D 2 3  ? -4.433  -5.969  8.798   1.00 16.79  ? 3   G   B N9    1 
ATOM   647  C C8    . G   D 2 3  ? -3.264  -6.286  8.161   1.00 19.19  ? 3   G   B C8    1 
ATOM   648  N N7    . G   D 2 3  ? -3.382  -6.262  6.860   1.00 20.26  ? 3   G   B N7    1 
ATOM   649  C C5    . G   D 2 3  ? -4.714  -5.947  6.628   1.00 17.25  ? 3   G   B C5    1 
ATOM   650  C C6    . G   D 2 3  ? -5.433  -5.788  5.415   1.00 16.57  ? 3   G   B C6    1 
ATOM   651  O O6    . G   D 2 3  ? -5.022  -5.887  4.249   1.00 15.56  ? 3   G   B O6    1 
ATOM   652  N N1    . G   D 2 3  ? -6.773  -5.475  5.663   1.00 15.28  ? 3   G   B N1    1 
ATOM   653  C C2    . G   D 2 3  ? -7.343  -5.323  6.899   1.00 19.66  ? 3   G   B C2    1 
ATOM   654  N N2    . G   D 2 3  ? -8.648  -5.005  6.904   1.00 16.51  ? 3   G   B N2    1 
ATOM   655  N N3    . G   D 2 3  ? -6.676  -5.468  8.042   1.00 16.15  ? 3   G   B N3    1 
ATOM   656  C C4    . G   D 2 3  ? -5.382  -5.783  7.823   1.00 14.89  ? 3   G   B C4    1 
ATOM   657  P P     . A   D 2 4  ? -4.577  -10.719 11.097  1.00 19.56  ? 4   A   B P     1 
ATOM   658  O OP1   . A   D 2 4  ? -4.788  -11.732 12.151  1.00 15.38  ? 4   A   B OP1   1 
ATOM   659  O OP2   . A   D 2 4  ? -3.472  -10.929 10.127  1.00 17.39  ? 4   A   B OP2   1 
ATOM   660  O "O5'" . A   D 2 4  ? -5.931  -10.597 10.271  1.00 15.80  ? 4   A   B "O5'" 1 
ATOM   661  C "C5'" . A   D 2 4  ? -7.178  -10.589 10.947  1.00 11.90  ? 4   A   B "C5'" 1 
ATOM   662  C "C4'" . A   D 2 4  ? -8.306  -10.229 10.015  1.00 13.15  ? 4   A   B "C4'" 1 
ATOM   663  O "O4'" . A   D 2 4  ? -7.999  -9.007  9.295   1.00 14.79  ? 4   A   B "O4'" 1 
ATOM   664  C "C3'" . A   D 2 4  ? -8.651  -11.212 8.912   1.00 15.62  ? 4   A   B "C3'" 1 
ATOM   665  O "O3'" . A   D 2 4  ? -9.397  -12.320 9.373   1.00 16.71  ? 4   A   B "O3'" 1 
ATOM   666  C "C2'" . A   D 2 4  ? -9.440  -10.320 7.966   1.00 13.20  ? 4   A   B "C2'" 1 
ATOM   667  O "O2'" . A   D 2 4  ? -10.690 -10.004 8.562   1.00 13.31  ? 4   A   B "O2'" 1 
ATOM   668  C "C1'" . A   D 2 4  ? -8.599  -9.054  8.017   1.00 12.29  ? 4   A   B "C1'" 1 
ATOM   669  N N9    . A   D 2 4  ? -7.538  -9.069  7.003   1.00 13.31  ? 4   A   B N9    1 
ATOM   670  C C8    . A   D 2 4  ? -6.198  -9.345  7.150   1.00 16.29  ? 4   A   B C8    1 
ATOM   671  N N7    . A   D 2 4  ? -5.529  -9.248  6.020   1.00 13.02  ? 4   A   B N7    1 
ATOM   672  C C5    . A   D 2 4  ? -6.497  -8.906  5.076   1.00 13.65  ? 4   A   B C5    1 
ATOM   673  C C6    . A   D 2 4  ? -6.447  -8.658  3.688   1.00 15.59  ? 4   A   B C6    1 
ATOM   674  N N6    . A   D 2 4  ? -5.333  -8.717  2.944   1.00 14.43  ? 4   A   B N6    1 
ATOM   675  N N1    . A   D 2 4  ? -7.605  -8.332  3.078   1.00 14.62  ? 4   A   B N1    1 
ATOM   676  C C2    . A   D 2 4  ? -8.745  -8.251  3.783   1.00 14.39  ? 4   A   B C2    1 
ATOM   677  N N3    . A   D 2 4  ? -8.921  -8.466  5.090   1.00 13.82  ? 4   A   B N3    1 
ATOM   678  C C4    . A   D 2 4  ? -7.741  -8.787  5.675   1.00 15.84  ? 4   A   B C4    1 
ATOM   679  P P     . C   D 2 5  ? -9.415  -13.710 8.563   1.00 21.40  ? 5   C   B P     1 
ATOM   680  O OP1   . C   D 2 5  ? -10.193 -14.651 9.394   1.00 18.76  ? 5   C   B OP1   1 
ATOM   681  O OP2   . C   D 2 5  ? -8.061  -14.050 8.102   1.00 15.44  ? 5   C   B OP2   1 
ATOM   682  O "O5'" . C   D 2 5  ? -10.278 -13.385 7.273   1.00 17.91  ? 5   C   B "O5'" 1 
ATOM   683  C "C5'" . C   D 2 5  ? -11.615 -12.941 7.405   1.00 17.09  ? 5   C   B "C5'" 1 
ATOM   684  C "C4'" . C   D 2 5  ? -12.200 -12.547 6.078   1.00 14.86  ? 5   C   B "C4'" 1 
ATOM   685  O "O4'" . C   D 2 5  ? -11.469 -11.428 5.520   1.00 18.06  ? 5   C   B "O4'" 1 
ATOM   686  C "C3'" . C   D 2 5  ? -12.131 -13.603 4.988   1.00 19.31  ? 5   C   B "C3'" 1 
ATOM   687  O "O3'" . C   D 2 5  ? -13.151 -14.568 5.117   1.00 21.35  ? 5   C   B "O3'" 1 
ATOM   688  C "C2'" . C   D 2 5  ? -12.258 -12.768 3.732   1.00 15.85  ? 5   C   B "C2'" 1 
ATOM   689  O "O2'" . C   D 2 5  ? -13.598 -12.331 3.595   1.00 20.26  ? 5   C   B "O2'" 1 
ATOM   690  C "C1'" . C   D 2 5  ? -11.426 -11.547 4.112   1.00 18.52  ? 5   C   B "C1'" 1 
ATOM   691  N N1    . C   D 2 5  ? -10.015 -11.667 3.690   1.00 13.21  ? 5   C   B N1    1 
ATOM   692  C C2    . C   D 2 5  ? -9.703  -11.428 2.351   1.00 17.15  ? 5   C   B C2    1 
ATOM   693  O O2    . C   D 2 5  ? -10.624 -11.137 1.575   1.00 18.58  ? 5   C   B O2    1 
ATOM   694  N N3    . C   D 2 5  ? -8.413  -11.523 1.940   1.00 16.17  ? 5   C   B N3    1 
ATOM   695  C C4    . C   D 2 5  ? -7.457  -11.833 2.821   1.00 16.20  ? 5   C   B C4    1 
ATOM   696  N N4    . C   D 2 5  ? -6.200  -11.906 2.388   1.00 17.53  ? 5   C   B N4    1 
ATOM   697  C C5    . C   D 2 5  ? -7.746  -12.098 4.188   1.00 15.57  ? 5   C   B C5    1 
ATOM   698  C C6    . C   D 2 5  ? -9.030  -12.010 4.573   1.00 15.32  ? 5   C   B C6    1 
ATOM   699  P P     . U   D 2 6  ? -12.836 -16.106 4.835   1.00 24.29  ? 6   U   B P     1 
ATOM   700  O OP1   . U   D 2 6  ? -14.085 -16.858 5.161   1.00 20.04  ? 6   U   B OP1   1 
ATOM   701  O OP2   . U   D 2 6  ? -11.541 -16.476 5.446   1.00 18.88  ? 6   U   B OP2   1 
ATOM   702  O "O5'" . U   D 2 6  ? -12.631 -16.158 3.253   1.00 21.55  ? 6   U   B "O5'" 1 
ATOM   703  C "C5'" . U   D 2 6  ? -13.718 -15.873 2.385   1.00 19.60  ? 6   U   B "C5'" 1 
ATOM   704  C "C4'" . U   D 2 6  ? -13.244 -15.537 0.994   1.00 15.90  ? 6   U   B "C4'" 1 
ATOM   705  O "O4'" . U   D 2 6  ? -12.342 -14.395 1.027   1.00 16.71  ? 6   U   B "O4'" 1 
ATOM   706  C "C3'" . U   D 2 6  ? -12.430 -16.607 0.289   1.00 15.59  ? 6   U   B "C3'" 1 
ATOM   707  O "O3'" . U   D 2 6  ? -13.213 -17.675 -0.223  1.00 22.20  ? 6   U   B "O3'" 1 
ATOM   708  C "C2'" . U   D 2 6  ? -11.730 -15.793 -0.782  1.00 17.40  ? 6   U   B "C2'" 1 
ATOM   709  O "O2'" . U   D 2 6  ? -12.655 -15.437 -1.794  1.00 13.92  ? 6   U   B "O2'" 1 
ATOM   710  C "C1'" . U   D 2 6  ? -11.376 -14.529 0.006   1.00 12.48  ? 6   U   B "C1'" 1 
ATOM   711  N N1    . U   D 2 6  ? -10.028 -14.661 0.617   1.00 13.88  ? 6   U   B N1    1 
ATOM   712  C C2    . U   D 2 6  ? -8.936  -14.422 -0.212  1.00 13.03  ? 6   U   B C2    1 
ATOM   713  O O2    . U   D 2 6  ? -9.044  -14.106 -1.383  1.00 15.36  ? 6   U   B O2    1 
ATOM   714  N N3    . U   D 2 6  ? -7.698  -14.567 0.360   1.00 11.91  ? 6   U   B N3    1 
ATOM   715  C C4    . U   D 2 6  ? -7.441  -14.937 1.657   1.00 18.16  ? 6   U   B C4    1 
ATOM   716  O O4    . U   D 2 6  ? -6.272  -15.022 2.015   1.00 12.00  ? 6   U   B O4    1 
ATOM   717  C C5    . U   D 2 6  ? -8.605  -15.183 2.462   1.00 18.72  ? 6   U   B C5    1 
ATOM   718  C C6    . U   D 2 6  ? -9.832  -15.047 1.923   1.00 14.76  ? 6   U   B C6    1 
ATOM   719  P P     . G   D 2 7  ? -12.529 -19.084 -0.593  1.00 21.71  ? 7   G   B P     1 
ATOM   720  O OP1   . G   D 2 7  ? -13.648 -20.049 -0.742  1.00 16.86  ? 7   G   B OP1   1 
ATOM   721  O OP2   . G   D 2 7  ? -11.366 -19.425 0.282   1.00 19.09  ? 7   G   B OP2   1 
ATOM   722  O "O5'" . G   D 2 7  ? -11.867 -18.821 -2.021  1.00 15.08  ? 7   G   B "O5'" 1 
ATOM   723  C "C5'" . G   D 2 7  ? -12.686 -18.502 -3.139  1.00 13.97  ? 7   G   B "C5'" 1 
ATOM   724  C "C4'" . G   D 2 7  ? -11.884 -18.468 -4.410  1.00 13.49  ? 7   G   B "C4'" 1 
ATOM   725  O "O4'" . G   D 2 7  ? -11.003 -17.313 -4.406  1.00 15.34  ? 7   G   B "O4'" 1 
ATOM   726  C "C3'" . G   D 2 7  ? -10.945 -19.640 -4.643  1.00 13.57  ? 7   G   B "C3'" 1 
ATOM   727  O "O3'" . G   D 2 7  ? -11.611 -20.774 -5.154  1.00 14.70  ? 7   G   B "O3'" 1 
ATOM   728  C "C2'" . G   D 2 7  ? -9.938  -19.053 -5.620  1.00 16.92  ? 7   G   B "C2'" 1 
ATOM   729  O "O2'" . G   D 2 7  ? -10.492 -18.997 -6.925  1.00 14.18  ? 7   G   B "O2'" 1 
ATOM   730  C "C1'" . G   D 2 7  ? -9.809  -17.625 -5.087  1.00 14.15  ? 7   G   B "C1'" 1 
ATOM   731  N N9    . G   D 2 7  ? -8.704  -17.501 -4.126  1.00 14.43  ? 7   G   B N9    1 
ATOM   732  C C8    . G   D 2 7  ? -8.782  -17.407 -2.749  1.00 14.24  ? 7   G   B C8    1 
ATOM   733  N N7    . G   D 2 7  ? -7.601  -17.296 -2.208  1.00 14.76  ? 7   G   B N7    1 
ATOM   734  C C5    . G   D 2 7  ? -6.714  -17.315 -3.282  1.00 13.06  ? 7   G   B C5    1 
ATOM   735  C C6    . G   D 2 7  ? -5.302  -17.215 -3.316  1.00 16.54  ? 7   G   B C6    1 
ATOM   736  O O6    . G   D 2 7  ? -4.531  -17.090 -2.355  1.00 13.61  ? 7   G   B O6    1 
ATOM   737  N N1    . G   D 2 7  ? -4.814  -17.278 -4.626  1.00 14.34  ? 7   G   B N1    1 
ATOM   738  C C2    . G   D 2 7  ? -5.575  -17.414 -5.759  1.00 15.05  ? 7   G   B C2    1 
ATOM   739  N N2    . G   D 2 7  ? -4.897  -17.458 -6.937  1.00 14.44  ? 7   G   B N2    1 
ATOM   740  N N3    . G   D 2 7  ? -6.906  -17.503 -5.741  1.00 10.46  ? 7   G   B N3    1 
ATOM   741  C C4    . G   D 2 7  ? -7.389  -17.433 -4.479  1.00 15.39  ? 7   G   B C4    1 
ATOM   742  P P     . C   D 2 8  ? -11.148 -22.242 -4.727  1.00 19.68  ? 8   C   B P     1 
ATOM   743  O OP1   . C   D 2 8  ? -12.119 -23.146 -5.385  1.00 18.26  ? 8   C   B OP1   1 
ATOM   744  O OP2   . C   D 2 8  ? -10.891 -22.353 -3.271  1.00 14.57  ? 8   C   B OP2   1 
ATOM   745  O "O5'" . C   D 2 8  ? -9.697  -22.383 -5.375  1.00 17.16  ? 8   C   B "O5'" 1 
ATOM   746  C "C5'" . C   D 2 8  ? -9.529  -22.423 -6.782  1.00 11.65  ? 8   C   B "C5'" 1 
ATOM   747  C "C4'" . C   D 2 8  ? -8.072  -22.322 -7.161  1.00 13.22  ? 8   C   B "C4'" 1 
ATOM   748  O "O4'" . C   D 2 8  ? -7.509  -21.064 -6.714  1.00 13.92  ? 8   C   B "O4'" 1 
ATOM   749  C "C3'" . C   D 2 8  ? -7.136  -23.355 -6.560  1.00 13.88  ? 8   C   B "C3'" 1 
ATOM   750  O "O3'" . C   D 2 8  ? -7.237  -24.635 -7.165  1.00 13.16  ? 8   C   B "O3'" 1 
ATOM   751  C "C2'" . C   D 2 8  ? -5.785  -22.695 -6.753  1.00 15.78  ? 8   C   B "C2'" 1 
ATOM   752  O "O2'" . C   D 2 8  ? -5.395  -22.786 -8.118  1.00 11.21  ? 8   C   B "O2'" 1 
ATOM   753  C "C1'" . C   D 2 8  ? -6.132  -21.237 -6.437  1.00 14.11  ? 8   C   B "C1'" 1 
ATOM   754  N N1    . C   D 2 8  ? -5.887  -20.930 -5.012  1.00 11.56  ? 8   C   B N1    1 
ATOM   755  C C2    . C   D 2 8  ? -4.569  -20.627 -4.642  1.00 15.90  ? 8   C   B C2    1 
ATOM   756  O O2    . C   D 2 8  ? -3.691  -20.624 -5.513  1.00 15.27  ? 8   C   B O2    1 
ATOM   757  N N3    . C   D 2 8  ? -4.281  -20.361 -3.342  1.00 18.09  ? 8   C   B N3    1 
ATOM   758  C C4    . C   D 2 8  ? -5.248  -20.387 -2.430  1.00 14.55  ? 8   C   B C4    1 
ATOM   759  N N4    . C   D 2 8  ? -4.915  -20.108 -1.161  1.00 14.20  ? 8   C   B N4    1 
ATOM   760  C C5    . C   D 2 8  ? -6.598  -20.697 -2.774  1.00 15.20  ? 8   C   B C5    1 
ATOM   761  C C6    . C   D 2 8  ? -6.860  -20.972 -4.069  1.00 12.55  ? 8   C   B C6    1 
ATOM   762  P P     . C   D 2 9  ? -7.141  -25.949 -6.243  1.00 17.48  ? 9   C   B P     1 
ATOM   763  O OP1   . C   D 2 9  ? -7.407  -27.070 -7.204  1.00 17.05  ? 9   C   B OP1   1 
ATOM   764  O OP2   . C   D 2 9  ? -7.968  -25.818 -5.034  1.00 15.39  ? 9   C   B OP2   1 
ATOM   765  O "O5'" . C   D 2 9  ? -5.611  -25.978 -5.810  1.00 15.91  ? 9   C   B "O5'" 1 
ATOM   766  C "C5'" . C   D 2 9  ? -4.644  -26.260 -6.810  1.00 15.28  ? 9   C   B "C5'" 1 
ATOM   767  C "C4'" . C   D 2 9  ? -3.245  -25.950 -6.361  1.00 14.99  ? 9   C   B "C4'" 1 
ATOM   768  O "O4'" . C   D 2 9  ? -3.145  -24.576 -5.890  1.00 15.55  ? 9   C   B "O4'" 1 
ATOM   769  C "C3'" . C   D 2 9  ? -2.707  -26.764 -5.193  1.00 18.42  ? 9   C   B "C3'" 1 
ATOM   770  O "O3'" . C   D 2 9  ? -2.304  -28.060 -5.566  1.00 23.22  ? 9   C   B "O3'" 1 
ATOM   771  C "C2'" . C   D 2 9  ? -1.555  -25.898 -4.735  1.00 21.65  ? 9   C   B "C2'" 1 
ATOM   772  O "O2'" . C   D 2 9  ? -0.505  -25.982 -5.686  1.00 21.53  ? 9   C   B "O2'" 1 
ATOM   773  C "C1'" . C   D 2 9  ? -2.192  -24.510 -4.848  1.00 14.90  ? 9   C   B "C1'" 1 
ATOM   774  N N1    . C   D 2 9  ? -2.883  -24.140 -3.595  1.00 15.48  ? 9   C   B N1    1 
ATOM   775  C C2    . C   D 2 9  ? -2.107  -23.664 -2.532  1.00 18.98  ? 9   C   B C2    1 
ATOM   776  O O2    . C   D 2 9  ? -0.880  -23.571 -2.670  1.00 19.82  ? 9   C   B O2    1 
ATOM   777  N N3    . C   D 2 9  ? -2.709  -23.318 -1.375  1.00 16.79  ? 9   C   B N3    1 
ATOM   778  C C4    . C   D 2 9  ? -4.022  -23.444 -1.235  1.00 15.79  ? 9   C   B C4    1 
ATOM   779  N N4    . C   D 2 9  ? -4.542  -23.098 -0.056  1.00 19.05  ? 9   C   B N4    1 
ATOM   780  C C5    . C   D 2 9  ? -4.850  -23.923 -2.291  1.00 18.63  ? 9   C   B C5    1 
ATOM   781  C C6    . C   D 2 9  ? -4.241  -24.262 -3.439  1.00 15.22  ? 9   C   B C6    1 
ATOM   782  P P     . U   D 2 10 ? -2.208  -29.233 -4.467  1.00 27.62  ? 10  U   B P     1 
ATOM   783  O OP1   . U   D 2 10 ? -1.840  -30.436 -5.244  1.00 23.68  ? 10  U   B OP1   1 
ATOM   784  O OP2   . U   D 2 10 ? -3.409  -29.242 -3.612  1.00 22.74  ? 10  U   B OP2   1 
ATOM   785  O "O5'" . U   D 2 10 ? -0.991  -28.795 -3.533  1.00 26.51  ? 10  U   B "O5'" 1 
ATOM   786  C "C5'" . U   D 2 10 ? 0.358   -28.899 -3.966  1.00 38.06  ? 10  U   B "C5'" 1 
ATOM   787  C "C4'" . U   D 2 10 ? 1.315   -28.319 -2.946  1.00 29.26  ? 10  U   B "C4'" 1 
ATOM   788  O "O4'" . U   D 2 10 ? 0.813   -27.041 -2.487  1.00 25.85  ? 10  U   B "O4'" 1 
ATOM   789  C "C3'" . U   D 2 10 ? 1.512   -29.104 -1.655  1.00 24.04  ? 10  U   B "C3'" 1 
ATOM   790  O "O3'" . U   D 2 10 ? 2.403   -30.192 -1.792  1.00 40.28  ? 10  U   B "O3'" 1 
ATOM   791  C "C2'" . U   D 2 10 ? 2.023   -28.035 -0.697  1.00 31.37  ? 10  U   B "C2'" 1 
ATOM   792  O "O2'" . U   D 2 10 ? 3.391   -27.760 -0.947  1.00 32.40  ? 10  U   B "O2'" 1 
ATOM   793  C "C1'" . U   D 2 10 ? 1.218   -26.817 -1.151  1.00 30.21  ? 10  U   B "C1'" 1 
ATOM   794  N N1    . U   D 2 10 ? 0.032   -26.560 -0.306  1.00 26.15  ? 10  U   B N1    1 
ATOM   795  C C2    . U   D 2 10 ? 0.285   -26.042 0.947   1.00 30.22  ? 10  U   B C2    1 
ATOM   796  O O2    . U   D 2 10 ? 1.411   -25.818 1.368   1.00 36.39  ? 10  U   B O2    1 
ATOM   797  N N3    . U   D 2 10 ? -0.831  -25.791 1.692   1.00 26.60  ? 10  U   B N3    1 
ATOM   798  C C4    . U   D 2 10 ? -2.142  -25.998 1.314   1.00 27.82  ? 10  U   B C4    1 
ATOM   799  O O4    . U   D 2 10 ? -3.040  -25.733 2.110   1.00 40.95  ? 10  U   B O4    1 
ATOM   800  C C5    . U   D 2 10 ? -2.329  -26.543 0.007   1.00 29.76  ? 10  U   B C5    1 
ATOM   801  C C6    . U   D 2 10 ? -1.250  -26.797 -0.743  1.00 30.54  ? 10  U   B C6    1 
ATOM   802  P P     . G   D 2 11 ? 1.992   -31.641 -1.233  1.00 39.39  ? 11  G   B P     1 
ATOM   803  O OP1   . G   D 2 11 ? 2.990   -32.610 -1.753  1.00 40.87  ? 11  G   B OP1   1 
ATOM   804  O OP2   . G   D 2 11 ? 0.552   -31.851 -1.473  1.00 35.88  ? 11  G   B OP2   1 
ATOM   805  O "O5'" . G   D 2 11 ? 2.135   -31.511 0.355   1.00 34.61  ? 11  G   B "O5'" 1 
ATOM   806  O "O5'" . C   E 1 1  ? 5.874   19.662  4.177   1.00 69.93  ? 1   C   E "O5'" 1 
ATOM   807  C "C5'" . C   E 1 1  ? 5.706   20.203  5.479   1.00 69.40  ? 1   C   E "C5'" 1 
ATOM   808  C "C4'" . C   E 1 1  ? 4.408   20.966  5.616   1.00 70.57  ? 1   C   E "C4'" 1 
ATOM   809  O "O4'" . C   E 1 1  ? 4.511   22.265  4.973   1.00 75.80  ? 1   C   E "O4'" 1 
ATOM   810  C "C3'" . C   E 1 1  ? 3.181   20.347  4.970   1.00 74.22  ? 1   C   E "C3'" 1 
ATOM   811  O "O3'" . C   E 1 1  ? 2.622   19.278  5.714   1.00 84.17  ? 1   C   E "O3'" 1 
ATOM   812  C "C2'" . C   E 1 1  ? 2.248   21.544  4.827   1.00 70.14  ? 1   C   E "C2'" 1 
ATOM   813  O "O2'" . C   E 1 1  ? 1.624   21.850  6.065   1.00 64.50  ? 1   C   E "O2'" 1 
ATOM   814  C "C1'" . C   E 1 1  ? 3.240   22.661  4.491   1.00 67.86  ? 1   C   E "C1'" 1 
ATOM   815  N N1    . C   E 1 1  ? 3.321   22.909  3.030   1.00 65.32  ? 1   C   E N1    1 
ATOM   816  C C2    . C   E 1 1  ? 2.323   23.695  2.429   1.00 59.86  ? 1   C   E C2    1 
ATOM   817  O O2    . C   E 1 1  ? 1.409   24.167  3.135   1.00 56.58  ? 1   C   E O2    1 
ATOM   818  N N3    . C   E 1 1  ? 2.383   23.925  1.091   1.00 57.61  ? 1   C   E N3    1 
ATOM   819  C C4    . C   E 1 1  ? 3.376   23.403  0.362   1.00 57.97  ? 1   C   E C4    1 
ATOM   820  N N4    . C   E 1 1  ? 3.394   23.655  -0.946  1.00 53.23  ? 1   C   E N4    1 
ATOM   821  C C5    . C   E 1 1  ? 4.401   22.598  0.946   1.00 64.65  ? 1   C   E C5    1 
ATOM   822  C C6    . C   E 1 1  ? 4.334   22.380  2.269   1.00 65.90  ? 1   C   E C6    1 
ATOM   823  P P     . A   E 1 2  ? 2.032   17.997  4.941   1.00 101.51 ? 2   A   E P     1 
ATOM   824  O OP1   . A   E 1 2  ? 1.812   16.914  5.936   1.00 96.34  ? 2   A   E OP1   1 
ATOM   825  O OP2   . A   E 1 2  ? 2.889   17.761  3.747   1.00 85.53  ? 2   A   E OP2   1 
ATOM   826  O "O5'" . A   E 1 2  ? 0.610   18.476  4.409   1.00 74.63  ? 2   A   E "O5'" 1 
ATOM   827  C "C5'" . A   E 1 2  ? -0.437  18.792  5.312   1.00 67.77  ? 2   A   E "C5'" 1 
ATOM   828  C "C4'" . A   E 1 2  ? -1.445  19.722  4.683   1.00 66.52  ? 2   A   E "C4'" 1 
ATOM   829  O "O4'" . A   E 1 2  ? -0.768  20.895  4.159   1.00 67.26  ? 2   A   E "O4'" 1 
ATOM   830  C "C3'" . A   E 1 2  ? -2.211  19.182  3.484   1.00 63.88  ? 2   A   E "C3'" 1 
ATOM   831  O "O3'" . A   E 1 2  ? -3.284  18.324  3.833   1.00 63.24  ? 2   A   E "O3'" 1 
ATOM   832  C "C2'" . A   E 1 2  ? -2.649  20.457  2.773   1.00 61.05  ? 2   A   E "C2'" 1 
ATOM   833  O "O2'" . A   E 1 2  ? -3.762  21.045  3.432   1.00 59.24  ? 2   A   E "O2'" 1 
ATOM   834  C "C1'" . A   E 1 2  ? -1.428  21.352  2.994   1.00 65.44  ? 2   A   E "C1'" 1 
ATOM   835  N N9    . A   E 1 2  ? -0.484  21.305  1.856   1.00 61.41  ? 2   A   E N9    1 
ATOM   836  C C8    . A   E 1 2  ? 0.770   20.734  1.806   1.00 64.30  ? 2   A   E C8    1 
ATOM   837  N N7    . A   E 1 2  ? 1.368   20.866  0.640   1.00 62.11  ? 2   A   E N7    1 
ATOM   838  C C5    . A   E 1 2  ? 0.449   21.568  -0.135  1.00 50.40  ? 2   A   E C5    1 
ATOM   839  C C6    . A   E 1 2  ? 0.477   22.027  -1.469  1.00 52.79  ? 2   A   E C6    1 
ATOM   840  N N6    . A   E 1 2  ? 1.506   21.843  -2.309  1.00 45.94  ? 2   A   E N6    1 
ATOM   841  N N1    . A   E 1 2  ? -0.610  22.696  -1.923  1.00 50.03  ? 2   A   E N1    1 
ATOM   842  C C2    . A   E 1 2  ? -1.644  22.886  -1.092  1.00 46.77  ? 2   A   E C2    1 
ATOM   843  N N3    . A   E 1 2  ? -1.786  22.503  0.174   1.00 48.24  ? 2   A   E N3    1 
ATOM   844  C C4    . A   E 1 2  ? -0.694  21.843  0.603   1.00 51.57  ? 2   A   E C4    1 
ATOM   845  P P     . G   E 1 3  ? -3.702  17.124  2.847   1.00 64.77  ? 3   G   E P     1 
ATOM   846  O OP1   . G   E 1 3  ? -4.820  16.383  3.486   1.00 64.80  ? 3   G   E OP1   1 
ATOM   847  O OP2   . G   E 1 3  ? -2.473  16.379  2.454   1.00 56.88  ? 3   G   E OP2   1 
ATOM   848  O "O5'" . G   E 1 3  ? -4.267  17.872  1.556   1.00 48.64  ? 3   G   E "O5'" 1 
ATOM   849  C "C5'" . G   E 1 3  ? -5.506  18.567  1.599   1.00 46.20  ? 3   G   E "C5'" 1 
ATOM   850  C "C4'" . G   E 1 3  ? -5.900  19.094  0.240   1.00 43.42  ? 3   G   E "C4'" 1 
ATOM   851  O "O4'" . G   E 1 3  ? -4.942  20.091  -0.203  1.00 46.76  ? 3   G   E "O4'" 1 
ATOM   852  C "C3'" . G   E 1 3  ? -5.922  18.076  -0.887  1.00 41.11  ? 3   G   E "C3'" 1 
ATOM   853  O "O3'" . G   E 1 3  ? -7.117  17.319  -0.909  1.00 43.07  ? 3   G   E "O3'" 1 
ATOM   854  C "C2'" . G   E 1 3  ? -5.727  18.939  -2.127  1.00 43.20  ? 3   G   E "C2'" 1 
ATOM   855  O "O2'" . G   E 1 3  ? -6.948  19.551  -2.506  1.00 37.32  ? 3   G   E "O2'" 1 
ATOM   856  C "C1'" . G   E 1 3  ? -4.778  20.018  -1.603  1.00 39.49  ? 3   G   E "C1'" 1 
ATOM   857  N N9    . G   E 1 3  ? -3.364  19.702  -1.891  1.00 42.25  ? 3   G   E N9    1 
ATOM   858  C C8    . G   E 1 3  ? -2.427  19.242  -0.995  1.00 47.13  ? 3   G   E C8    1 
ATOM   859  N N7    . G   E 1 3  ? -1.253  19.045  -1.530  1.00 39.31  ? 3   G   E N7    1 
ATOM   860  C C5    . G   E 1 3  ? -1.418  19.406  -2.865  1.00 37.00  ? 3   G   E C5    1 
ATOM   861  C C6    . G   E 1 3  ? -0.488  19.406  -3.941  1.00 35.47  ? 3   G   E C6    1 
ATOM   862  O O6    . G   E 1 3  ? 0.706   19.073  -3.920  1.00 36.91  ? 3   G   E O6    1 
ATOM   863  N N1    . G   E 1 3  ? -1.068  19.837  -5.134  1.00 34.75  ? 3   G   E N1    1 
ATOM   864  C C2    . G   E 1 3  ? -2.380  20.220  -5.261  1.00 34.02  ? 3   G   E C2    1 
ATOM   865  N N2    . G   E 1 3  ? -2.774  20.601  -6.479  1.00 34.03  ? 3   G   E N2    1 
ATOM   866  N N3    . G   E 1 3  ? -3.253  20.229  -4.266  1.00 39.48  ? 3   G   E N3    1 
ATOM   867  C C4    . G   E 1 3  ? -2.713  19.810  -3.103  1.00 36.06  ? 3   G   E C4    1 
ATOM   868  P P     . U   E 1 4  ? -7.059  15.747  -1.220  1.00 43.10  ? 4   U   E P     1 
ATOM   869  O OP1   . U   E 1 4  ? -8.463  15.256  -1.225  1.00 38.60  ? 4   U   E OP1   1 
ATOM   870  O OP2   . U   E 1 4  ? -6.037  15.107  -0.354  1.00 42.57  ? 4   U   E OP2   1 
ATOM   871  O "O5'" . U   E 1 4  ? -6.455  15.676  -2.694  1.00 36.59  ? 4   U   E "O5'" 1 
ATOM   872  C "C5'" . U   E 1 4  ? -7.238  16.016  -3.825  1.00 39.24  ? 4   U   E "C5'" 1 
ATOM   873  C "C4'" . U   E 1 4  ? -6.432  15.945  -5.097  1.00 37.54  ? 4   U   E "C4'" 1 
ATOM   874  O "O4'" . U   E 1 4  ? -5.383  16.950  -5.067  1.00 35.39  ? 4   U   E "O4'" 1 
ATOM   875  C "C3'" . U   E 1 4  ? -5.669  14.653  -5.356  1.00 33.23  ? 4   U   E "C3'" 1 
ATOM   876  O "O3'" . U   E 1 4  ? -6.457  13.583  -5.838  1.00 35.51  ? 4   U   E "O3'" 1 
ATOM   877  C "C2'" . U   E 1 4  ? -4.616  15.107  -6.350  1.00 35.90  ? 4   U   E "C2'" 1 
ATOM   878  O "O2'" . U   E 1 4  ? -5.203  15.282  -7.628  1.00 34.41  ? 4   U   E "O2'" 1 
ATOM   879  C "C1'" . U   E 1 4  ? -4.256  16.481  -5.782  1.00 32.63  ? 4   U   E "C1'" 1 
ATOM   880  N N1    . U   E 1 4  ? -3.094  16.370  -4.873  1.00 32.36  ? 4   U   E N1    1 
ATOM   881  C C2    . U   E 1 4  ? -1.863  16.471  -5.481  1.00 32.65  ? 4   U   E C2    1 
ATOM   882  O O2    . U   E 1 4  ? -1.734  16.673  -6.672  1.00 35.90  ? 4   U   E O2    1 
ATOM   883  N N3    . U   E 1 4  ? -0.781  16.336  -4.658  1.00 33.10  ? 4   U   E N3    1 
ATOM   884  C C4    . U   E 1 4  ? -0.794  16.113  -3.304  1.00 33.57  ? 4   U   E C4    1 
ATOM   885  O O4    . U   E 1 4  ? 0.284   16.024  -2.715  1.00 35.67  ? 4   U   E O4    1 
ATOM   886  C C5    . U   E 1 4  ? -2.107  16.005  -2.735  1.00 40.99  ? 4   U   E C5    1 
ATOM   887  C C6    . U   E 1 4  ? -3.191  16.126  -3.523  1.00 39.38  ? 4   U   E C6    1 
ATOM   888  P P     . G   E 1 5  ? -5.938  12.074  -5.623  1.00 35.48  ? 5   G   E P     1 
ATOM   889  O OP1   . G   E 1 5  ? -7.037  11.171  -6.057  1.00 40.42  ? 5   G   E OP1   1 
ATOM   890  O OP2   . G   E 1 5  ? -5.377  11.975  -4.258  1.00 26.88  ? 5   G   E OP2   1 
ATOM   891  O "O5'" . G   E 1 5  ? -4.683  11.921  -6.599  1.00 34.90  ? 5   G   E "O5'" 1 
ATOM   892  C "C5'" . G   E 1 5  ? -4.868  11.433  -7.913  1.00 31.35  ? 5   G   E "C5'" 1 
ATOM   893  C "C4'" . G   E 1 5  ? -3.701  11.704  -8.834  1.00 35.15  ? 5   G   E "C4'" 1 
ATOM   894  O "O4'" . G   E 1 5  ? -3.004  12.936  -8.521  1.00 31.64  ? 5   G   E "O4'" 1 
ATOM   895  C "C3'" . G   E 1 5  ? -2.584  10.689  -8.861  1.00 30.69  ? 5   G   E "C3'" 1 
ATOM   896  O "O3'" . G   E 1 5  ? -2.962  9.477   -9.482  1.00 33.61  ? 5   G   E "O3'" 1 
ATOM   897  C "C2'" . G   E 1 5  ? -1.500  11.453  -9.610  1.00 31.38  ? 5   G   E "C2'" 1 
ATOM   898  O "O2'" . G   E 1 5  ? -1.796  11.497  -10.999 1.00 30.95  ? 5   G   E "O2'" 1 
ATOM   899  C "C1'" . G   E 1 5  ? -1.686  12.862  -9.038  1.00 29.71  ? 5   G   E "C1'" 1 
ATOM   900  N N9    . G   E 1 5  ? -0.702  13.139  -7.971  1.00 30.88  ? 5   G   E N9    1 
ATOM   901  C C8    . G   E 1 5  ? -0.916  13.301  -6.628  1.00 29.26  ? 5   G   E C8    1 
ATOM   902  N N7    . G   E 1 5  ? 0.185   13.523  -5.960  1.00 33.18  ? 5   G   E N7    1 
ATOM   903  C C5    . G   E 1 5  ? 1.188   13.490  -6.919  1.00 31.23  ? 5   G   E C5    1 
ATOM   904  C C6    . G   E 1 5  ? 2.592   13.663  -6.795  1.00 28.46  ? 5   G   E C6    1 
ATOM   905  O O6    . G   E 1 5  ? 3.268   13.881  -5.782  1.00 28.68  ? 5   G   E O6    1 
ATOM   906  N N1    . G   E 1 5  ? 3.228   13.558  -8.025  1.00 28.89  ? 5   G   E N1    1 
ATOM   907  C C2    . G   E 1 5  ? 2.612   13.321  -9.224  1.00 29.98  ? 5   G   E C2    1 
ATOM   908  N N2    . G   E 1 5  ? 3.430   13.252  -10.288 1.00 29.48  ? 5   G   E N2    1 
ATOM   909  N N3    . G   E 1 5  ? 1.305   13.162  -9.357  1.00 27.61  ? 5   G   E N3    1 
ATOM   910  C C4    . G   E 1 5  ? 0.658   13.255  -8.169  1.00 28.82  ? 5   G   E C4    1 
ATOM   911  P P     . G   E 1 6  ? -2.430  8.086   -8.887  1.00 30.01  ? 6   G   E P     1 
ATOM   912  O OP1   . G   E 1 6  ? -3.117  7.029   -9.675  1.00 33.58  ? 6   G   E OP1   1 
ATOM   913  O OP2   . G   E 1 6  ? -2.505  8.080   -7.409  1.00 30.15  ? 6   G   E OP2   1 
ATOM   914  O "O5'" . G   E 1 6  ? -0.898  8.076   -9.293  1.00 25.97  ? 6   G   E "O5'" 1 
ATOM   915  C "C5'" . G   E 1 6  ? -0.523  7.907   -10.652 1.00 24.36  ? 6   G   E "C5'" 1 
ATOM   916  C "C4'" . G   E 1 6  ? 0.955   8.119   -10.833 1.00 33.90  ? 6   G   E "C4'" 1 
ATOM   917  O "O4'" . G   E 1 6  ? 1.318   9.445   -10.364 1.00 32.85  ? 6   G   E "O4'" 1 
ATOM   918  C "C3'" . G   E 1 6  ? 1.871   7.193   -10.045 1.00 30.63  ? 6   G   E "C3'" 1 
ATOM   919  O "O3'" . G   E 1 6  ? 2.028   5.919   -10.648 1.00 38.30  ? 6   G   E "O3'" 1 
ATOM   920  C "C2'" . G   E 1 6  ? 3.158   7.996   -9.983  1.00 31.61  ? 6   G   E "C2'" 1 
ATOM   921  O "O2'" . G   E 1 6  ? 3.836   7.932   -11.229 1.00 31.50  ? 6   G   E "O2'" 1 
ATOM   922  C "C1'" . G   E 1 6  ? 2.612   9.413   -9.802  1.00 26.86  ? 6   G   E "C1'" 1 
ATOM   923  N N9    . G   E 1 6  ? 2.523   9.785   -8.379  1.00 30.90  ? 6   G   E N9    1 
ATOM   924  C C8    . G   E 1 6  ? 1.428   9.858   -7.553  1.00 27.50  ? 6   G   E C8    1 
ATOM   925  N N7    . G   E 1 6  ? 1.740   10.229  -6.337  1.00 31.15  ? 6   G   E N7    1 
ATOM   926  C C5    . G   E 1 6  ? 3.119   10.409  -6.367  1.00 30.47  ? 6   G   E C5    1 
ATOM   927  C C6    . G   E 1 6  ? 4.043   10.812  -5.362  1.00 28.44  ? 6   G   E C6    1 
ATOM   928  O O6    . G   E 1 6  ? 3.818   11.107  -4.181  1.00 31.90  ? 6   G   E O6    1 
ATOM   929  N N1    . G   E 1 6  ? 5.350   10.857  -5.856  1.00 27.78  ? 6   G   E N1    1 
ATOM   930  C C2    . G   E 1 6  ? 5.725   10.560  -7.144  1.00 26.48  ? 6   G   E C2    1 
ATOM   931  N N2    . G   E 1 6  ? 7.028   10.649  -7.451  1.00 29.63  ? 6   G   E N2    1 
ATOM   932  N N3    . G   E 1 6  ? 4.874   10.190  -8.078  1.00 27.48  ? 6   G   E N3    1 
ATOM   933  C C4    . G   E 1 6  ? 3.607   10.138  -7.621  1.00 28.12  ? 6   G   E C4    1 
ATOM   934  P P     . U   E 1 7  ? 2.473   4.650   -9.767  1.00 33.99  ? 7   U   E P     1 
ATOM   935  O OP1   . U   E 1 7  ? 2.431   3.475   -10.669 1.00 38.68  ? 7   U   E OP1   1 
ATOM   936  O OP2   . U   E 1 7  ? 1.705   4.631   -8.501  1.00 30.34  ? 7   U   E OP2   1 
ATOM   937  O "O5'" . U   E 1 7  ? 4.010   4.928   -9.449  1.00 30.51  ? 7   U   E "O5'" 1 
ATOM   938  C "C5'" . U   E 1 7  ? 4.979   4.868   -10.485 1.00 30.47  ? 7   U   E "C5'" 1 
ATOM   939  C "C4'" . U   E 1 7  ? 6.362   5.168   -9.968  1.00 30.46  ? 7   U   E "C4'" 1 
ATOM   940  O "O4'" . U   E 1 7  ? 6.404   6.528   -9.462  1.00 32.03  ? 7   U   E "O4'" 1 
ATOM   941  C "C3'" . U   E 1 7  ? 6.831   4.330   -8.789  1.00 26.29  ? 7   U   E "C3'" 1 
ATOM   942  O "O3'" . U   E 1 7  ? 7.309   3.060   -9.162  1.00 35.51  ? 7   U   E "O3'" 1 
ATOM   943  C "C2'" . U   E 1 7  ? 7.885   5.223   -8.154  1.00 31.33  ? 7   U   E "C2'" 1 
ATOM   944  O "O2'" . U   E 1 7  ? 9.087   5.201   -8.905  1.00 35.01  ? 7   U   E "O2'" 1 
ATOM   945  C "C1'" . U   E 1 7  ? 7.242   6.596   -8.327  1.00 32.16  ? 7   U   E "C1'" 1 
ATOM   946  N N1    . U   E 1 7  ? 6.408   6.956   -7.160  1.00 30.30  ? 7   U   E N1    1 
ATOM   947  C C2    . U   E 1 7  ? 7.051   7.382   -6.015  1.00 31.52  ? 7   U   E C2    1 
ATOM   948  O O2    . U   E 1 7  ? 8.268   7.471   -5.954  1.00 38.03  ? 7   U   E O2    1 
ATOM   949  N N3    . U   E 1 7  ? 6.219   7.699   -4.963  1.00 29.92  ? 7   U   E N3    1 
ATOM   950  C C4    . U   E 1 7  ? 4.841   7.626   -4.954  1.00 30.83  ? 7   U   E C4    1 
ATOM   951  O O4    . U   E 1 7  ? 4.204   7.943   -3.949  1.00 36.44  ? 7   U   E O4    1 
ATOM   952  C C5    . U   E 1 7  ? 4.262   7.169   -6.176  1.00 28.84  ? 7   U   E C5    1 
ATOM   953  C C6    . U   E 1 7  ? 5.043   6.858   -7.208  1.00 31.16  ? 7   U   E C6    1 
ATOM   954  P P     . C   E 1 8  ? 7.027   1.798   -8.212  1.00 39.38  ? 8   C   E P     1 
ATOM   955  O OP1   . C   E 1 8  ? 7.408   0.593   -8.992  1.00 45.29  ? 8   C   E OP1   1 
ATOM   956  O OP2   . C   E 1 8  ? 5.665   1.905   -7.623  1.00 33.83  ? 8   C   E OP2   1 
ATOM   957  O "O5'" . C   E 1 8  ? 8.054   1.982   -7.013  1.00 38.55  ? 8   C   E "O5'" 1 
ATOM   958  C "C5'" . C   E 1 8  ? 9.447   1.994   -7.255  1.00 38.56  ? 8   C   E "C5'" 1 
ATOM   959  C "C4'" . C   E 1 8  ? 10.190  2.614   -6.105  1.00 38.48  ? 8   C   E "C4'" 1 
ATOM   960  O "O4'" . C   E 1 8  ? 9.678   3.950   -5.849  1.00 35.18  ? 8   C   E "O4'" 1 
ATOM   961  C "C3'" . C   E 1 8  ? 10.055  1.912   -4.762  1.00 33.29  ? 8   C   E "C3'" 1 
ATOM   962  O "O3'" . C   E 1 8  ? 10.885  0.765   -4.646  1.00 30.28  ? 8   C   E "O3'" 1 
ATOM   963  C "C2'" . C   E 1 8  ? 10.407  3.025   -3.788  1.00 33.01  ? 8   C   E "C2'" 1 
ATOM   964  O "O2'" . C   E 1 8  ? 11.811  3.251   -3.791  1.00 31.21  ? 8   C   E "O2'" 1 
ATOM   965  C "C1'" . C   E 1 8  ? 9.744   4.226   -4.463  1.00 33.55  ? 8   C   E "C1'" 1 
ATOM   966  N N1    . C   E 1 8  ? 8.375   4.483   -3.953  1.00 32.11  ? 8   C   E N1    1 
ATOM   967  C C2    . C   E 1 8  ? 8.249   5.123   -2.724  1.00 31.78  ? 8   C   E C2    1 
ATOM   968  O O2    . C   E 1 8  ? 9.285   5.421   -2.116  1.00 31.68  ? 8   C   E O2    1 
ATOM   969  N N3    . C   E 1 8  ? 7.019   5.387   -2.228  1.00 27.81  ? 8   C   E N3    1 
ATOM   970  C C4    . C   E 1 8  ? 5.934   5.042   -2.917  1.00 31.20  ? 8   C   E C4    1 
ATOM   971  N N4    . C   E 1 8  ? 4.741   5.327   -2.390  1.00 30.40  ? 8   C   E N4    1 
ATOM   972  C C5    . C   E 1 8  ? 6.025   4.390   -4.181  1.00 34.46  ? 8   C   E C5    1 
ATOM   973  C C6    . C   E 1 8  ? 7.254   4.136   -4.656  1.00 34.94  ? 8   C   E C6    1 
ATOM   974  P P     . U   E 1 9  ? 10.429  -0.520  -3.778  1.00 36.53  ? 9   U   E P     1 
ATOM   975  O OP1   . U   E 1 9  ? 11.426  -1.584  -4.084  1.00 37.33  ? 9   U   E OP1   1 
ATOM   976  O OP2   . U   E 1 9  ? 8.986   -0.807  -3.980  1.00 37.25  ? 9   U   E OP2   1 
ATOM   977  O "O5'" . U   E 1 9  ? 10.628  -0.051  -2.271  1.00 33.39  ? 9   U   E "O5'" 1 
ATOM   978  C "C5'" . U   E 1 9  ? 11.890  0.422   -1.826  1.00 32.17  ? 9   U   E "C5'" 1 
ATOM   979  C "C4'" . U   E 1 9  ? 11.800  1.084   -0.471  1.00 38.25  ? 9   U   E "C4'" 1 
ATOM   980  O "O4'" . U   E 1 9  ? 11.022  2.306   -0.555  1.00 30.94  ? 9   U   E "O4'" 1 
ATOM   981  C "C3'" . U   E 1 9  ? 11.117  0.287   0.630   1.00 28.01  ? 9   U   E "C3'" 1 
ATOM   982  O "O3'" . U   E 1 9  ? 11.971  -0.680  1.207   1.00 35.44  ? 9   U   E "O3'" 1 
ATOM   983  C "C2'" . U   E 1 9  ? 10.704  1.375   1.607   1.00 27.29  ? 9   U   E "C2'" 1 
ATOM   984  O "O2'" . U   E 1 9  ? 11.826  1.799   2.365   1.00 25.36  ? 9   U   E "O2'" 1 
ATOM   985  C "C1'" . U   E 1 9  ? 10.317  2.508   0.654   1.00 30.09  ? 9   U   E "C1'" 1 
ATOM   986  N N1    . U   E 1 9  ? 8.867   2.544   0.346   1.00 26.28  ? 9   U   E N1    1 
ATOM   987  C C2    . U   E 1 9  ? 8.018   3.167   1.243   1.00 25.67  ? 9   U   E C2    1 
ATOM   988  O O2    . U   E 1 9  ? 8.399   3.660   2.294   1.00 23.26  ? 9   U   E O2    1 
ATOM   989  N N3    . U   E 1 9  ? 6.699   3.184   0.857   1.00 28.80  ? 9   U   E N3    1 
ATOM   990  C C4    . U   E 1 9  ? 6.154   2.656   -0.306  1.00 29.36  ? 9   U   E C4    1 
ATOM   991  O O4    . U   E 1 9  ? 4.945   2.750   -0.516  1.00 24.12  ? 9   U   E O4    1 
ATOM   992  C C5    . U   E 1 9  ? 7.097   2.032   -1.178  1.00 27.94  ? 9   U   E C5    1 
ATOM   993  C C6    . U   E 1 9  ? 8.387   2.007   -0.825  1.00 27.59  ? 9   U   E C6    1 
ATOM   994  P P     . U   E 1 10 ? 11.380  -2.004  1.897   1.00 33.18  ? 10  U   E P     1 
ATOM   995  O OP1   . U   E 1 10 ? 12.563  -2.804  2.318   1.00 31.16  ? 10  U   E OP1   1 
ATOM   996  O OP2   . U   E 1 10 ? 10.353  -2.610  1.013   1.00 28.21  ? 10  U   E OP2   1 
ATOM   997  O "O5'" . U   E 1 10 ? 10.616  -1.478  3.195   1.00 31.23  ? 10  U   E "O5'" 1 
ATOM   998  C "C5'" . U   E 1 10 ? 11.318  -0.923  4.295   1.00 31.21  ? 10  U   E "C5'" 1 
ATOM   999  C "C4'" . U   E 1 10 ? 10.369  -0.296  5.288   1.00 31.28  ? 10  U   E "C4'" 1 
ATOM   1000 O "O4'" . U   E 1 10 ? 9.613   0.763   4.650   1.00 27.12  ? 10  U   E "O4'" 1 
ATOM   1001 C "C3'" . U   E 1 10 ? 9.297   -1.211  5.862   1.00 26.20  ? 10  U   E "C3'" 1 
ATOM   1002 O "O3'" . U   E 1 10 ? 9.780   -2.054  6.896   1.00 33.46  ? 10  U   E "O3'" 1 
ATOM   1003 C "C2'" . U   E 1 10 ? 8.227   -0.221  6.317   1.00 24.67  ? 10  U   E "C2'" 1 
ATOM   1004 O "O2'" . U   E 1 10 ? 8.577   0.374   7.561   1.00 30.26  ? 10  U   E "O2'" 1 
ATOM   1005 C "C1'" . U   E 1 10 ? 8.324   0.854   5.232   1.00 28.90  ? 10  U   E "C1'" 1 
ATOM   1006 N N1    . U   E 1 10 ? 7.295   0.683   4.175   1.00 24.06  ? 10  U   E N1    1 
ATOM   1007 C C2    . U   E 1 10 ? 6.055   1.258   4.409   1.00 24.63  ? 10  U   E C2    1 
ATOM   1008 O O2    . U   E 1 10 ? 5.777   1.883   5.433   1.00 25.98  ? 10  U   E O2    1 
ATOM   1009 N N3    . U   E 1 10 ? 5.138   1.069   3.403   1.00 23.01  ? 10  U   E N3    1 
ATOM   1010 C C4    . U   E 1 10 ? 5.333   0.380   2.222   1.00 22.12  ? 10  U   E C4    1 
ATOM   1011 O O4    . U   E 1 10 ? 4.408   0.309   1.419   1.00 22.64  ? 10  U   E O4    1 
ATOM   1012 C C5    . U   E 1 10 ? 6.636   -0.181  2.052   1.00 24.49  ? 10  U   E C5    1 
ATOM   1013 C C6    . U   E 1 10 ? 7.546   -0.020  3.019   1.00 24.57  ? 10  U   E C6    1 
ATOM   1014 O "O5'" . A   F 2 1  ? -3.943  5.505   3.748   1.00 34.59  ? 1   A   F "O5'" 1 
ATOM   1015 C "C5'" . A   F 2 1  ? -4.505  5.702   5.039   1.00 32.48  ? 1   A   F "C5'" 1 
ATOM   1016 C "C4'" . A   F 2 1  ? -3.545  5.269   6.118   1.00 29.25  ? 1   A   F "C4'" 1 
ATOM   1017 O "O4'" . A   F 2 1  ? -3.206  3.872   5.920   1.00 29.99  ? 1   A   F "O4'" 1 
ATOM   1018 C "C3'" . A   F 2 1  ? -2.201  5.983   6.125   1.00 26.53  ? 1   A   F "C3'" 1 
ATOM   1019 O "O3'" . A   F 2 1  ? -2.244  7.210   6.829   1.00 34.08  ? 1   A   F "O3'" 1 
ATOM   1020 C "C2'" . A   F 2 1  ? -1.278  4.959   6.762   1.00 25.73  ? 1   A   F "C2'" 1 
ATOM   1021 O "O2'" . A   F 2 1  ? -1.459  4.930   8.171   1.00 25.70  ? 1   A   F "O2'" 1 
ATOM   1022 C "C1'" . A   F 2 1  ? -1.837  3.664   6.190   1.00 22.55  ? 1   A   F "C1'" 1 
ATOM   1023 N N9    . A   F 2 1  ? -1.179  3.252   4.936   1.00 23.39  ? 1   A   F N9    1 
ATOM   1024 C C8    . A   F 2 1  ? -1.755  3.150   3.687   1.00 23.74  ? 1   A   F C8    1 
ATOM   1025 N N7    . A   F 2 1  ? -0.920  2.717   2.764   1.00 24.52  ? 1   A   F N7    1 
ATOM   1026 C C5    . A   F 2 1  ? 0.280   2.525   3.455   1.00 20.83  ? 1   A   F C5    1 
ATOM   1027 C C6    . A   F 2 1  ? 1.550   2.084   3.042   1.00 18.97  ? 1   A   F C6    1 
ATOM   1028 N N6    . A   F 2 1  ? 1.836   1.730   1.788   1.00 18.70  ? 1   A   F N6    1 
ATOM   1029 N N1    . A   F 2 1  ? 2.529   2.000   3.970   1.00 19.63  ? 1   A   F N1    1 
ATOM   1030 C C2    . A   F 2 1  ? 2.240   2.347   5.233   1.00 23.44  ? 1   A   F C2    1 
ATOM   1031 N N3    . A   F 2 1  ? 1.082   2.781   5.745   1.00 18.09  ? 1   A   F N3    1 
ATOM   1032 C C4    . A   F 2 1  ? 0.131   2.839   4.794   1.00 18.06  ? 1   A   F C4    1 
ATOM   1033 P P     . A   F 2 2  ? -1.624  8.549   6.192   1.00 38.54  ? 2   A   F P     1 
ATOM   1034 O OP1   . A   F 2 2  ? -2.255  9.669   6.940   1.00 41.27  ? 2   A   F OP1   1 
ATOM   1035 O OP2   . A   F 2 2  ? -1.710  8.523   4.707   1.00 27.71  ? 2   A   F OP2   1 
ATOM   1036 O "O5'" . A   F 2 2  ? -0.100  8.494   6.633   1.00 30.36  ? 2   A   F "O5'" 1 
ATOM   1037 C "C5'" . A   F 2 2  ? 0.245   8.352   8.003   1.00 25.50  ? 2   A   F "C5'" 1 
ATOM   1038 C "C4'" . A   F 2 2  ? 1.649   7.836   8.157   1.00 33.21  ? 2   A   F "C4'" 1 
ATOM   1039 O "O4'" . A   F 2 2  ? 1.738   6.474   7.661   1.00 30.58  ? 2   A   F "O4'" 1 
ATOM   1040 C "C3'" . A   F 2 2  ? 2.703   8.580   7.357   1.00 38.13  ? 2   A   F "C3'" 1 
ATOM   1041 O "O3'" . A   F 2 2  ? 3.102   9.791   7.972   1.00 35.63  ? 2   A   F "O3'" 1 
ATOM   1042 C "C2'" . A   F 2 2  ? 3.811   7.544   7.243   1.00 34.21  ? 2   A   F "C2'" 1 
ATOM   1043 O "O2'" . A   F 2 2  ? 4.505   7.423   8.475   1.00 33.08  ? 2   A   F "O2'" 1 
ATOM   1044 C "C1'" . A   F 2 2  ? 2.991   6.272   7.044   1.00 30.59  ? 2   A   F "C1'" 1 
ATOM   1045 N N9    . A   F 2 2  ? 2.769   5.959   5.618   1.00 20.34  ? 2   A   F N9    1 
ATOM   1046 C C8    . A   F 2 2  ? 1.633   6.155   4.870   1.00 23.02  ? 2   A   F C8    1 
ATOM   1047 N N7    . A   F 2 2  ? 1.739   5.761   3.627   1.00 23.03  ? 2   A   F N7    1 
ATOM   1048 C C5    . A   F 2 2  ? 3.038   5.262   3.559   1.00 22.11  ? 2   A   F C5    1 
ATOM   1049 C C6    . A   F 2 2  ? 3.773   4.685   2.514   1.00 21.47  ? 2   A   F C6    1 
ATOM   1050 N N6    . A   F 2 2  ? 3.280   4.503   1.288   1.00 24.35  ? 2   A   F N6    1 
ATOM   1051 N N1    . A   F 2 2  ? 5.046   4.307   2.772   1.00 22.29  ? 2   A   F N1    1 
ATOM   1052 C C2    . A   F 2 2  ? 5.531   4.485   4.002   1.00 27.95  ? 2   A   F C2    1 
ATOM   1053 N N3    . A   F 2 2  ? 4.932   5.012   5.069   1.00 25.97  ? 2   A   F N3    1 
ATOM   1054 C C4    . A   F 2 2  ? 3.679   5.381   4.775   1.00 21.59  ? 2   A   F C4    1 
ATOM   1055 P P     . G   F 2 3  ? 3.473   11.070  7.073   1.00 37.09  ? 3   G   F P     1 
ATOM   1056 O OP1   . G   F 2 3  ? 3.577   12.225  8.002   1.00 50.35  ? 3   G   F OP1   1 
ATOM   1057 O OP2   . G   F 2 3  ? 2.587   11.164  5.897   1.00 29.82  ? 3   G   F OP2   1 
ATOM   1058 O "O5'" . G   F 2 3  ? 4.945   10.743  6.569   1.00 38.99  ? 3   G   F "O5'" 1 
ATOM   1059 C "C5'" . G   F 2 3  ? 5.989   10.544  7.504   1.00 38.59  ? 3   G   F "C5'" 1 
ATOM   1060 C "C4'" . G   F 2 3  ? 7.213   9.982   6.840   1.00 40.97  ? 3   G   F "C4'" 1 
ATOM   1061 O "O4'" . G   F 2 3  ? 6.934   8.645   6.349   1.00 33.08  ? 3   G   F "O4'" 1 
ATOM   1062 C "C3'" . G   F 2 3  ? 7.697   10.722  5.608   1.00 38.47  ? 3   G   F "C3'" 1 
ATOM   1063 O "O3'" . G   F 2 3  ? 8.420   11.903  5.909   1.00 42.63  ? 3   G   F "O3'" 1 
ATOM   1064 C "C2'" . G   F 2 3  ? 8.512   9.653   4.893   1.00 36.18  ? 3   G   F "C2'" 1 
ATOM   1065 O "O2'" . G   F 2 3  ? 9.760   9.449   5.542   1.00 41.40  ? 3   G   F "O2'" 1 
ATOM   1066 C "C1'" . G   F 2 3  ? 7.642   8.424   5.143   1.00 40.22  ? 3   G   F "C1'" 1 
ATOM   1067 N N9    . G   F 2 3  ? 6.664   8.217   4.057   1.00 29.74  ? 3   G   F N9    1 
ATOM   1068 C C8    . G   F 2 3  ? 5.339   8.590   4.051   1.00 30.12  ? 3   G   F C8    1 
ATOM   1069 N N7    . G   F 2 3  ? 4.721   8.270   2.947   1.00 27.49  ? 3   G   F N7    1 
ATOM   1070 C C5    . G   F 2 3  ? 5.699   7.649   2.172   1.00 27.50  ? 3   G   F C5    1 
ATOM   1071 C C6    . G   F 2 3  ? 5.631   7.092   0.862   1.00 29.60  ? 3   G   F C6    1 
ATOM   1072 O O6    . G   F 2 3  ? 4.657   7.014   0.101   1.00 28.54  ? 3   G   F O6    1 
ATOM   1073 N N1    . G   F 2 3  ? 6.855   6.569   0.457   1.00 23.99  ? 3   G   F N1    1 
ATOM   1074 C C2    . G   F 2 3  ? 8.002   6.585   1.211   1.00 28.52  ? 3   G   F C2    1 
ATOM   1075 N N2    . G   F 2 3  ? 9.088   6.031   0.645   1.00 29.63  ? 3   G   F N2    1 
ATOM   1076 N N3    . G   F 2 3  ? 8.082   7.099   2.429   1.00 33.59  ? 3   G   F N3    1 
ATOM   1077 C C4    . G   F 2 3  ? 6.903   7.611   2.844   1.00 32.10  ? 3   G   F C4    1 
ATOM   1078 P P     . A   F 2 4  ? 8.490   13.095  4.832   1.00 43.30  ? 4   A   F P     1 
ATOM   1079 O OP1   . A   F 2 4  ? 9.134   14.254  5.507   1.00 46.66  ? 4   A   F OP1   1 
ATOM   1080 O OP2   . A   F 2 4  ? 7.148   13.286  4.227   1.00 44.39  ? 4   A   F OP2   1 
ATOM   1081 O "O5'" . A   F 2 4  ? 9.461   12.521  3.697   1.00 36.87  ? 4   A   F "O5'" 1 
ATOM   1082 C "C5'" . A   F 2 4  ? 10.839  12.277  3.954   1.00 38.11  ? 4   A   F "C5'" 1 
ATOM   1083 C "C4'" . A   F 2 4  ? 11.523  11.619  2.779   1.00 44.82  ? 4   A   F "C4'" 1 
ATOM   1084 O "O4'" . A   F 2 4  ? 10.915  10.322  2.518   1.00 39.28  ? 4   A   F "O4'" 1 
ATOM   1085 C "C3'" . A   F 2 4  ? 11.420  12.347  1.444   1.00 43.92  ? 4   A   F "C3'" 1 
ATOM   1086 O "O3'" . A   F 2 4  ? 12.356  13.397  1.299   1.00 44.83  ? 4   A   F "O3'" 1 
ATOM   1087 C "C2'" . A   F 2 4  ? 11.612  11.220  0.440   1.00 38.26  ? 4   A   F "C2'" 1 
ATOM   1088 O "O2'" . A   F 2 4  ? 12.983  10.855  0.347   1.00 41.13  ? 4   A   F "O2'" 1 
ATOM   1089 C "C1'" . A   F 2 4  ? 10.847  10.091  1.125   1.00 40.82  ? 4   A   F "C1'" 1 
ATOM   1090 N N9    . A   F 2 4  ? 9.425   10.096  0.732   1.00 32.40  ? 4   A   F N9    1 
ATOM   1091 C C8    . A   F 2 4  ? 8.377   10.645  1.429   1.00 36.59  ? 4   A   F C8    1 
ATOM   1092 N N7    . A   F 2 4  ? 7.215   10.511  0.840   1.00 33.41  ? 4   A   F N7    1 
ATOM   1093 C C5    . A   F 2 4  ? 7.517   9.836   -0.329  1.00 30.87  ? 4   A   F C5    1 
ATOM   1094 C C6    . A   F 2 4  ? 6.706   9.389   -1.391  1.00 32.93  ? 4   A   F C6    1 
ATOM   1095 N N6    . A   F 2 4  ? 5.385   9.570   -1.437  1.00 33.04  ? 4   A   F N6    1 
ATOM   1096 N N1    . A   F 2 4  ? 7.310   8.749   -2.414  1.00 32.70  ? 4   A   F N1    1 
ATOM   1097 C C2    . A   F 2 4  ? 8.637   8.564   -2.365  1.00 32.23  ? 4   A   F C2    1 
ATOM   1098 N N3    . A   F 2 4  ? 9.504   8.930   -1.423  1.00 34.23  ? 4   A   F N3    1 
ATOM   1099 C C4    . A   F 2 4  ? 8.871   9.571   -0.417  1.00 28.31  ? 4   A   F C4    1 
ATOM   1100 P P     . C   F 2 5  ? 11.948  14.720  0.485   1.00 46.32  ? 5   C   F P     1 
ATOM   1101 O OP1   . C   F 2 5  ? 13.018  15.727  0.691   1.00 54.18  ? 5   C   F OP1   1 
ATOM   1102 O OP2   . C   F 2 5  ? 10.540  15.060  0.809   1.00 42.94  ? 5   C   F OP2   1 
ATOM   1103 O "O5'" . C   F 2 5  ? 11.978  14.257  -1.034  1.00 42.67  ? 5   C   F "O5'" 1 
ATOM   1104 C "C5'" . C   F 2 5  ? 13.156  13.704  -1.602  1.00 47.84  ? 5   C   F "C5'" 1 
ATOM   1105 C "C4'" . C   F 2 5  ? 12.866  13.036  -2.920  1.00 41.04  ? 5   C   F "C4'" 1 
ATOM   1106 O "O4'" . C   F 2 5  ? 11.911  11.958  -2.728  1.00 41.12  ? 5   C   F "O4'" 1 
ATOM   1107 C "C3'" . C   F 2 5  ? 12.212  13.910  -3.974  1.00 42.45  ? 5   C   F "C3'" 1 
ATOM   1108 O "O3'" . C   F 2 5  ? 13.121  14.771  -4.636  1.00 44.04  ? 5   C   F "O3'" 1 
ATOM   1109 C "C2'" . C   F 2 5  ? 11.564  12.881  -4.888  1.00 34.97  ? 5   C   F "C2'" 1 
ATOM   1110 O "O2'" . C   F 2 5  ? 12.536  12.274  -5.718  1.00 37.30  ? 5   C   F "O2'" 1 
ATOM   1111 C "C1'" . C   F 2 5  ? 11.091  11.841  -3.873  1.00 38.49  ? 5   C   F "C1'" 1 
ATOM   1112 N N1    . C   F 2 5  ? 9.675   12.054  -3.492  1.00 35.50  ? 5   C   F N1    1 
ATOM   1113 C C2    . C   F 2 5  ? 8.712   11.551  -4.365  1.00 33.55  ? 5   C   F C2    1 
ATOM   1114 O O2    . C   F 2 5  ? 9.095   10.957  -5.384  1.00 33.67  ? 5   C   F O2    1 
ATOM   1115 N N3    . C   F 2 5  ? 7.401   11.722  -4.076  1.00 32.74  ? 5   C   F N3    1 
ATOM   1116 C C4    . C   F 2 5  ? 7.043   12.367  -2.964  1.00 32.50  ? 5   C   F C4    1 
ATOM   1117 N N4    . C   F 2 5  ? 5.739   12.513  -2.724  1.00 32.90  ? 5   C   F N4    1 
ATOM   1118 C C5    . C   F 2 5  ? 8.002   12.900  -2.052  1.00 29.26  ? 5   C   F C5    1 
ATOM   1119 C C6    . C   F 2 5  ? 9.297   12.722  -2.358  1.00 35.89  ? 5   C   F C6    1 
ATOM   1120 P P     . U   F 2 6  ? 12.691  16.281  -4.976  1.00 48.14  ? 6   U   F P     1 
ATOM   1121 O OP1   . U   F 2 6  ? 13.870  16.974  -5.556  1.00 46.17  ? 6   U   F OP1   1 
ATOM   1122 O OP2   . U   F 2 6  ? 11.985  16.864  -3.806  1.00 51.13  ? 6   U   F OP2   1 
ATOM   1123 O "O5'" . U   F 2 6  ? 11.607  16.117  -6.127  1.00 42.26  ? 6   U   F "O5'" 1 
ATOM   1124 C "C5'" . U   F 2 6  ? 11.983  15.659  -7.415  1.00 41.38  ? 6   U   F "C5'" 1 
ATOM   1125 C "C4'" . U   F 2 6  ? 10.785  15.211  -8.215  1.00 43.47  ? 6   U   F "C4'" 1 
ATOM   1126 O "O4'" . U   F 2 6  ? 10.059  14.179  -7.493  1.00 37.26  ? 6   U   F "O4'" 1 
ATOM   1127 C "C3'" . U   F 2 6  ? 9.721   16.261  -8.506  1.00 41.21  ? 6   U   F "C3'" 1 
ATOM   1128 O "O3'" . U   F 2 6  ? 10.065  17.152  -9.556  1.00 39.55  ? 6   U   F "O3'" 1 
ATOM   1129 C "C2'" . U   F 2 6  ? 8.511   15.395  -8.817  1.00 40.83  ? 6   U   F "C2'" 1 
ATOM   1130 O "O2'" . U   F 2 6  ? 8.640   14.833  -10.113 1.00 32.92  ? 6   U   F "O2'" 1 
ATOM   1131 C "C1'" . U   F 2 6  ? 8.678   14.278  -7.782  1.00 34.02  ? 6   U   F "C1'" 1 
ATOM   1132 N N1    . U   F 2 6  ? 7.944   14.601  -6.538  1.00 32.25  ? 6   U   F N1    1 
ATOM   1133 C C2    . U   F 2 6  ? 6.585   14.350  -6.545  1.00 32.53  ? 6   U   F C2    1 
ATOM   1134 O O2    . U   F 2 6  ? 6.007   13.859  -7.503  1.00 32.09  ? 6   U   F O2    1 
ATOM   1135 N N3    . U   F 2 6  ? 5.931   14.692  -5.386  1.00 34.65  ? 6   U   F N3    1 
ATOM   1136 C C4    . U   F 2 6  ? 6.477   15.250  -4.244  1.00 32.20  ? 6   U   F C4    1 
ATOM   1137 O O4    . U   F 2 6  ? 5.747   15.501  -3.277  1.00 34.46  ? 6   U   F O4    1 
ATOM   1138 C C5    . U   F 2 6  ? 7.889   15.488  -4.321  1.00 34.99  ? 6   U   F C5    1 
ATOM   1139 C C6    . U   F 2 6  ? 8.554   15.168  -5.442  1.00 35.03  ? 6   U   F C6    1 
ATOM   1140 P P     . G   F 2 7  ? 9.286   18.554  -9.721  1.00 43.47  ? 7   G   F P     1 
ATOM   1141 O OP1   . G   F 2 7  ? 10.092  19.400  -10.640 1.00 33.33  ? 7   G   F OP1   1 
ATOM   1142 O OP2   . G   F 2 7  ? 8.925   19.062  -8.370  1.00 31.09  ? 7   G   F OP2   1 
ATOM   1143 O "O5'" . G   F 2 7  ? 7.910   18.178  -10.442 1.00 38.79  ? 7   G   F "O5'" 1 
ATOM   1144 C "C5'" . G   F 2 7  ? 7.869   17.779  -11.805 1.00 39.85  ? 7   G   F "C5'" 1 
ATOM   1145 C "C4'" . G   F 2 7  ? 6.448   17.649  -12.314 1.00 40.61  ? 7   G   F "C4'" 1 
ATOM   1146 O "O4'" . G   F 2 7  ? 5.762   16.562  -11.638 1.00 36.99  ? 7   G   F "O4'" 1 
ATOM   1147 C "C3'" . G   F 2 7  ? 5.527   18.841  -12.098 1.00 37.95  ? 7   G   F "C3'" 1 
ATOM   1148 O "O3'" . G   F 2 7  ? 5.746   19.892  -13.021 1.00 36.95  ? 7   G   F "O3'" 1 
ATOM   1149 C "C2'" . G   F 2 7  ? 4.147   18.208  -12.217 1.00 34.51  ? 7   G   F "C2'" 1 
ATOM   1150 O "O2'" . G   F 2 7  ? 3.814   17.991  -13.580 1.00 33.08  ? 7   G   F "O2'" 1 
ATOM   1151 C "C1'" . G   F 2 7  ? 4.380   16.849  -11.552 1.00 34.64  ? 7   G   F "C1'" 1 
ATOM   1152 N N9    . G   F 2 7  ? 3.968   16.840  -10.130 1.00 32.67  ? 7   G   F N9    1 
ATOM   1153 C C8    . G   F 2 7  ? 4.771   16.895  -9.019  1.00 31.41  ? 7   G   F C8    1 
ATOM   1154 N N7    . G   F 2 7  ? 4.101   16.862  -7.899  1.00 29.90  ? 7   G   F N7    1 
ATOM   1155 C C5    . G   F 2 7  ? 2.772   16.772  -8.291  1.00 30.23  ? 7   G   F C5    1 
ATOM   1156 C C6    . G   F 2 7  ? 1.580   16.702  -7.518  1.00 29.83  ? 7   G   F C6    1 
ATOM   1157 O O6    . G   F 2 7  ? 1.459   16.710  -6.290  1.00 32.88  ? 7   G   F O6    1 
ATOM   1158 N N1    . G   F 2 7  ? 0.446   16.631  -8.308  1.00 32.76  ? 7   G   F N1    1 
ATOM   1159 C C2    . G   F 2 7  ? 0.461   16.622  -9.679  1.00 31.37  ? 7   G   F C2    1 
ATOM   1160 N N2    . G   F 2 7  ? -0.731  16.543  -10.281 1.00 26.53  ? 7   G   F N2    1 
ATOM   1161 N N3    . G   F 2 7  ? 1.561   16.681  -10.409 1.00 31.65  ? 7   G   F N3    1 
ATOM   1162 C C4    . G   F 2 7  ? 2.675   16.757  -9.659  1.00 30.17  ? 7   G   F C4    1 
ATOM   1163 P P     . C   F 2 8  ? 5.509   21.420  -12.584 1.00 40.93  ? 8   C   F P     1 
ATOM   1164 O OP1   . C   F 2 8  ? 5.801   22.235  -13.789 1.00 35.75  ? 8   C   F OP1   1 
ATOM   1165 O OP2   . C   F 2 8  ? 6.168   21.696  -11.283 1.00 29.13  ? 8   C   F OP2   1 
ATOM   1166 O "O5'" . C   F 2 8  ? 3.954   21.517  -12.265 1.00 31.35  ? 8   C   F "O5'" 1 
ATOM   1167 C "C5'" . C   F 2 8  ? 2.978   21.323  -13.275 1.00 35.59  ? 8   C   F "C5'" 1 
ATOM   1168 C "C4'" . C   F 2 8  ? 1.594   21.262  -12.686 1.00 34.08  ? 8   C   F "C4'" 1 
ATOM   1169 O "O4'" . C   F 2 8  ? 1.453   20.089  -11.841 1.00 34.86  ? 8   C   F "O4'" 1 
ATOM   1170 C "C3'" . C   F 2 8  ? 1.216   22.405  -11.763 1.00 35.98  ? 8   C   F "C3'" 1 
ATOM   1171 O "O3'" . C   F 2 8  ? 0.882   23.594  -12.453 1.00 40.95  ? 8   C   F "O3'" 1 
ATOM   1172 C "C2'" . C   F 2 8  ? 0.065   21.810  -10.966 1.00 31.67  ? 8   C   F "C2'" 1 
ATOM   1173 O "O2'" . C   F 2 8  ? -1.120  21.787  -11.747 1.00 34.09  ? 8   C   F "O2'" 1 
ATOM   1174 C "C1'" . C   F 2 8  ? 0.545   20.368  -10.792 1.00 32.66  ? 8   C   F "C1'" 1 
ATOM   1175 N N1    . C   F 2 8  ? 1.212   20.167  -9.487  1.00 31.52  ? 8   C   F N1    1 
ATOM   1176 C C2    . C   F 2 8  ? 0.391   19.930  -8.382  1.00 27.78  ? 8   C   F C2    1 
ATOM   1177 O O2    . C   F 2 8  ? -0.835  19.901  -8.551  1.00 34.79  ? 8   C   F O2    1 
ATOM   1178 N N3    . C   F 2 8  ? 0.932   19.742  -7.165  1.00 31.79  ? 8   C   F N3    1 
ATOM   1179 C C4    . C   F 2 8  ? 2.257   19.778  -7.024  1.00 32.54  ? 8   C   F C4    1 
ATOM   1180 N N4    . C   F 2 8  ? 2.752   19.578  -5.799  1.00 31.67  ? 8   C   F N4    1 
ATOM   1181 C C5    . C   F 2 8  ? 3.124   20.017  -8.130  1.00 35.84  ? 8   C   F C5    1 
ATOM   1182 C C6    . C   F 2 8  ? 2.569   20.209  -9.338  1.00 32.36  ? 8   C   F C6    1 
ATOM   1183 P P     . C   F 2 9  ? 1.298   25.010  -11.821 1.00 39.26  ? 9   C   F P     1 
ATOM   1184 O OP1   . C   F 2 9  ? 0.911   26.046  -12.821 1.00 33.18  ? 9   C   F OP1   1 
ATOM   1185 O OP2   . C   F 2 9  ? 2.710   24.928  -11.355 1.00 33.59  ? 9   C   F OP2   1 
ATOM   1186 O "O5'" . C   F 2 9  ? 0.346   25.150  -10.549 1.00 33.63  ? 9   C   F "O5'" 1 
ATOM   1187 C "C5'" . C   F 2 9  ? -1.063  25.258  -10.704 1.00 35.66  ? 9   C   F "C5'" 1 
ATOM   1188 C "C4'" . C   F 2 9  ? -1.770  25.083  -9.384  1.00 39.41  ? 9   C   F "C4'" 1 
ATOM   1189 O "O4'" . C   F 2 9  ? -1.380  23.820  -8.794  1.00 38.58  ? 9   C   F "O4'" 1 
ATOM   1190 C "C3'" . C   F 2 9  ? -1.440  26.111  -8.310  1.00 45.96  ? 9   C   F "C3'" 1 
ATOM   1191 O "O3'" . C   F 2 9  ? -2.188  27.307  -8.452  1.00 55.73  ? 9   C   F "O3'" 1 
ATOM   1192 C "C2'" . C   F 2 9  ? -1.744  25.362  -7.017  1.00 36.80  ? 9   C   F "C2'" 1 
ATOM   1193 O "O2'" . C   F 2 9  ? -3.131  25.393  -6.732  1.00 48.31  ? 9   C   F "O2'" 1 
ATOM   1194 C "C1'" . C   F 2 9  ? -1.356  23.930  -7.387  1.00 32.59  ? 9   C   F "C1'" 1 
ATOM   1195 N N1    . C   F 2 9  ? -0.008  23.575  -6.903  1.00 32.18  ? 9   C   F N1    1 
ATOM   1196 C C2    . C   F 2 9  ? 0.129   23.190  -5.565  1.00 39.10  ? 9   C   F C2    1 
ATOM   1197 O O2    . C   F 2 9  ? -0.881  23.162  -4.838  1.00 42.71  ? 9   C   F O2    1 
ATOM   1198 N N3    . C   F 2 9  ? 1.355   22.859  -5.100  1.00 30.12  ? 9   C   F N3    1 
ATOM   1199 C C4    . C   F 2 9  ? 2.408   22.909  -5.915  1.00 38.26  ? 9   C   F C4    1 
ATOM   1200 N N4    . C   F 2 9  ? 3.601   22.581  -5.416  1.00 36.56  ? 9   C   F N4    1 
ATOM   1201 C C5    . C   F 2 9  ? 2.291   23.297  -7.280  1.00 37.31  ? 9   C   F C5    1 
ATOM   1202 C C6    . C   F 2 9  ? 1.074   23.619  -7.733  1.00 35.81  ? 9   C   F C6    1 
ATOM   1203 P P     . U   F 2 10 ? -1.563  28.723  -8.014  1.00 54.72  ? 10  U   F P     1 
ATOM   1204 O OP1   . U   F 2 10 ? -2.551  29.754  -8.427  1.00 52.93  ? 10  U   F OP1   1 
ATOM   1205 O OP2   . U   F 2 10 ? -0.154  28.800  -8.467  1.00 50.13  ? 10  U   F OP2   1 
ATOM   1206 O "O5'" . U   F 2 10 ? -1.547  28.674  -6.426  1.00 44.48  ? 10  U   F "O5'" 1 
ATOM   1207 C "C5'" . U   F 2 10 ? -2.655  29.151  -5.680  1.00 57.35  ? 10  U   F "C5'" 1 
ATOM   1208 C "C4'" . U   F 2 10 ? -2.654  28.596  -4.282  1.00 60.70  ? 10  U   F "C4'" 1 
ATOM   1209 O "O4'" . U   F 2 10 ? -2.156  27.232  -4.314  1.00 60.70  ? 10  U   F "O4'" 1 
ATOM   1210 C "C3'" . U   F 2 10 ? -1.745  29.293  -3.277  1.00 67.90  ? 10  U   F "C3'" 1 
ATOM   1211 O "O3'" . U   F 2 10 ? -2.304  30.482  -2.733  1.00 63.52  ? 10  U   F "O3'" 1 
ATOM   1212 C "C2'" . U   F 2 10 ? -1.505  28.200  -2.243  1.00 68.33  ? 10  U   F "C2'" 1 
ATOM   1213 O "O2'" . U   F 2 10 ? -2.627  28.061  -1.382  1.00 75.52  ? 10  U   F "O2'" 1 
ATOM   1214 C "C1'" . U   F 2 10 ? -1.432  26.956  -3.132  1.00 60.01  ? 10  U   F "C1'" 1 
ATOM   1215 N N1    . U   F 2 10 ? -0.035  26.598  -3.480  1.00 50.70  ? 10  U   F N1    1 
ATOM   1216 C C2    . U   F 2 10 ? 0.694   25.969  -2.487  1.00 53.11  ? 10  U   F C2    1 
ATOM   1217 O O2    . U   F 2 10 ? 0.225   25.716  -1.385  1.00 56.38  ? 10  U   F O2    1 
ATOM   1218 N N3    . U   F 2 10 ? 1.988   25.648  -2.825  1.00 52.79  ? 10  U   F N3    1 
ATOM   1219 C C4    . U   F 2 10 ? 2.612   25.885  -4.031  1.00 42.52  ? 10  U   F C4    1 
ATOM   1220 O O4    . U   F 2 10 ? 3.781   25.533  -4.173  1.00 47.50  ? 10  U   F O4    1 
ATOM   1221 C C5    . U   F 2 10 ? 1.794   26.540  -5.014  1.00 47.06  ? 10  U   F C5    1 
ATOM   1222 C C6    . U   F 2 10 ? 0.527   26.869  -4.713  1.00 52.56  ? 10  U   F C6    1 
ATOM   1223 O "O5'" . C   G 1 1  ? -0.468  31.197  0.307   1.00 64.63  ? 1   C   G "O5'" 1 
ATOM   1224 C "C5'" . C   G 1 1  ? -1.384  30.206  0.746   1.00 65.12  ? 1   C   G "C5'" 1 
ATOM   1225 C "C4'" . C   G 1 1  ? -1.189  29.869  2.204   1.00 75.69  ? 1   C   G "C4'" 1 
ATOM   1226 O "O4'" . C   G 1 1  ? -0.881  28.451  2.344   1.00 79.98  ? 1   C   G "O4'" 1 
ATOM   1227 C "C3'" . C   G 1 1  ? -0.029  30.556  2.907   1.00 71.64  ? 1   C   G "C3'" 1 
ATOM   1228 O "O3'" . C   G 1 1  ? -0.275  31.905  3.275   1.00 74.97  ? 1   C   G "O3'" 1 
ATOM   1229 C "C2'" . C   G 1 1  ? 0.233   29.619  4.080   1.00 69.00  ? 1   C   G "C2'" 1 
ATOM   1230 O "O2'" . C   G 1 1  ? -0.756  29.780  5.092   1.00 68.92  ? 1   C   G "O2'" 1 
ATOM   1231 C "C1'" . C   G 1 1  ? 0.033   28.261  3.410   1.00 72.84  ? 1   C   G "C1'" 1 
ATOM   1232 N N1    . C   G 1 1  ? 1.312   27.747  2.860   1.00 58.65  ? 1   C   G N1    1 
ATOM   1233 C C2    . C   G 1 1  ? 2.184   27.025  3.696   1.00 61.22  ? 1   C   G C2    1 
ATOM   1234 O O2    . C   G 1 1  ? 1.861   26.805  4.876   1.00 62.79  ? 1   C   G O2    1 
ATOM   1235 N N3    . C   G 1 1  ? 3.361   26.571  3.192   1.00 58.81  ? 1   C   G N3    1 
ATOM   1236 C C4    . C   G 1 1  ? 3.683   26.819  1.917   1.00 59.78  ? 1   C   G C4    1 
ATOM   1237 N N4    . C   G 1 1  ? 4.851   26.354  1.456   1.00 56.67  ? 1   C   G N4    1 
ATOM   1238 C C5    . C   G 1 1  ? 2.823   27.561  1.051   1.00 54.99  ? 1   C   G C5    1 
ATOM   1239 C C6    . C   G 1 1  ? 1.664   27.998  1.558   1.00 57.38  ? 1   C   G C6    1 
ATOM   1240 P P     . A   G 1 2  ? 0.926   32.981  3.219   1.00 78.14  ? 2   A   G P     1 
ATOM   1241 O OP1   . A   G 1 2  ? 0.406   34.284  3.705   1.00 74.32  ? 2   A   G OP1   1 
ATOM   1242 O OP2   . A   G 1 2  ? 1.562   32.903  1.878   1.00 70.03  ? 2   A   G OP2   1 
ATOM   1243 O "O5'" . A   G 1 2  ? 1.978   32.441  4.290   1.00 63.58  ? 2   A   G "O5'" 1 
ATOM   1244 C "C5'" . A   G 1 2  ? 1.610   32.307  5.653   1.00 60.74  ? 2   A   G "C5'" 1 
ATOM   1245 C "C4'" . A   G 1 2  ? 2.602   31.477  6.427   1.00 55.87  ? 2   A   G "C4'" 1 
ATOM   1246 O "O4'" . A   G 1 2  ? 2.767   30.164  5.826   1.00 61.26  ? 2   A   G "O4'" 1 
ATOM   1247 C "C3'" . A   G 1 2  ? 4.016   32.008  6.483   1.00 49.69  ? 2   A   G "C3'" 1 
ATOM   1248 O "O3'" . A   G 1 2  ? 4.164   33.119  7.345   1.00 55.03  ? 2   A   G "O3'" 1 
ATOM   1249 C "C2'" . A   G 1 2  ? 4.798   30.765  6.890   1.00 52.90  ? 2   A   G "C2'" 1 
ATOM   1250 O "O2'" . A   G 1 2  ? 4.589   30.456  8.262   1.00 50.07  ? 2   A   G "O2'" 1 
ATOM   1251 C "C1'" . A   G 1 2  ? 4.087   29.701  6.058   1.00 52.87  ? 2   A   G "C1'" 1 
ATOM   1252 N N9    . A   G 1 2  ? 4.756   29.500  4.758   1.00 55.35  ? 2   A   G N9    1 
ATOM   1253 C C8    . A   G 1 2  ? 4.344   29.939  3.521   1.00 56.60  ? 2   A   G C8    1 
ATOM   1254 N N7    . A   G 1 2  ? 5.162   29.609  2.546   1.00 52.96  ? 2   A   G N7    1 
ATOM   1255 C C5    . A   G 1 2  ? 6.180   28.909  3.184   1.00 50.97  ? 2   A   G C5    1 
ATOM   1256 C C6    . A   G 1 2  ? 7.348   28.294  2.700   1.00 53.92  ? 2   A   G C6    1 
ATOM   1257 N N6    . A   G 1 2  ? 7.698   28.288  1.406   1.00 48.58  ? 2   A   G N6    1 
ATOM   1258 N N1    . A   G 1 2  ? 8.152   27.680  3.603   1.00 47.87  ? 2   A   G N1    1 
ATOM   1259 C C2    . A   G 1 2  ? 7.796   27.688  4.896   1.00 49.79  ? 2   A   G C2    1 
ATOM   1260 N N3    . A   G 1 2  ? 6.724   28.234  5.467   1.00 51.65  ? 2   A   G N3    1 
ATOM   1261 C C4    . A   G 1 2  ? 5.947   28.838  4.548   1.00 48.63  ? 2   A   G C4    1 
ATOM   1262 P P     . G   G 1 3  ? 5.140   34.325  6.924   1.00 62.20  ? 3   G   G P     1 
ATOM   1263 O OP1   . G   G 1 3  ? 5.012   35.377  7.968   1.00 61.01  ? 3   G   G OP1   1 
ATOM   1264 O OP2   . G   G 1 3  ? 4.910   34.681  5.498   1.00 55.64  ? 3   G   G OP2   1 
ATOM   1265 O "O5'" . G   G 1 3  ? 6.589   33.677  7.047   1.00 44.23  ? 3   G   G "O5'" 1 
ATOM   1266 C "C5'" . G   G 1 3  ? 7.006   33.098  8.275   1.00 47.23  ? 3   G   G "C5'" 1 
ATOM   1267 C "C4'" . G   G 1 3  ? 8.348   32.428  8.151   1.00 42.54  ? 3   G   G "C4'" 1 
ATOM   1268 O "O4'" . G   G 1 3  ? 8.262   31.266  7.287   1.00 39.91  ? 3   G   G "O4'" 1 
ATOM   1269 C "C3'" . G   G 1 3  ? 9.446   33.264  7.527   1.00 41.90  ? 3   G   G "C3'" 1 
ATOM   1270 O "O3'" . G   G 1 3  ? 9.998   34.194  8.439   1.00 41.81  ? 3   G   G "O3'" 1 
ATOM   1271 C "C2'" . G   G 1 3  ? 10.429  32.202  7.058   1.00 39.85  ? 3   G   G "C2'" 1 
ATOM   1272 O "O2'" . G   G 1 3  ? 11.163  31.695  8.160   1.00 36.06  ? 3   G   G "O2'" 1 
ATOM   1273 C "C1'" . G   G 1 3  ? 9.473   31.109  6.577   1.00 39.28  ? 3   G   G "C1'" 1 
ATOM   1274 N N9    . G   G 1 3  ? 9.190   31.226  5.133   1.00 43.16  ? 3   G   G N9    1 
ATOM   1275 C C8    . G   G 1 3  ? 8.061   31.750  4.546   1.00 42.20  ? 3   G   G C8    1 
ATOM   1276 N N7    . G   G 1 3  ? 8.102   31.726  3.240   1.00 39.53  ? 3   G   G N7    1 
ATOM   1277 C C5    . G   G 1 3  ? 9.333   31.149  2.944   1.00 39.67  ? 3   G   G C5    1 
ATOM   1278 C C6    . G   G 1 3  ? 9.938   30.861  1.690   1.00 37.04  ? 3   G   G C6    1 
ATOM   1279 O O6    . G   G 1 3  ? 9.491   31.075  0.553   1.00 33.83  ? 3   G   G O6    1 
ATOM   1280 N N1    . G   G 1 3  ? 11.197  30.279  1.844   1.00 33.48  ? 3   G   G N1    1 
ATOM   1281 C C2    . G   G 1 3  ? 11.790  30.011  3.055   1.00 35.02  ? 3   G   G C2    1 
ATOM   1282 N N2    . G   G 1 3  ? 13.004  29.447  3.010   1.00 35.67  ? 3   G   G N2    1 
ATOM   1283 N N3    . G   G 1 3  ? 11.233  30.272  4.228   1.00 41.32  ? 3   G   G N3    1 
ATOM   1284 C C4    . G   G 1 3  ? 10.015  30.839  4.099   1.00 34.15  ? 3   G   G C4    1 
ATOM   1285 P P     . U   G 1 4  ? 10.333  35.688  7.963   1.00 39.72  ? 4   U   G P     1 
ATOM   1286 O OP1   . U   G 1 4  ? 10.837  36.385  9.178   1.00 32.24  ? 4   U   G OP1   1 
ATOM   1287 O OP2   . U   G 1 4  ? 9.223   36.258  7.158   1.00 36.39  ? 4   U   G OP2   1 
ATOM   1288 O "O5'" . U   G 1 4  ? 11.544  35.494  6.950   1.00 36.72  ? 4   U   G "O5'" 1 
ATOM   1289 C "C5'" . U   G 1 4  ? 12.791  35.011  7.412   1.00 35.27  ? 4   U   G "C5'" 1 
ATOM   1290 C "C4'" . U   G 1 4  ? 13.705  34.692  6.265   1.00 32.98  ? 4   U   G "C4'" 1 
ATOM   1291 O "O4'" . U   G 1 4  ? 13.168  33.578  5.508   1.00 35.97  ? 4   U   G "O4'" 1 
ATOM   1292 C "C3'" . U   G 1 4  ? 13.875  35.783  5.224   1.00 32.47  ? 4   U   G "C3'" 1 
ATOM   1293 O "O3'" . U   G 1 4  ? 14.762  36.807  5.622   1.00 37.60  ? 4   U   G "O3'" 1 
ATOM   1294 C "C2'" . U   G 1 4  ? 14.343  34.999  4.008   1.00 34.57  ? 4   U   G "C2'" 1 
ATOM   1295 O "O2'" . U   G 1 4  ? 15.719  34.666  4.121   1.00 30.72  ? 4   U   G "O2'" 1 
ATOM   1296 C "C1'" . U   G 1 4  ? 13.501  33.725  4.143   1.00 28.25  ? 4   U   G "C1'" 1 
ATOM   1297 N N1    . U   G 1 4  ? 12.255  33.841  3.354   1.00 33.88  ? 4   U   G N1    1 
ATOM   1298 C C2    . U   G 1 4  ? 12.359  33.452  2.033   1.00 31.72  ? 4   U   G C2    1 
ATOM   1299 O O2    . U   G 1 4  ? 13.388  33.016  1.562   1.00 34.88  ? 4   U   G O2    1 
ATOM   1300 N N3    . U   G 1 4  ? 11.228  33.592  1.281   1.00 32.23  ? 4   U   G N3    1 
ATOM   1301 C C4    . U   G 1 4  ? 10.017  34.078  1.710   1.00 34.00  ? 4   U   G C4    1 
ATOM   1302 O O4    . U   G 1 4  ? 9.097   34.128  0.897   1.00 37.12  ? 4   U   G O4    1 
ATOM   1303 C C5    . U   G 1 4  ? 9.979   34.475  3.087   1.00 36.55  ? 4   U   G C5    1 
ATOM   1304 C C6    . U   G 1 4  ? 11.078  34.353  3.849   1.00 34.98  ? 4   U   G C6    1 
ATOM   1305 P P     . G   G 1 5  ? 14.645  38.266  4.961   1.00 37.91  ? 5   G   G P     1 
ATOM   1306 O OP1   . G   G 1 5  ? 15.187  39.221  5.968   1.00 41.28  ? 5   G   G OP1   1 
ATOM   1307 O OP2   . G   G 1 5  ? 13.271  38.462  4.418   1.00 25.99  ? 5   G   G OP2   1 
ATOM   1308 O "O5'" . G   G 1 5  ? 15.675  38.210  3.752   1.00 38.00  ? 5   G   G "O5'" 1 
ATOM   1309 C "C5'" . G   G 1 5  ? 15.231  38.358  2.420   1.00 33.71  ? 5   G   G "C5'" 1 
ATOM   1310 C "C4'" . G   G 1 5  ? 16.230  37.797  1.443   1.00 33.67  ? 5   G   G "C4'" 1 
ATOM   1311 O "O4'" . G   G 1 5  ? 15.850  36.441  1.094   1.00 31.04  ? 5   G   G "O4'" 1 
ATOM   1312 C "C3'" . G   G 1 5  ? 16.295  38.535  0.119   1.00 27.46  ? 5   G   G "C3'" 1 
ATOM   1313 O "O3'" . G   G 1 5  ? 17.195  39.625  0.169   1.00 37.97  ? 5   G   G "O3'" 1 
ATOM   1314 C "C2'" . G   G 1 5  ? 16.698  37.454  -0.872  1.00 28.98  ? 5   G   G "C2'" 1 
ATOM   1315 O "O2'" . G   G 1 5  ? 18.098  37.245  -0.855  1.00 29.80  ? 5   G   G "O2'" 1 
ATOM   1316 C "C1'" . G   G 1 5  ? 16.003  36.228  -0.287  1.00 26.79  ? 5   G   G "C1'" 1 
ATOM   1317 N N9    . G   G 1 5  ? 14.654  36.052  -0.851  1.00 28.62  ? 5   G   G N9    1 
ATOM   1318 C C8    . G   G 1 5  ? 13.481  36.159  -0.148  1.00 26.10  ? 5   G   G C8    1 
ATOM   1319 N N7    . G   G 1 5  ? 12.429  35.957  -0.883  1.00 31.99  ? 5   G   G N7    1 
ATOM   1320 C C5    . G   G 1 5  ? 12.937  35.705  -2.146  1.00 30.74  ? 5   G   G C5    1 
ATOM   1321 C C6    . G   G 1 5  ? 12.260  35.418  -3.348  1.00 26.63  ? 5   G   G C6    1 
ATOM   1322 O O6    . G   G 1 5  ? 11.035  35.331  -3.548  1.00 25.75  ? 5   G   G O6    1 
ATOM   1323 N N1    . G   G 1 5  ? 13.163  35.229  -4.384  1.00 27.66  ? 5   G   G N1    1 
ATOM   1324 C C2    . G   G 1 5  ? 14.526  35.289  -4.282  1.00 26.73  ? 5   G   G C2    1 
ATOM   1325 N N2    . G   G 1 5  ? 15.206  35.077  -5.415  1.00 28.41  ? 5   G   G N2    1 
ATOM   1326 N N3    . G   G 1 5  ? 15.172  35.552  -3.164  1.00 27.01  ? 5   G   G N3    1 
ATOM   1327 C C4    . G   G 1 5  ? 14.315  35.752  -2.145  1.00 26.35  ? 5   G   G C4    1 
ATOM   1328 P P     . G   G 1 6  ? 16.708  41.084  -0.288  1.00 30.22  ? 6   G   G P     1 
ATOM   1329 O OP1   . G   G 1 6  ? 17.836  42.007  0.006   1.00 30.82  ? 6   G   G OP1   1 
ATOM   1330 O OP2   . G   G 1 6  ? 15.371  41.366  0.273   1.00 28.11  ? 6   G   G OP2   1 
ATOM   1331 O "O5'" . G   G 1 6  ? 16.562  40.943  -1.863  1.00 25.77  ? 6   G   G "O5'" 1 
ATOM   1332 C "C5'" . G   G 1 6  ? 17.702  40.694  -2.674  1.00 23.05  ? 6   G   G "C5'" 1 
ATOM   1333 C "C4'" . G   G 1 6  ? 17.293  40.255  -4.054  1.00 31.89  ? 6   G   G "C4'" 1 
ATOM   1334 O "O4'" . G   G 1 6  ? 16.532  39.023  -3.962  1.00 31.60  ? 6   G   G "O4'" 1 
ATOM   1335 C "C3'" . G   G 1 6  ? 16.360  41.195  -4.808  1.00 29.64  ? 6   G   G "C3'" 1 
ATOM   1336 O "O3'" . G   G 1 6  ? 17.034  42.291  -5.405  1.00 37.34  ? 6   G   G "O3'" 1 
ATOM   1337 C "C2'" . G   G 1 6  ? 15.703  40.263  -5.811  1.00 31.70  ? 6   G   G "C2'" 1 
ATOM   1338 O "O2'" . G   G 1 6  ? 16.590  39.987  -6.882  1.00 33.12  ? 6   G   G "O2'" 1 
ATOM   1339 C "C1'" . G   G 1 6  ? 15.547  38.992  -4.974  1.00 24.05  ? 6   G   G "C1'" 1 
ATOM   1340 N N9    . G   G 1 6  ? 14.214  38.903  -4.346  1.00 26.10  ? 6   G   G N9    1 
ATOM   1341 C C8    . G   G 1 6  ? 13.846  39.136  -3.045  1.00 25.39  ? 6   G   G C8    1 
ATOM   1342 N N7    . G   G 1 6  ? 12.567  38.959  -2.846  1.00 29.39  ? 6   G   G N7    1 
ATOM   1343 C C5    . G   G 1 6  ? 12.063  38.589  -4.086  1.00 29.49  ? 6   G   G C5    1 
ATOM   1344 C C6    . G   G 1 6  ? 10.743  38.265  -4.509  1.00 28.95  ? 6   G   G C6    1 
ATOM   1345 O O6    . G   G 1 6  ? 9.695   38.226  -3.847  1.00 28.70  ? 6   G   G O6    1 
ATOM   1346 N N1    . G   G 1 6  ? 10.713  37.949  -5.865  1.00 28.42  ? 6   G   G N1    1 
ATOM   1347 C C2    . G   G 1 6  ? 11.793  37.942  -6.708  1.00 27.26  ? 6   G   G C2    1 
ATOM   1348 N N2    . G   G 1 6  ? 11.562  37.620  -7.987  1.00 30.50  ? 6   G   G N2    1 
ATOM   1349 N N3    . G   G 1 6  ? 13.015  38.245  -6.325  1.00 25.59  ? 6   G   G N3    1 
ATOM   1350 C C4    . G   G 1 6  ? 13.072  38.553  -5.017  1.00 26.48  ? 6   G   G C4    1 
ATOM   1351 P P     . U   G 1 7  ? 16.248  43.655  -5.727  1.00 34.51  ? 7   U   G P     1 
ATOM   1352 O OP1   . U   G 1 7  ? 17.265  44.630  -6.187  1.00 35.84  ? 7   U   G OP1   1 
ATOM   1353 O OP2   . U   G 1 7  ? 15.377  44.001  -4.576  1.00 25.65  ? 7   U   G OP2   1 
ATOM   1354 O "O5'" . U   G 1 7  ? 15.327  43.278  -6.972  1.00 32.14  ? 7   U   G "O5'" 1 
ATOM   1355 C "C5'" . U   G 1 7  ? 15.908  42.987  -8.236  1.00 32.42  ? 7   U   G "C5'" 1 
ATOM   1356 C "C4'" . U   G 1 7  ? 14.863  42.605  -9.256  1.00 31.15  ? 7   U   G "C4'" 1 
ATOM   1357 O "O4'" . U   G 1 7  ? 14.205  41.376  -8.847  1.00 33.44  ? 7   U   G "O4'" 1 
ATOM   1358 C "C3'" . U   G 1 7  ? 13.718  43.587  -9.441  1.00 29.36  ? 7   U   G "C3'" 1 
ATOM   1359 O "O3'" . U   G 1 7  ? 14.042  44.674  -10.276 1.00 36.85  ? 7   U   G "O3'" 1 
ATOM   1360 C "C2'" . U   G 1 7  ? 12.609  42.702  -9.992  1.00 34.79  ? 7   U   G "C2'" 1 
ATOM   1361 O "O2'" . U   G 1 7  ? 12.832  42.414  -11.362 1.00 37.83  ? 7   U   G "O2'" 1 
ATOM   1362 C "C1'" . U   G 1 7  ? 12.836  41.422  -9.195  1.00 35.70  ? 7   U   G "C1'" 1 
ATOM   1363 N N1    . U   G 1 7  ? 12.034  41.399  -7.948  1.00 31.42  ? 7   U   G N1    1 
ATOM   1364 C C2    . U   G 1 7  ? 10.688  41.098  -8.055  1.00 32.75  ? 7   U   G C2    1 
ATOM   1365 O O2    . U   G 1 7  ? 10.155  40.853  -9.125  1.00 35.14  ? 7   U   G O2    1 
ATOM   1366 N N3    . U   G 1 7  ? 9.997   41.085  -6.867  1.00 28.77  ? 7   U   G N3    1 
ATOM   1367 C C4    . U   G 1 7  ? 10.516  41.343  -5.614  1.00 32.99  ? 7   U   G C4    1 
ATOM   1368 O O4    . U   G 1 7  ? 9.785   41.296  -4.622  1.00 35.10  ? 7   U   G O4    1 
ATOM   1369 C C5    . U   G 1 7  ? 11.910  41.652  -5.595  1.00 28.77  ? 7   U   G C5    1 
ATOM   1370 C C6    . U   G 1 7  ? 12.605  41.666  -6.732  1.00 32.44  ? 7   U   G C6    1 
ATOM   1371 P P     . C   G 1 8  ? 13.440  46.128  -9.953  1.00 38.41  ? 8   C   G P     1 
ATOM   1372 O OP1   . C   G 1 8  ? 14.164  47.121  -10.787 1.00 41.78  ? 8   C   G OP1   1 
ATOM   1373 O OP2   . C   G 1 8  ? 13.393  46.285  -8.477  1.00 35.89  ? 8   C   G OP2   1 
ATOM   1374 O "O5'" . C   G 1 8  ? 11.939  46.039  -10.476 1.00 37.62  ? 8   C   G "O5'" 1 
ATOM   1375 C "C5'" . C   G 1 8  ? 11.667  45.699  -11.824 1.00 40.67  ? 8   C   G "C5'" 1 
ATOM   1376 C "C4'" . C   G 1 8  ? 10.233  45.278  -12.008 1.00 40.25  ? 8   C   G "C4'" 1 
ATOM   1377 O "O4'" . C   G 1 8  ? 9.949   44.114  -11.188 1.00 34.90  ? 8   C   G "O4'" 1 
ATOM   1378 C "C3'" . C   G 1 8  ? 9.175   46.289  -11.590 1.00 31.01  ? 8   C   G "C3'" 1 
ATOM   1379 O "O3'" . C   G 1 8  ? 8.965   47.298  -12.565 1.00 31.84  ? 8   C   G "O3'" 1 
ATOM   1380 C "C2'" . C   G 1 8  ? 7.960   45.402  -11.358 1.00 33.46  ? 8   C   G "C2'" 1 
ATOM   1381 O "O2'" . C   G 1 8  ? 7.390   45.024  -12.605 1.00 33.19  ? 8   C   G "O2'" 1 
ATOM   1382 C "C1'" . C   G 1 8  ? 8.607   44.160  -10.741 1.00 32.78  ? 8   C   G "C1'" 1 
ATOM   1383 N N1    . C   G 1 8  ? 8.593   44.173  -9.255  1.00 33.24  ? 8   C   G N1    1 
ATOM   1384 C C2    . C   G 1 8  ? 7.420   43.811  -8.593  1.00 31.45  ? 8   C   G C2    1 
ATOM   1385 O O2    . C   G 1 8  ? 6.423   43.521  -9.272  1.00 32.13  ? 8   C   G O2    1 
ATOM   1386 N N3    . C   G 1 8  ? 7.393   43.809  -7.240  1.00 28.21  ? 8   C   G N3    1 
ATOM   1387 C C4    . C   G 1 8  ? 8.484   44.127  -6.541  1.00 29.25  ? 8   C   G C4    1 
ATOM   1388 N N4    . C   G 1 8  ? 8.414   44.103  -5.210  1.00 28.38  ? 8   C   G N4    1 
ATOM   1389 C C5    . C   G 1 8  ? 9.700   44.490  -7.186  1.00 34.04  ? 8   C   G C5    1 
ATOM   1390 C C6    . C   G 1 8  ? 9.706   44.493  -8.529  1.00 33.80  ? 8   C   G C6    1 
ATOM   1391 P P     . U   G 1 9  ? 8.446   48.771  -12.156 1.00 36.97  ? 9   U   G P     1 
ATOM   1392 O OP1   . U   G 1 9  ? 8.435   49.568  -13.412 1.00 35.13  ? 9   U   G OP1   1 
ATOM   1393 O OP2   . U   G 1 9  ? 9.204   49.301  -10.995 1.00 33.04  ? 9   U   G OP2   1 
ATOM   1394 O "O5'" . U   G 1 9  ? 6.941   48.528  -11.693 1.00 32.36  ? 9   U   G "O5'" 1 
ATOM   1395 C "C5'" . U   G 1 9  ? 5.984   47.995  -12.595 1.00 29.17  ? 9   U   G "C5'" 1 
ATOM   1396 C "C4'" . U   G 1 9  ? 4.688   47.637  -11.902 1.00 36.18  ? 9   U   G "C4'" 1 
ATOM   1397 O "O4'" . U   G 1 9  ? 4.892   46.540  -10.974 1.00 31.50  ? 9   U   G "O4'" 1 
ATOM   1398 C "C3'" . U   G 1 9  ? 4.043   48.721  -11.050 1.00 28.89  ? 9   U   G "C3'" 1 
ATOM   1399 O "O3'" . U   G 1 9  ? 3.333   49.668  -11.825 1.00 38.14  ? 9   U   G "O3'" 1 
ATOM   1400 C "C2'" . U   G 1 9  ? 3.142   47.911  -10.135 1.00 29.61  ? 9   U   G "C2'" 1 
ATOM   1401 O "O2'" . U   G 1 9  ? 1.981   47.494  -10.847 1.00 21.66  ? 9   U   G "O2'" 1 
ATOM   1402 C "C1'" . U   G 1 9  ? 4.011   46.677  -9.875  1.00 29.88  ? 9   U   G "C1'" 1 
ATOM   1403 N N1    . U   G 1 9  ? 4.816   46.781  -8.632  1.00 26.36  ? 9   U   G N1    1 
ATOM   1404 C C2    . U   G 1 9  ? 4.186   46.482  -7.438  1.00 26.93  ? 9   U   G C2    1 
ATOM   1405 O O2    . U   G 1 9  ? 3.001   46.182  -7.380  1.00 24.54  ? 9   U   G O2    1 
ATOM   1406 N N3    . U   G 1 9  ? 4.994   46.561  -6.325  1.00 27.59  ? 9   U   G N3    1 
ATOM   1407 C C4    . U   G 1 9  ? 6.338   46.900  -6.294  1.00 27.23  ? 9   U   G C4    1 
ATOM   1408 O O4    . U   G 1 9  ? 6.923   46.930  -5.217  1.00 24.50  ? 9   U   G O4    1 
ATOM   1409 C C5    . U   G 1 9  ? 6.919   47.191  -7.570  1.00 25.20  ? 9   U   G C5    1 
ATOM   1410 C C6    . U   G 1 9  ? 6.152   47.117  -8.667  1.00 29.28  ? 9   U   G C6    1 
ATOM   1411 P P     . U   G 1 10 ? 3.095   51.163  -11.290 1.00 33.28  ? 10  U   G P     1 
ATOM   1412 O OP1   . U   G 1 10 ? 2.348   51.859  -12.376 1.00 32.17  ? 10  U   G OP1   1 
ATOM   1413 O OP2   . U   G 1 10 ? 4.383   51.725  -10.798 1.00 30.76  ? 10  U   G OP2   1 
ATOM   1414 O "O5'" . U   G 1 10 ? 2.123   50.998  -10.039 1.00 32.47  ? 10  U   G "O5'" 1 
ATOM   1415 C "C5'" . U   G 1 10 ? 0.757   50.650  -10.209 1.00 32.93  ? 10  U   G "C5'" 1 
ATOM   1416 C "C4'" . U   G 1 10 ? 0.086   50.391  -8.882  1.00 32.08  ? 10  U   G "C4'" 1 
ATOM   1417 O "O4'" . U   G 1 10 ? 0.772   49.321  -8.184  1.00 30.80  ? 10  U   G "O4'" 1 
ATOM   1418 C "C3'" . U   G 1 10 ? 0.106   51.542  -7.888  1.00 29.65  ? 10  U   G "C3'" 1 
ATOM   1419 O "O3'" . U   G 1 10 ? -0.876  52.530  -8.158  1.00 30.57  ? 10  U   G "O3'" 1 
ATOM   1420 C "C2'" . U   G 1 10 ? -0.079  50.825  -6.553  1.00 25.16  ? 10  U   G "C2'" 1 
ATOM   1421 O "O2'" . U   G 1 10 ? -1.441  50.464  -6.356  1.00 29.75  ? 10  U   G "O2'" 1 
ATOM   1422 C "C1'" . U   G 1 10 ? 0.719   49.542  -6.786  1.00 28.54  ? 10  U   G "C1'" 1 
ATOM   1423 N N1    . U   G 1 10 ? 2.102   49.616  -6.243  1.00 24.80  ? 10  U   G N1    1 
ATOM   1424 C C2    . U   G 1 10 ? 2.290   49.176  -4.941  1.00 22.39  ? 10  U   G C2    1 
ATOM   1425 O O2    . U   G 1 10 ? 1.379   48.760  -4.234  1.00 26.53  ? 10  U   G O2    1 
ATOM   1426 N N3    . U   G 1 10 ? 3.587   49.260  -4.486  1.00 21.34  ? 10  U   G N3    1 
ATOM   1427 C C4    . U   G 1 10 ? 4.690   49.718  -5.187  1.00 23.66  ? 10  U   G C4    1 
ATOM   1428 O O4    . U   G 1 10 ? 5.793   49.730  -4.642  1.00 22.42  ? 10  U   G O4    1 
ATOM   1429 C C5    . U   G 1 10 ? 4.417   50.146  -6.525  1.00 23.40  ? 10  U   G C5    1 
ATOM   1430 C C6    . U   G 1 10 ? 3.161   50.085  -6.983  1.00 22.35  ? 10  U   G C6    1 
ATOM   1431 O "O5'" . A   H 2 1  ? 6.000   46.512  5.175   1.00 33.42  ? 1   A   H "O5'" 1 
ATOM   1432 C "C5'" . A   H 2 1  ? 4.866   46.506  6.028   1.00 26.83  ? 1   A   H "C5'" 1 
ATOM   1433 C "C4'" . A   H 2 1  ? 3.617   46.917  5.288   1.00 28.22  ? 1   A   H "C4'" 1 
ATOM   1434 O "O4'" . A   H 2 1  ? 3.860   48.168  4.589   1.00 28.39  ? 1   A   H "O4'" 1 
ATOM   1435 C "C3'" . A   H 2 1  ? 3.133   45.970  4.197   1.00 27.62  ? 1   A   H "C3'" 1 
ATOM   1436 O "O3'" . A   H 2 1  ? 2.366   44.893  4.705   1.00 34.65  ? 1   A   H "O3'" 1 
ATOM   1437 C "C2'" . A   H 2 1  ? 2.337   46.891  3.284   1.00 27.85  ? 1   A   H "C2'" 1 
ATOM   1438 O "O2'" . A   H 2 1  ? 1.053   47.167  3.834   1.00 28.05  ? 1   A   H "O2'" 1 
ATOM   1439 C "C1'" . A   H 2 1  ? 3.175   48.165  3.353   1.00 24.49  ? 1   A   H "C1'" 1 
ATOM   1440 N N9    . A   H 2 1  ? 4.166   48.261  2.262   1.00 23.95  ? 1   A   H N9    1 
ATOM   1441 C C8    . A   H 2 1  ? 5.539   48.215  2.350   1.00 23.63  ? 1   A   H C8    1 
ATOM   1442 N N7    . A   H 2 1  ? 6.144   48.363  1.185   1.00 22.67  ? 1   A   H N7    1 
ATOM   1443 C C5    . A   H 2 1  ? 5.092   48.514  0.275   1.00 19.26  ? 1   A   H C5    1 
ATOM   1444 C C6    . A   H 2 1  ? 5.062   48.705  -1.119  1.00 17.63  ? 1   A   H C6    1 
ATOM   1445 N N6    . A   H 2 1  ? 6.164   48.790  -1.880  1.00 18.70  ? 1   A   H N6    1 
ATOM   1446 N N1    . A   H 2 1  ? 3.859   48.813  -1.716  1.00 18.45  ? 1   A   H N1    1 
ATOM   1447 C C2    . A   H 2 1  ? 2.760   48.741  -0.953  1.00 21.37  ? 1   A   H C2    1 
ATOM   1448 N N3    . A   H 2 1  ? 2.660   48.554  0.368   1.00 18.78  ? 1   A   H N3    1 
ATOM   1449 C C4    . A   H 2 1  ? 3.876   48.457  0.928   1.00 18.55  ? 1   A   H C4    1 
ATOM   1450 P P     . A   H 2 2  ? 2.563   43.402  4.134   1.00 38.97  ? 2   A   H P     1 
ATOM   1451 O OP1   . A   H 2 2  ? 1.993   42.493  5.159   1.00 44.66  ? 2   A   H OP1   1 
ATOM   1452 O OP2   . A   H 2 2  ? 3.973   43.200  3.708   1.00 27.89  ? 2   A   H OP2   1 
ATOM   1453 O "O5'" . A   H 2 2  ? 1.598   43.352  2.869   1.00 31.13  ? 2   A   H "O5'" 1 
ATOM   1454 C "C5'" . A   H 2 2  ? 0.219   43.678  2.991   1.00 24.60  ? 2   A   H "C5'" 1 
ATOM   1455 C "C4'" . A   H 2 2  ? -0.394  43.988  1.651   1.00 34.79  ? 2   A   H "C4'" 1 
ATOM   1456 O "O4'" . A   H 2 2  ? 0.166   45.219  1.118   1.00 32.28  ? 2   A   H "O4'" 1 
ATOM   1457 C "C3'" . A   H 2 2  ? -0.126  42.965  0.558   1.00 34.97  ? 2   A   H "C3'" 1 
ATOM   1458 O "O3'" . A   H 2 2  ? -0.966  41.828  0.639   1.00 37.08  ? 2   A   H "O3'" 1 
ATOM   1459 C "C2'" . A   H 2 2  ? -0.310  43.786  -0.708  1.00 31.64  ? 2   A   H "C2'" 1 
ATOM   1460 O "O2'" . A   H 2 2  ? -1.688  44.015  -0.955  1.00 34.10  ? 2   A   H "O2'" 1 
ATOM   1461 C "C1'" . A   H 2 2  ? 0.311   45.113  -0.284  1.00 28.98  ? 2   A   H "C1'" 1 
ATOM   1462 N N9    . A   H 2 2  ? 1.749   45.193  -0.617  1.00 22.26  ? 2   A   H N9    1 
ATOM   1463 C C8    . A   H 2 2  ? 2.829   45.029  0.213   1.00 23.45  ? 2   A   H C8    1 
ATOM   1464 N N7    . A   H 2 2  ? 3.986   45.172  -0.381  1.00 24.52  ? 2   A   H N7    1 
ATOM   1465 C C5    . A   H 2 2  ? 3.648   45.462  -1.696  1.00 23.72  ? 2   A   H C5    1 
ATOM   1466 C C6    . A   H 2 2  ? 4.424   45.730  -2.833  1.00 21.09  ? 2   A   H C6    1 
ATOM   1467 N N6    . A   H 2 2  ? 5.759   45.759  -2.836  1.00 23.39  ? 2   A   H N6    1 
ATOM   1468 N N1    . A   H 2 2  ? 3.772   45.964  -3.997  1.00 23.92  ? 2   A   H N1    1 
ATOM   1469 C C2    . A   H 2 2  ? 2.433   45.946  -3.995  1.00 28.67  ? 2   A   H C2    1 
ATOM   1470 N N3    . A   H 2 2  ? 1.594   45.716  -2.984  1.00 25.52  ? 2   A   H N3    1 
ATOM   1471 C C4    . A   H 2 2  ? 2.275   45.477  -1.854  1.00 23.05  ? 2   A   H C4    1 
ATOM   1472 P P     . G   H 2 3  ? -0.389  40.375  0.260   1.00 37.71  ? 3   G   H P     1 
ATOM   1473 O OP1   . G   H 2 3  ? -1.332  39.353  0.794   1.00 43.08  ? 3   G   H OP1   1 
ATOM   1474 O OP2   . G   H 2 3  ? 1.038   40.294  0.630   1.00 30.82  ? 3   G   H OP2   1 
ATOM   1475 O "O5'" . G   H 2 3  ? -0.484  40.358  -1.323  1.00 39.82  ? 3   G   H "O5'" 1 
ATOM   1476 C "C5'" . G   H 2 3  ? -1.703  40.661  -1.972  1.00 38.72  ? 3   G   H "C5'" 1 
ATOM   1477 C "C4'" . G   H 2 3  ? -1.481  40.942  -3.431  1.00 37.70  ? 3   G   H "C4'" 1 
ATOM   1478 O "O4'" . G   H 2 3  ? -0.735  42.175  -3.583  1.00 31.86  ? 3   G   H "O4'" 1 
ATOM   1479 C "C3'" . G   H 2 3  ? -0.643  39.921  -4.180  1.00 37.94  ? 3   G   H "C3'" 1 
ATOM   1480 O "O3'" . G   H 2 3  ? -1.361  38.751  -4.534  1.00 40.32  ? 3   G   H "O3'" 1 
ATOM   1481 C "C2'" . G   H 2 3  ? -0.138  40.727  -5.367  1.00 36.27  ? 3   G   H "C2'" 1 
ATOM   1482 O "O2'" . G   H 2 3  ? -1.167  40.905  -6.333  1.00 37.65  ? 3   G   H "O2'" 1 
ATOM   1483 C "C1'" . G   H 2 3  ? 0.127   42.076  -4.702  1.00 37.66  ? 3   G   H "C1'" 1 
ATOM   1484 N N9    . G   H 2 3  ? 1.519   42.200  -4.231  1.00 28.71  ? 3   G   H N9    1 
ATOM   1485 C C8    . G   H 2 3  ? 1.973   42.005  -2.948  1.00 29.31  ? 3   G   H C8    1 
ATOM   1486 N N7    . G   H 2 3  ? 3.257   42.202  -2.826  1.00 29.14  ? 3   G   H N7    1 
ATOM   1487 C C5    . G   H 2 3  ? 3.678   42.549  -4.105  1.00 27.69  ? 3   G   H C5    1 
ATOM   1488 C C6    . G   H 2 3  ? 4.973   42.871  -4.590  1.00 30.09  ? 3   G   H C6    1 
ATOM   1489 O O6    . G   H 2 3  ? 6.038   42.929  -3.961  1.00 30.17  ? 3   G   H O6    1 
ATOM   1490 N N1    . G   H 2 3  ? 4.955   43.161  -5.951  1.00 23.88  ? 3   G   H N1    1 
ATOM   1491 C C2    . G   H 2 3  ? 3.835   43.136  -6.742  1.00 31.31  ? 3   G   H C2    1 
ATOM   1492 N N2    . G   H 2 3  ? 4.017   43.441  -8.038  1.00 31.40  ? 3   G   H N2    1 
ATOM   1493 N N3    . G   H 2 3  ? 2.622   42.839  -6.300  1.00 34.14  ? 3   G   H N3    1 
ATOM   1494 C C4    . G   H 2 3  ? 2.617   42.555  -4.983  1.00 31.62  ? 3   G   H C4    1 
ATOM   1495 P P     . A   H 2 4  ? -0.585  37.351  -4.680  1.00 42.07  ? 4   A   H P     1 
ATOM   1496 O OP1   . A   H 2 4  ? -1.612  36.285  -4.831  1.00 44.99  ? 4   A   H OP1   1 
ATOM   1497 O OP2   . A   H 2 4  ? 0.405   37.243  -3.582  1.00 44.27  ? 4   A   H OP2   1 
ATOM   1498 O "O5'" . A   H 2 4  ? 0.219   37.509  -6.047  1.00 39.97  ? 4   A   H "O5'" 1 
ATOM   1499 C "C5'" . A   H 2 4  ? -0.457  37.745  -7.276  1.00 38.08  ? 4   A   H "C5'" 1 
ATOM   1500 C "C4'" . A   H 2 4  ? 0.502   38.096  -8.385  1.00 42.28  ? 4   A   H "C4'" 1 
ATOM   1501 O "O4'" . A   H 2 4  ? 1.151   39.362  -8.091  1.00 40.95  ? 4   A   H "O4'" 1 
ATOM   1502 C "C3'" . A   H 2 4  ? 1.658   37.132  -8.604  1.00 44.88  ? 4   A   H "C3'" 1 
ATOM   1503 O "O3'" . A   H 2 4  ? 1.302   35.993  -9.366  1.00 46.67  ? 4   A   H "O3'" 1 
ATOM   1504 C "C2'" . A   H 2 4  ? 2.695   38.014  -9.280  1.00 38.91  ? 4   A   H "C2'" 1 
ATOM   1505 O "O2'" . A   H 2 4  ? 2.355   38.217  -10.646 1.00 37.06  ? 4   A   H "O2'" 1 
ATOM   1506 C "C1'" . A   H 2 4  ? 2.495   39.327  -8.526  1.00 36.65  ? 4   A   H "C1'" 1 
ATOM   1507 N N9    . A   H 2 4  ? 3.358   39.402  -7.331  1.00 30.18  ? 4   A   H N9    1 
ATOM   1508 C C8    . A   H 2 4  ? 2.994   39.088  -6.042  1.00 36.74  ? 4   A   H C8    1 
ATOM   1509 N N7    . A   H 2 4  ? 3.955   39.234  -5.161  1.00 38.19  ? 4   A   H N7    1 
ATOM   1510 C C5    . A   H 2 4  ? 5.029   39.668  -5.923  1.00 31.36  ? 4   A   H C5    1 
ATOM   1511 C C6    . A   H 2 4  ? 6.348   40.001  -5.565  1.00 31.51  ? 4   A   H C6    1 
ATOM   1512 N N6    . A   H 2 4  ? 6.815   39.942  -4.311  1.00 35.01  ? 4   A   H N6    1 
ATOM   1513 N N1    . A   H 2 4  ? 7.172   40.394  -6.556  1.00 32.97  ? 4   A   H N1    1 
ATOM   1514 C C2    . A   H 2 4  ? 6.702   40.450  -7.813  1.00 31.09  ? 4   A   H C2    1 
ATOM   1515 N N3    . A   H 2 4  ? 5.482   40.170  -8.275  1.00 31.29  ? 4   A   H N3    1 
ATOM   1516 C C4    . A   H 2 4  ? 4.681   39.776  -7.262  1.00 30.23  ? 4   A   H C4    1 
ATOM   1517 P P     . C   H 2 5  ? 2.026   34.585  -9.085  1.00 45.99  ? 5   C   H P     1 
ATOM   1518 O OP1   . C   H 2 5  ? 1.312   33.571  -9.900  1.00 44.38  ? 5   C   H OP1   1 
ATOM   1519 O OP2   . C   H 2 5  ? 2.186   34.407  -7.620  1.00 42.28  ? 5   C   H OP2   1 
ATOM   1520 O "O5'" . C   H 2 5  ? 3.474   34.769  -9.718  1.00 36.70  ? 5   C   H "O5'" 1 
ATOM   1521 C "C5'" . C   H 2 5  ? 3.618   35.046  -11.102 1.00 44.79  ? 5   C   H "C5'" 1 
ATOM   1522 C "C4'" . C   H 2 5  ? 5.025   35.459  -11.442 1.00 38.00  ? 5   C   H "C4'" 1 
ATOM   1523 O "O4'" . C   H 2 5  ? 5.365   36.679  -10.730 1.00 41.98  ? 5   C   H "O4'" 1 
ATOM   1524 C "C3'" . C   H 2 5  ? 6.117   34.487  -11.030 1.00 41.88  ? 5   C   H "C3'" 1 
ATOM   1525 O "O3'" . C   H 2 5  ? 6.255   33.396  -11.920 1.00 40.75  ? 5   C   H "O3'" 1 
ATOM   1526 C "C2'" . C   H 2 5  ? 7.340   35.385  -10.964 1.00 35.89  ? 5   C   H "C2'" 1 
ATOM   1527 O "O2'" . C   H 2 5  ? 7.807   35.673  -12.269 1.00 38.15  ? 5   C   H "O2'" 1 
ATOM   1528 C "C1'" . C   H 2 5  ? 6.736   36.663  -10.382 1.00 37.07  ? 5   C   H "C1'" 1 
ATOM   1529 N N1    . C   H 2 5  ? 6.865   36.709  -8.907  1.00 32.37  ? 5   C   H N1    1 
ATOM   1530 C C2    . C   H 2 5  ? 8.097   37.094  -8.386  1.00 31.22  ? 5   C   H C2    1 
ATOM   1531 O O2    . C   H 2 5  ? 9.005   37.377  -9.180  1.00 30.01  ? 5   C   H O2    1 
ATOM   1532 N N3    . C   H 2 5  ? 8.268   37.145  -7.041  1.00 32.53  ? 5   C   H N3    1 
ATOM   1533 C C4    . C   H 2 5  ? 7.262   36.832  -6.223  1.00 32.83  ? 5   C   H C4    1 
ATOM   1534 N N4    . C   H 2 5  ? 7.484   36.893  -4.907  1.00 33.09  ? 5   C   H N4    1 
ATOM   1535 C C5    . C   H 2 5  ? 5.989   36.427  -6.725  1.00 28.46  ? 5   C   H C5    1 
ATOM   1536 C C6    . C   H 2 5  ? 5.836   36.383  -8.061  1.00 34.69  ? 5   C   H C6    1 
ATOM   1537 P P     . U   H 2 6  ? 6.517   31.919  -11.347 1.00 45.57  ? 6   U   H P     1 
ATOM   1538 O OP1   . U   H 2 6  ? 6.506   30.982  -12.501 1.00 45.54  ? 6   U   H OP1   1 
ATOM   1539 O OP2   . U   H 2 6  ? 5.645   31.672  -10.172 1.00 47.45  ? 6   U   H OP2   1 
ATOM   1540 O "O5'" . U   H 2 6  ? 8.014   31.979  -10.809 1.00 41.72  ? 6   U   H "O5'" 1 
ATOM   1541 C "C5'" . U   H 2 6  ? 9.100   32.142  -11.705 1.00 38.46  ? 6   U   H "C5'" 1 
ATOM   1542 C "C4'" . U   H 2 6  ? 10.346  32.579  -10.979 1.00 40.68  ? 6   U   H "C4'" 1 
ATOM   1543 O "O4'" . U   H 2 6  ? 10.094  33.827  -10.274 1.00 35.34  ? 6   U   H "O4'" 1 
ATOM   1544 C "C3'" . U   H 2 6  ? 10.855  31.651  -9.886  1.00 36.21  ? 6   U   H "C3'" 1 
ATOM   1545 O "O3'" . U   H 2 6  ? 11.564  30.525  -10.373 1.00 38.38  ? 6   U   H "O3'" 1 
ATOM   1546 C "C2'" . U   H 2 6  ? 11.706  32.593  -9.048  1.00 37.67  ? 6   U   H "C2'" 1 
ATOM   1547 O "O2'" . U   H 2 6  ? 12.933  32.866  -9.706  1.00 35.09  ? 6   U   H "O2'" 1 
ATOM   1548 C "C1'" . U   H 2 6  ? 10.848  33.859  -9.078  1.00 33.62  ? 6   U   H "C1'" 1 
ATOM   1549 N N1    . U   H 2 6  ? 9.929   33.880  -7.920  1.00 29.96  ? 6   U   H N1    1 
ATOM   1550 C C2    . U   H 2 6  ? 10.488  34.309  -6.736  1.00 33.29  ? 6   U   H C2    1 
ATOM   1551 O O2    . U   H 2 6  ? 11.648  34.684  -6.647  1.00 34.65  ? 6   U   H O2    1 
ATOM   1552 N N3    . U   H 2 6  ? 9.635   34.291  -5.664  1.00 30.46  ? 6   U   H N3    1 
ATOM   1553 C C4    . U   H 2 6  ? 8.314   33.887  -5.647  1.00 33.34  ? 6   U   H C4    1 
ATOM   1554 O O4    . U   H 2 6  ? 7.689   33.934  -4.584  1.00 31.61  ? 6   U   H O4    1 
ATOM   1555 C C5    . U   H 2 6  ? 7.807   33.444  -6.911  1.00 31.29  ? 6   U   H C5    1 
ATOM   1556 C C6    . U   H 2 6  ? 8.621   33.448  -7.976  1.00 34.47  ? 6   U   H C6    1 
ATOM   1557 P P     . G   H 2 7  ? 11.815  29.255  -9.415  1.00 44.64  ? 7   G   H P     1 
ATOM   1558 O OP1   . G   H 2 7  ? 12.264  28.120  -10.267 1.00 35.64  ? 7   G   H OP1   1 
ATOM   1559 O OP2   . G   H 2 7  ? 10.619  29.099  -8.540  1.00 32.76  ? 7   G   H OP2   1 
ATOM   1560 O "O5'" . G   H 2 7  ? 13.046  29.688  -8.490  1.00 35.15  ? 7   G   H "O5'" 1 
ATOM   1561 C "C5'" . G   H 2 7  ? 14.365  29.768  -9.009  1.00 37.02  ? 7   G   H "C5'" 1 
ATOM   1562 C "C4'" . G   H 2 7  ? 15.383  29.992  -7.916  1.00 38.95  ? 7   G   H "C4'" 1 
ATOM   1563 O "O4'" . G   H 2 7  ? 15.141  31.265  -7.264  1.00 36.98  ? 7   G   H "O4'" 1 
ATOM   1564 C "C3'" . G   H 2 7  ? 15.373  28.994  -6.770  1.00 41.10  ? 7   G   H "C3'" 1 
ATOM   1565 O "O3'" . G   H 2 7  ? 16.020  27.773  -7.084  1.00 38.93  ? 7   G   H "O3'" 1 
ATOM   1566 C "C2'" . G   H 2 7  ? 16.050  29.773  -5.650  1.00 35.61  ? 7   G   H "C2'" 1 
ATOM   1567 O "O2'" . G   H 2 7  ? 17.462  29.778  -5.824  1.00 34.55  ? 7   G   H "O2'" 1 
ATOM   1568 C "C1'" . G   H 2 7  ? 15.518  31.186  -5.904  1.00 34.33  ? 7   G   H "C1'" 1 
ATOM   1569 N N9    . G   H 2 7  ? 14.349  31.514  -5.054  1.00 30.63  ? 7   G   H N9    1 
ATOM   1570 C C8    . G   H 2 7  ? 13.026  31.585  -5.414  1.00 32.48  ? 7   G   H C8    1 
ATOM   1571 N N7    . G   H 2 7  ? 12.242  31.914  -4.421  1.00 26.79  ? 7   G   H N7    1 
ATOM   1572 C C5    . G   H 2 7  ? 13.096  32.080  -3.344  1.00 29.07  ? 7   G   H C5    1 
ATOM   1573 C C6    . G   H 2 7  ? 12.829  32.435  -1.997  1.00 28.37  ? 7   G   H C6    1 
ATOM   1574 O O6    . G   H 2 7  ? 11.742  32.687  -1.462  1.00 28.87  ? 7   G   H O6    1 
ATOM   1575 N N1    . G   H 2 7  ? 13.991  32.477  -1.244  1.00 30.77  ? 7   G   H N1    1 
ATOM   1576 C C2    . G   H 2 7  ? 15.253  32.215  -1.718  1.00 29.36  ? 7   G   H C2    1 
ATOM   1577 N N2    . G   H 2 7  ? 16.264  32.305  -0.840  1.00 25.51  ? 7   G   H N2    1 
ATOM   1578 N N3    . G   H 2 7  ? 15.509  31.889  -2.966  1.00 29.79  ? 7   G   H N3    1 
ATOM   1579 C C4    . G   H 2 7  ? 14.395  31.836  -3.719  1.00 30.23  ? 7   G   H C4    1 
ATOM   1580 P P     . C   H 2 8  ? 15.502  26.401  -6.433  1.00 39.33  ? 8   C   H P     1 
ATOM   1581 O OP1   . C   H 2 8  ? 16.431  25.350  -6.924  1.00 39.20  ? 8   C   H OP1   1 
ATOM   1582 O OP2   . C   H 2 8  ? 14.035  26.245  -6.598  1.00 32.71  ? 8   C   H OP2   1 
ATOM   1583 O "O5'" . C   H 2 8  ? 15.735  26.589  -4.873  1.00 34.03  ? 8   C   H "O5'" 1 
ATOM   1584 C "C5'" . C   H 2 8  ? 17.048  26.662  -4.339  1.00 35.21  ? 8   C   H "C5'" 1 
ATOM   1585 C "C4'" . C   H 2 8  ? 17.031  26.998  -2.871  1.00 34.51  ? 8   C   H "C4'" 1 
ATOM   1586 O "O4'" . C   H 2 8  ? 16.463  28.318  -2.662  1.00 34.67  ? 8   C   H "O4'" 1 
ATOM   1587 C "C3'" . C   H 2 8  ? 16.184  26.099  -1.988  1.00 40.08  ? 8   C   H "C3'" 1 
ATOM   1588 O "O3'" . C   H 2 8  ? 16.808  24.866  -1.684  1.00 38.82  ? 8   C   H "O3'" 1 
ATOM   1589 C "C2'" . C   H 2 8  ? 15.939  26.974  -0.768  1.00 31.45  ? 8   C   H "C2'" 1 
ATOM   1590 O "O2'" . C   H 2 8  ? 17.082  26.978  0.075   1.00 33.85  ? 8   C   H "O2'" 1 
ATOM   1591 C "C1'" . C   H 2 8  ? 15.804  28.358  -1.411  1.00 32.80  ? 8   C   H "C1'" 1 
ATOM   1592 N N1    . C   H 2 8  ? 14.391  28.729  -1.619  1.00 31.88  ? 8   C   H N1    1 
ATOM   1593 C C2    . C   H 2 8  ? 13.709  29.266  -0.527  1.00 27.81  ? 8   C   H C2    1 
ATOM   1594 O O2    . C   H 2 8  ? 14.315  29.403  0.547   1.00 36.00  ? 8   C   H O2    1 
ATOM   1595 N N3    . C   H 2 8  ? 12.418  29.612  -0.659  1.00 30.10  ? 8   C   H N3    1 
ATOM   1596 C C4    . C   H 2 8  ? 11.805  29.451  -1.834  1.00 31.20  ? 8   C   H C4    1 
ATOM   1597 N N4    . C   H 2 8  ? 10.526  29.825  -1.918  1.00 30.31  ? 8   C   H N4    1 
ATOM   1598 C C5    . C   H 2 8  ? 12.478  28.904  -2.971  1.00 34.36  ? 8   C   H C5    1 
ATOM   1599 C C6    . C   H 2 8  ? 13.765  28.550  -2.826  1.00 32.31  ? 8   C   H C6    1 
ATOM   1600 P P     . C   H 2 9  ? 15.902  23.550  -1.536  1.00 39.40  ? 9   C   H P     1 
ATOM   1601 O OP1   . C   H 2 9  ? 16.839  22.406  -1.355  1.00 32.34  ? 9   C   H OP1   1 
ATOM   1602 O OP2   . C   H 2 9  ? 14.905  23.552  -2.638  1.00 33.33  ? 9   C   H OP2   1 
ATOM   1603 O "O5'" . C   H 2 9  ? 15.106  23.772  -0.172  1.00 36.10  ? 9   C   H "O5'" 1 
ATOM   1604 C "C5'" . C   H 2 9  ? 15.749  23.618  1.085   1.00 37.83  ? 9   C   H "C5'" 1 
ATOM   1605 C "C4'" . C   H 2 9  ? 14.891  24.148  2.207   1.00 40.32  ? 9   C   H "C4'" 1 
ATOM   1606 O "O4'" . C   H 2 9  ? 14.478  25.502  1.887   1.00 41.03  ? 9   C   H "O4'" 1 
ATOM   1607 C "C3'" . C   H 2 9  ? 13.576  23.418  2.461   1.00 45.08  ? 9   C   H "C3'" 1 
ATOM   1608 O "O3'" . C   H 2 9  ? 13.715  22.239  3.242   1.00 49.64  ? 9   C   H "O3'" 1 
ATOM   1609 C "C2'" . C   H 2 9  ? 12.726  24.490  3.130   1.00 44.62  ? 9   C   H "C2'" 1 
ATOM   1610 O "O2'" . C   H 2 9  ? 13.091  24.636  4.494   1.00 52.17  ? 9   C   H "O2'" 1 
ATOM   1611 C "C1'" . C   H 2 9  ? 13.175  25.740  2.378   1.00 36.51  ? 9   C   H "C1'" 1 
ATOM   1612 N N1    . C   H 2 9  ? 12.290  26.044  1.235   1.00 32.55  ? 9   C   H N1    1 
ATOM   1613 C C2    . C   H 2 9  ? 11.055  26.671  1.459   1.00 38.63  ? 9   C   H C2    1 
ATOM   1614 O O2    . C   H 2 9  ? 10.716  26.955  2.620   1.00 46.61  ? 9   C   H O2    1 
ATOM   1615 N N3    . C   H 2 9  ? 10.256  26.949  0.400   1.00 28.10  ? 9   C   H N3    1 
ATOM   1616 C C4    . C   H 2 9  ? 10.650  26.623  -0.831  1.00 39.22  ? 9   C   H C4    1 
ATOM   1617 N N4    . C   H 2 9  ? 9.836   26.910  -1.847  1.00 35.92  ? 9   C   H N4    1 
ATOM   1618 C C5    . C   H 2 9  ? 11.904  25.992  -1.086  1.00 35.45  ? 9   C   H C5    1 
ATOM   1619 C C6    . C   H 2 9  ? 12.685  25.724  -0.034  1.00 32.17  ? 9   C   H C6    1 
ATOM   1620 P P     . U   H 2 10 ? 12.584  21.094  3.178   1.00 51.55  ? 10  U   H P     1 
ATOM   1621 O OP1   . U   H 2 10 ? 13.170  19.960  2.425   1.00 58.91  ? 10  U   H OP1   1 
ATOM   1622 O OP2   . U   H 2 10 ? 11.309  21.673  2.696   1.00 49.17  ? 10  U   H OP2   1 
ATOM   1623 O "O5'" . U   H 2 10 ? 12.386  20.649  4.698   1.00 64.42  ? 10  U   H "O5'" 1 
ATOM   1624 C "C5'" . U   H 2 10 ? 12.429  21.595  5.761   1.00 65.93  ? 10  U   H "C5'" 1 
ATOM   1625 C "C4'" . U   H 2 10 ? 11.222  21.485  6.667   1.00 75.02  ? 10  U   H "C4'" 1 
ATOM   1626 O "O4'" . U   H 2 10 ? 10.493  22.742  6.643   1.00 72.18  ? 10  U   H "O4'" 1 
ATOM   1627 C "C3'" . U   H 2 10 ? 10.186  20.433  6.279   1.00 77.06  ? 10  U   H "C3'" 1 
ATOM   1628 O "O3'" . U   H 2 10 ? 10.507  19.135  6.756   1.00 64.58  ? 10  U   H "O3'" 1 
ATOM   1629 C "C2'" . U   H 2 10 ? 8.883   20.998  6.845   1.00 77.43  ? 10  U   H "C2'" 1 
ATOM   1630 O "O2'" . U   H 2 10 ? 8.750   20.701  8.230   1.00 73.19  ? 10  U   H "O2'" 1 
ATOM   1631 C "C1'" . U   H 2 10 ? 9.101   22.508  6.684   1.00 78.42  ? 10  U   H "C1'" 1 
ATOM   1632 N N1    . U   H 2 10 ? 8.502   23.054  5.438   1.00 75.38  ? 10  U   H N1    1 
ATOM   1633 C C2    . U   H 2 10 ? 7.367   23.848  5.544   1.00 71.25  ? 10  U   H C2    1 
ATOM   1634 O O2    . U   H 2 10 ? 6.835   24.113  6.613   1.00 67.30  ? 10  U   H O2    1 
ATOM   1635 N N3    . U   H 2 10 ? 6.882   24.323  4.343   1.00 66.74  ? 10  U   H N3    1 
ATOM   1636 C C4    . U   H 2 10 ? 7.400   24.096  3.078   1.00 62.76  ? 10  U   H C4    1 
ATOM   1637 O O4    . U   H 2 10 ? 6.852   24.591  2.091   1.00 58.83  ? 10  U   H O4    1 
ATOM   1638 C C5    . U   H 2 10 ? 8.569   23.273  3.052   1.00 62.81  ? 10  U   H C5    1 
ATOM   1639 C C6    . U   H 2 10 ? 9.059   22.803  4.202   1.00 65.69  ? 10  U   H C6    1 
HETATM 1640 S S     . SO4 I 3 .  ? -4.113  -4.255  -11.497 0.22 40.16  ? 101 SO4 A S     1 
HETATM 1641 O O1    . SO4 I 3 .  ? -4.538  -4.615  -10.143 0.22 33.14  ? 101 SO4 A O1    1 
HETATM 1642 O O2    . SO4 I 3 .  ? -4.008  -2.801  -11.596 0.22 38.62  ? 101 SO4 A O2    1 
HETATM 1643 O O3    . SO4 I 3 .  ? -2.807  -4.853  -11.781 0.22 33.16  ? 101 SO4 A O3    1 
HETATM 1644 O O4    . SO4 I 3 .  ? -5.098  -4.733  -12.469 0.22 33.15  ? 101 SO4 A O4    1 
HETATM 1645 S S     . SO4 J 3 .  ? -7.206  -15.734 14.435  0.29 52.85  ? 101 SO4 B S     1 
HETATM 1646 O O1    . SO4 J 3 .  ? -8.312  -15.082 15.138  0.29 47.29  ? 101 SO4 B O1    1 
HETATM 1647 O O2    . SO4 J 3 .  ? -7.239  -15.349 13.023  0.29 47.29  ? 101 SO4 B O2    1 
HETATM 1648 O O3    . SO4 J 3 .  ? -5.939  -15.300 15.023  0.29 47.29  ? 101 SO4 B O3    1 
HETATM 1649 O O4    . SO4 J 3 .  ? -7.334  -17.186 14.553  0.29 47.92  ? 101 SO4 B O4    1 
HETATM 1650 S S     . SO4 K 3 .  ? -5.546  -19.389 -10.157 0.31 14.78  ? 102 SO4 B S     1 
HETATM 1651 O O1    . SO4 K 3 .  ? -6.171  -20.412 -9.330  0.31 12.98  ? 102 SO4 B O1    1 
HETATM 1652 O O2    . SO4 K 3 .  ? -5.906  -18.079 -9.612  0.31 12.80  ? 102 SO4 B O2    1 
HETATM 1653 O O3    . SO4 K 3 .  ? -4.093  -19.560 -10.147 0.31 14.54  ? 102 SO4 B O3    1 
HETATM 1654 O O4    . SO4 K 3 .  ? -6.050  -19.515 -11.522 0.31 14.39  ? 102 SO4 B O4    1 
HETATM 1655 S S     . SO4 L 3 .  ? -2.185  18.260  -13.335 0.31 32.42  ? 101 SO4 F S     1 
HETATM 1656 O O1    . SO4 L 3 .  ? -3.340  17.759  -12.598 0.31 34.16  ? 101 SO4 F O1    1 
HETATM 1657 O O2    . SO4 L 3 .  ? -2.183  19.723  -13.295 0.31 37.01  ? 101 SO4 F O2    1 
HETATM 1658 O O3    . SO4 L 3 .  ? -0.957  17.760  -12.723 0.31 34.10  ? 101 SO4 F O3    1 
HETATM 1659 O O4    . SO4 L 3 .  ? -2.258  17.816  -14.724 0.31 34.06  ? 101 SO4 F O4    1 
HETATM 1660 O O     . HOH M 4 .  ? -5.236  -32.942 14.227  1.00 17.07  ? 101 HOH C O     1 
HETATM 1661 O O     . HOH M 4 .  ? -12.931 -43.457 14.415  1.00 17.49  ? 102 HOH C O     1 
HETATM 1662 O O     . HOH M 4 .  ? -8.979  -44.832 5.959   1.00 19.67  ? 103 HOH C O     1 
HETATM 1663 O O     . HOH M 4 .  ? -15.022 -37.026 7.734   1.00 17.73  ? 104 HOH C O     1 
HETATM 1664 O O     . HOH M 4 .  ? -5.652  -39.366 8.418   1.00 19.97  ? 105 HOH C O     1 
HETATM 1665 O O     . HOH M 4 .  ? -14.908 -41.042 13.215  1.00 20.96  ? 106 HOH C O     1 
HETATM 1666 O O     . HOH N 4 .  ? -13.588 -34.705 7.835   1.00 16.16  ? 201 HOH D O     1 
HETATM 1667 O O     . HOH N 4 .  ? -5.332  -30.014 13.821  1.00 17.72  ? 202 HOH D O     1 
HETATM 1668 O O     . HOH N 4 .  ? -8.517  -31.246 4.650   1.00 18.74  ? 203 HOH D O     1 
HETATM 1669 O O     . HOH N 4 .  ? 4.057   -48.323 -2.102  1.00 19.91  ? 204 HOH D O     1 
HETATM 1670 O O     . HOH N 4 .  ? -1.677  -37.926 -5.193  1.00 16.09  ? 205 HOH D O     1 
HETATM 1671 O O     . HOH N 4 .  ? -17.217 -34.353 -1.226  1.00 32.61  ? 206 HOH D O     1 
HETATM 1672 O O     . HOH N 4 .  ? -3.726  -35.513 -6.885  1.00 26.07  ? 207 HOH D O     1 
HETATM 1673 O O     . HOH N 4 .  ? -7.446  -29.927 15.643  1.00 14.82  ? 208 HOH D O     1 
HETATM 1674 O O     . HOH O 4 .  ? -7.728  -5.217  -9.709  1.00 20.68  ? 201 HOH A O     1 
HETATM 1675 O O     . HOH O 4 .  ? -2.107  -16.904 -8.377  1.00 17.54  ? 202 HOH A O     1 
HETATM 1676 O O     . HOH O 4 .  ? 0.582   -8.200  -7.142  1.00 19.12  ? 203 HOH A O     1 
HETATM 1677 O O     . HOH O 4 .  ? -2.875  -18.529 1.593   1.00 22.93  ? 204 HOH A O     1 
HETATM 1678 O O     . HOH O 4 .  ? 5.324   -13.152 -8.180  1.00 18.65  ? 205 HOH A O     1 
HETATM 1679 O O     . HOH P 4 .  ? -11.035 -13.838 -3.402  1.00 16.54  ? 201 HOH B O     1 
HETATM 1680 O O     . HOH P 4 .  ? -2.589  -19.766 -7.944  1.00 16.93  ? 202 HOH B O     1 
HETATM 1681 O O     . HOH P 4 .  ? -15.882 -13.257 5.043   1.00 31.52  ? 203 HOH B O     1 
HETATM 1682 O O     . HOH P 4 .  ? -7.101  -17.902 0.561   1.00 20.10  ? 204 HOH B O     1 
HETATM 1683 O O     . HOH P 4 .  ? 0.788   -7.543  6.967   1.00 19.31  ? 205 HOH B O     1 
HETATM 1684 O O     . HOH P 4 .  ? -10.171 -13.830 12.151  1.00 25.86  ? 206 HOH B O     1 
HETATM 1685 O O     . HOH Q 4 .  ? 3.211   14.633  -0.477  1.00 31.96  ? 201 HOH F O     1 
# 
